data_5NFF
#
_entry.id   5NFF
#
_cell.length_a   127.769
_cell.length_b   127.769
_cell.length_c   251.704
_cell.angle_alpha   90.000
_cell.angle_beta   90.000
_cell.angle_gamma   120.000
#
_symmetry.space_group_name_H-M   'P 32'
#
loop_
_entity.id
_entity.type
_entity.pdbx_description
1 polymer Glycoprotein
2 branched 2-acetamido-2-deoxy-beta-D-glucopyranose-(1-4)-2-acetamido-2-deoxy-beta-D-glucopyranose
3 branched alpha-D-mannopyranose-(1-6)-alpha-D-mannopyranose-(1-4)-2-acetamido-2-deoxy-beta-D-glucopyranose-(1-4)-2-acetamido-2-deoxy-beta-D-glucopyranose
4 branched alpha-D-mannopyranose-(1-2)-alpha-D-mannopyranose-(1-3)-alpha-D-mannopyranose-(1-4)-2-acetamido-2-deoxy-beta-D-glucopyranose-(1-4)-2-acetamido-2-deoxy-beta-D-glucopyranose
5 non-polymer 2-acetamido-2-deoxy-beta-D-glucopyranose
6 non-polymer 'CITRIC ACID'
#
_entity_poly.entity_id   1
_entity_poly.type   'polypeptide(L)'
_entity_poly.pdbx_seq_one_letter_code
;SHHHHHHGGMSGLNATMPLSCSKNNSHHYIQVRNDTGLELTLTNTSLLDHKFCNLSDAHKRNLYDKALMSIVTTFHLNIP
NFNQYEVMSCDFNGGKITVQYNLSHSSYVDAANHCGTIANGIMDTFRRMYWSNALSPSEYISGTTCIQTAYQYLIIQNTT
WEDHCVFSRPS
;
_entity_poly.pdbx_strand_id   B,A,C,D,E,F,G,H,I,J,K,L,M,N,O,P
#
# COMPACT_ATOMS: atom_id res chain seq x y z
N THR A 16 -40.99 -6.34 51.44
CA THR A 16 -41.10 -5.76 50.10
C THR A 16 -42.43 -6.20 49.49
N MET A 17 -43.19 -5.25 48.96
CA MET A 17 -44.47 -5.59 48.37
C MET A 17 -44.46 -5.16 46.90
N PRO A 18 -45.14 -5.90 46.02
CA PRO A 18 -45.17 -5.53 44.61
C PRO A 18 -45.73 -4.13 44.35
N LEU A 19 -45.47 -3.64 43.15
CA LEU A 19 -45.88 -2.31 42.72
C LEU A 19 -47.29 -2.32 42.16
N SER A 20 -48.00 -1.22 42.37
CA SER A 20 -49.24 -0.99 41.66
C SER A 20 -48.96 -0.22 40.37
N CYS A 21 -48.11 0.79 40.44
CA CYS A 21 -47.68 1.54 39.26
C CYS A 21 -46.63 0.71 38.55
N SER A 22 -47.10 -0.17 37.69
CA SER A 22 -46.24 -1.09 36.96
C SER A 22 -46.59 -1.06 35.49
N LYS A 23 -45.67 -1.58 34.67
CA LYS A 23 -45.92 -1.69 33.24
C LYS A 23 -47.00 -2.73 32.93
N ASN A 24 -47.04 -3.81 33.69
CA ASN A 24 -47.98 -4.89 33.46
C ASN A 24 -49.34 -4.65 34.10
N ASN A 25 -49.58 -3.47 34.69
CA ASN A 25 -50.85 -3.22 35.35
C ASN A 25 -51.50 -1.96 34.81
N SER A 26 -52.79 -1.84 35.12
CA SER A 26 -53.54 -0.61 34.97
C SER A 26 -53.93 -0.11 36.36
N HIS A 27 -53.87 1.21 36.57
CA HIS A 27 -54.13 1.72 37.91
C HIS A 27 -54.72 3.12 37.81
N HIS A 28 -55.52 3.48 38.82
CA HIS A 28 -56.01 4.86 38.95
C HIS A 28 -56.26 5.14 40.42
N TYR A 29 -56.09 6.38 40.81
CA TYR A 29 -56.18 6.74 42.21
C TYR A 29 -57.30 7.76 42.37
N ILE A 30 -58.21 7.47 43.31
CA ILE A 30 -59.30 8.36 43.65
C ILE A 30 -58.94 9.06 44.95
N GLN A 31 -58.82 10.38 44.90
CA GLN A 31 -58.60 11.16 46.11
C GLN A 31 -59.98 11.57 46.64
N VAL A 32 -60.35 11.07 47.81
CA VAL A 32 -61.64 11.41 48.40
C VAL A 32 -61.51 12.60 49.34
N ARG A 33 -60.43 12.65 50.11
CA ARG A 33 -60.16 13.74 51.05
C ARG A 33 -58.73 14.21 50.81
N ASN A 34 -58.35 15.26 51.53
CA ASN A 34 -57.07 15.92 51.26
C ASN A 34 -55.90 14.94 51.30
N ASP A 35 -55.96 13.94 52.17
CA ASP A 35 -54.85 13.04 52.44
C ASP A 35 -55.04 11.64 51.88
N THR A 36 -56.22 11.06 52.04
CA THR A 36 -56.46 9.65 51.82
C THR A 36 -57.32 9.42 50.57
N GLY A 37 -57.18 8.24 50.00
CA GLY A 37 -57.93 7.88 48.82
C GLY A 37 -57.94 6.39 48.59
N LEU A 38 -58.37 6.01 47.39
CA LEU A 38 -58.42 4.63 46.93
C LEU A 38 -57.61 4.46 45.66
N GLU A 39 -56.78 3.43 45.63
CA GLU A 39 -55.97 3.06 44.46
C GLU A 39 -56.61 1.80 43.88
N LEU A 40 -57.22 1.92 42.70
CA LEU A 40 -57.72 0.77 41.96
C LEU A 40 -56.66 0.25 40.99
N THR A 41 -56.40 -1.07 41.02
CA THR A 41 -55.28 -1.65 40.28
C THR A 41 -55.74 -2.91 39.58
N LEU A 42 -55.68 -2.91 38.25
CA LEU A 42 -55.88 -4.14 37.48
C LEU A 42 -54.56 -4.84 37.27
N THR A 43 -54.46 -6.09 37.72
CA THR A 43 -53.17 -6.77 37.76
C THR A 43 -53.42 -8.26 37.69
N ASN A 44 -52.36 -9.01 37.42
CA ASN A 44 -52.38 -10.46 37.61
C ASN A 44 -51.71 -10.92 38.90
N THR A 45 -51.31 -10.04 39.80
CA THR A 45 -50.79 -10.42 41.10
C THR A 45 -51.89 -10.29 42.17
N SER A 46 -52.02 -11.28 43.04
CA SER A 46 -53.01 -11.21 44.10
C SER A 46 -52.34 -10.85 45.42
N LEU A 47 -53.05 -10.09 46.25
CA LEU A 47 -52.51 -9.74 47.56
C LEU A 47 -53.19 -10.47 48.71
N LEU A 48 -54.36 -11.06 48.48
CA LEU A 48 -55.09 -11.76 49.54
C LEU A 48 -55.08 -13.24 49.24
N ASP A 49 -54.50 -14.00 50.18
CA ASP A 49 -54.35 -15.44 50.05
C ASP A 49 -55.67 -16.17 50.28
N HIS A 50 -56.39 -15.80 51.32
CA HIS A 50 -57.61 -16.46 51.72
C HIS A 50 -58.76 -16.13 50.76
N LYS A 51 -59.92 -16.69 51.03
CA LYS A 51 -61.14 -16.33 50.30
C LYS A 51 -62.24 -15.88 51.26
N PHE A 52 -61.87 -15.14 52.31
CA PHE A 52 -62.83 -14.68 53.30
C PHE A 52 -63.09 -13.20 53.09
N CYS A 53 -64.21 -12.76 53.66
CA CYS A 53 -64.51 -11.35 53.78
C CYS A 53 -65.33 -11.22 55.07
N ASN A 54 -64.62 -11.41 56.19
CA ASN A 54 -65.13 -11.41 57.56
C ASN A 54 -65.55 -9.96 57.84
N LEU A 55 -66.84 -9.66 57.74
CA LEU A 55 -67.35 -8.33 58.08
C LEU A 55 -68.41 -8.40 59.18
N SER A 56 -68.24 -9.25 60.19
CA SER A 56 -69.26 -9.30 61.23
C SER A 56 -69.25 -8.07 62.13
N ASP A 57 -68.14 -7.33 62.21
CA ASP A 57 -68.14 -6.09 62.98
C ASP A 57 -68.79 -4.99 62.16
N ALA A 58 -69.62 -4.18 62.84
CA ALA A 58 -70.34 -3.11 62.16
C ALA A 58 -69.39 -2.07 61.58
N HIS A 59 -68.31 -1.77 62.29
CA HIS A 59 -67.38 -0.73 61.86
C HIS A 59 -66.63 -1.13 60.59
N LYS A 60 -66.19 -2.40 60.50
CA LYS A 60 -65.54 -2.88 59.29
C LYS A 60 -66.52 -2.97 58.13
N ARG A 61 -67.75 -3.39 58.40
CA ARG A 61 -68.74 -3.48 57.33
C ARG A 61 -69.05 -2.11 56.78
N ASN A 62 -68.97 -1.09 57.62
CA ASN A 62 -69.25 0.24 57.11
C ASN A 62 -68.07 0.84 56.34
N LEU A 63 -66.82 0.52 56.73
CA LEU A 63 -65.68 1.01 55.95
C LEU A 63 -65.65 0.39 54.57
N TYR A 64 -66.15 -0.83 54.44
CA TYR A 64 -66.26 -1.45 53.14
C TYR A 64 -67.32 -0.74 52.31
N ASP A 65 -68.45 -0.39 52.92
CA ASP A 65 -69.50 0.34 52.22
C ASP A 65 -69.01 1.70 51.76
N LYS A 66 -68.18 2.34 52.58
CA LYS A 66 -67.79 3.70 52.28
C LYS A 66 -66.69 3.76 51.22
N ALA A 67 -65.75 2.82 51.23
CA ALA A 67 -64.79 2.75 50.13
C ALA A 67 -65.51 2.55 48.82
N LEU A 68 -66.51 1.66 48.79
CA LEU A 68 -67.19 1.39 47.53
C LEU A 68 -68.13 2.52 47.15
N MET A 69 -68.71 3.20 48.13
CA MET A 69 -69.56 4.33 47.76
C MET A 69 -68.73 5.43 47.12
N SER A 70 -67.53 5.71 47.65
CA SER A 70 -66.69 6.75 47.08
C SER A 70 -66.27 6.44 45.64
N ILE A 71 -66.13 5.16 45.28
CA ILE A 71 -65.87 4.81 43.89
C ILE A 71 -67.11 5.04 43.03
N VAL A 72 -68.28 4.62 43.52
CA VAL A 72 -69.51 4.76 42.75
C VAL A 72 -69.85 6.22 42.48
N THR A 73 -69.70 7.11 43.48
CA THR A 73 -70.10 8.50 43.24
C THR A 73 -69.12 9.21 42.31
N THR A 74 -67.81 8.99 42.49
CA THR A 74 -66.85 9.69 41.64
C THR A 74 -66.95 9.21 40.20
N PHE A 75 -67.09 7.90 39.99
CA PHE A 75 -67.24 7.41 38.63
C PHE A 75 -68.69 7.48 38.14
N HIS A 76 -69.62 7.98 38.95
CA HIS A 76 -71.04 8.02 38.60
C HIS A 76 -71.53 6.69 38.03
N LEU A 77 -71.26 5.60 38.75
CA LEU A 77 -71.63 4.27 38.26
C LEU A 77 -73.10 3.99 38.48
N ASN A 78 -73.70 3.29 37.52
CA ASN A 78 -75.08 2.82 37.63
C ASN A 78 -75.02 1.32 37.36
N ILE A 79 -74.89 0.53 38.43
CA ILE A 79 -74.67 -0.91 38.28
C ILE A 79 -76.01 -1.60 38.08
N PRO A 80 -76.16 -2.42 37.05
CA PRO A 80 -77.43 -3.15 36.87
C PRO A 80 -77.58 -4.23 37.93
N ASN A 81 -78.83 -4.63 38.15
CA ASN A 81 -79.16 -5.76 39.00
C ASN A 81 -79.48 -6.95 38.13
N PHE A 82 -78.55 -7.90 38.06
CA PHE A 82 -78.69 -9.10 37.25
C PHE A 82 -78.62 -10.38 38.06
N ASN A 83 -78.72 -10.29 39.39
CA ASN A 83 -78.53 -11.43 40.28
C ASN A 83 -77.20 -12.11 39.98
N GLN A 84 -76.15 -11.31 39.90
CA GLN A 84 -74.80 -11.80 39.64
C GLN A 84 -73.88 -11.35 40.75
N TYR A 85 -72.64 -11.85 40.73
CA TYR A 85 -71.76 -11.65 41.88
C TYR A 85 -70.32 -11.92 41.46
N GLU A 86 -69.42 -11.06 41.86
CA GLU A 86 -68.03 -11.22 41.52
C GLU A 86 -67.33 -11.85 42.71
N VAL A 87 -66.57 -12.93 42.48
CA VAL A 87 -65.77 -13.51 43.54
C VAL A 87 -64.92 -12.42 44.18
N MET A 88 -64.88 -12.42 45.50
CA MET A 88 -64.18 -11.36 46.22
C MET A 88 -63.65 -11.86 47.56
N SER A 89 -62.45 -11.40 47.92
CA SER A 89 -61.95 -11.41 49.29
C SER A 89 -61.64 -9.98 49.75
N CYS A 90 -61.74 -9.73 51.06
CA CYS A 90 -61.39 -8.44 51.63
C CYS A 90 -60.54 -8.69 52.87
N ASP A 91 -59.89 -7.64 53.36
CA ASP A 91 -59.10 -7.70 54.58
C ASP A 91 -58.76 -6.29 55.00
N PHE A 92 -58.42 -6.15 56.29
CA PHE A 92 -58.14 -4.85 56.88
C PHE A 92 -56.78 -4.85 57.58
N ASN A 93 -56.16 -3.67 57.57
CA ASN A 93 -54.93 -3.42 58.32
C ASN A 93 -55.16 -2.11 59.05
N GLY A 94 -55.57 -2.19 60.32
CA GLY A 94 -55.76 -0.99 61.12
C GLY A 94 -56.72 0.03 60.52
N GLY A 95 -57.89 -0.45 60.08
CA GLY A 95 -58.87 0.43 59.49
C GLY A 95 -58.63 0.77 58.03
N LYS A 96 -57.64 0.14 57.40
CA LYS A 96 -57.38 0.35 55.99
C LYS A 96 -57.80 -0.90 55.21
N ILE A 97 -58.79 -0.75 54.32
CA ILE A 97 -59.40 -1.86 53.60
C ILE A 97 -58.51 -2.28 52.44
N THR A 98 -58.56 -3.57 52.10
CA THR A 98 -57.97 -4.09 50.87
C THR A 98 -59.02 -5.01 50.26
N VAL A 99 -59.52 -4.69 49.08
CA VAL A 99 -60.56 -5.48 48.44
C VAL A 99 -59.99 -6.06 47.17
N GLN A 100 -60.17 -7.37 46.98
CA GLN A 100 -59.63 -8.05 45.81
C GLN A 100 -60.73 -8.83 45.11
N TYR A 101 -60.97 -8.52 43.83
CA TYR A 101 -61.89 -9.24 42.97
C TYR A 101 -61.12 -10.20 42.10
N ASN A 102 -61.49 -11.47 42.15
CA ASN A 102 -60.97 -12.48 41.22
C ASN A 102 -61.90 -12.52 40.02
N LEU A 103 -61.54 -11.77 38.98
CA LEU A 103 -62.42 -11.48 37.87
C LEU A 103 -62.73 -12.73 37.05
N SER A 104 -63.94 -12.73 36.48
CA SER A 104 -64.41 -13.79 35.59
C SER A 104 -64.87 -13.13 34.29
N HIS A 105 -63.93 -12.58 33.54
CA HIS A 105 -64.31 -11.89 32.32
C HIS A 105 -63.40 -12.29 31.16
N SER A 106 -62.75 -13.46 31.22
CA SER A 106 -61.80 -13.82 30.17
C SER A 106 -62.48 -14.20 28.87
N SER A 107 -63.77 -14.56 28.91
CA SER A 107 -64.55 -14.87 27.73
C SER A 107 -65.78 -13.99 27.68
N TYR A 108 -66.44 -14.02 26.52
CA TYR A 108 -67.63 -13.21 26.32
C TYR A 108 -68.77 -13.72 27.19
N VAL A 109 -68.90 -15.04 27.27
CA VAL A 109 -69.91 -15.65 28.11
C VAL A 109 -69.67 -15.31 29.58
N ASP A 110 -68.40 -15.30 30.01
CA ASP A 110 -68.15 -14.99 31.42
C ASP A 110 -68.38 -13.52 31.71
N ALA A 111 -67.99 -12.65 30.78
CA ALA A 111 -68.23 -11.22 30.93
C ALA A 111 -69.73 -10.92 31.08
N ALA A 112 -70.56 -11.66 30.33
CA ALA A 112 -72.01 -11.40 30.35
C ALA A 112 -72.63 -11.80 31.67
N ASN A 113 -72.10 -12.86 32.29
CA ASN A 113 -72.63 -13.43 33.52
C ASN A 113 -72.12 -12.75 34.78
N HIS A 114 -71.16 -11.84 34.66
CA HIS A 114 -70.61 -11.10 35.79
C HIS A 114 -70.55 -9.62 35.46
N CYS A 115 -71.70 -9.10 34.96
CA CYS A 115 -71.85 -7.79 34.34
C CYS A 115 -72.47 -6.80 35.32
N GLY A 116 -73.41 -7.27 36.15
CA GLY A 116 -74.08 -6.45 37.16
C GLY A 116 -73.31 -6.37 38.46
N THR A 117 -72.03 -6.03 38.36
CA THR A 117 -71.11 -5.98 39.48
C THR A 117 -70.34 -4.67 39.48
N ILE A 118 -69.87 -4.26 40.66
CA ILE A 118 -69.09 -3.03 40.78
C ILE A 118 -67.83 -3.16 39.94
N ALA A 119 -67.23 -4.35 39.93
CA ALA A 119 -66.02 -4.60 39.17
C ALA A 119 -66.19 -4.22 37.71
N ASN A 120 -67.30 -4.64 37.10
CA ASN A 120 -67.49 -4.37 35.68
C ASN A 120 -67.71 -2.88 35.42
N GLY A 121 -68.45 -2.21 36.30
CA GLY A 121 -68.63 -0.78 36.13
C GLY A 121 -67.34 -0.01 36.28
N ILE A 122 -66.49 -0.46 37.20
CA ILE A 122 -65.16 0.14 37.31
C ILE A 122 -64.38 -0.07 36.03
N MET A 123 -64.31 -1.33 35.56
CA MET A 123 -63.50 -1.62 34.39
C MET A 123 -63.99 -0.86 33.17
N ASP A 124 -65.31 -0.65 33.07
CA ASP A 124 -65.81 0.10 31.93
C ASP A 124 -65.41 1.57 32.02
N THR A 125 -65.18 2.07 33.24
CA THR A 125 -64.64 3.41 33.38
C THR A 125 -63.19 3.46 32.91
N PHE A 126 -62.39 2.45 33.27
CA PHE A 126 -61.02 2.40 32.77
C PHE A 126 -60.99 2.36 31.26
N ARG A 127 -61.83 1.49 30.66
CA ARG A 127 -61.85 1.34 29.22
C ARG A 127 -62.18 2.65 28.54
N ARG A 128 -63.11 3.41 29.09
CA ARG A 128 -63.61 4.60 28.43
C ARG A 128 -62.84 5.85 28.76
N MET A 129 -62.07 5.88 29.87
CA MET A 129 -61.12 6.94 30.13
C MET A 129 -59.73 6.65 29.57
N TYR A 130 -59.57 5.54 28.85
CA TYR A 130 -58.28 5.09 28.29
C TYR A 130 -57.19 5.04 29.34
N TRP A 131 -57.52 4.41 30.45
CA TRP A 131 -56.50 4.08 31.42
C TRP A 131 -56.02 2.64 31.25
N SER A 132 -56.57 1.92 30.27
CA SER A 132 -56.14 0.55 30.01
C SER A 132 -56.38 0.22 28.55
N ASN A 133 -55.58 -0.73 28.04
CA ASN A 133 -55.77 -1.25 26.70
C ASN A 133 -56.28 -2.67 26.67
N ALA A 134 -56.41 -3.33 27.82
CA ALA A 134 -56.78 -4.73 27.87
C ALA A 134 -58.25 -4.94 28.26
N LEU A 135 -59.08 -3.96 27.97
CA LEU A 135 -60.47 -4.04 28.29
C LEU A 135 -61.29 -3.92 27.03
N SER A 136 -62.17 -4.86 26.79
CA SER A 136 -62.99 -4.82 25.62
C SER A 136 -64.44 -5.08 25.85
N PRO A 137 -65.25 -4.53 24.88
CA PRO A 137 -66.69 -4.77 25.05
C PRO A 137 -67.15 -6.19 24.80
N SER A 138 -68.22 -6.59 25.45
CA SER A 138 -68.77 -7.91 25.30
C SER A 138 -70.22 -7.86 24.87
N GLU A 139 -71.10 -7.61 25.81
CA GLU A 139 -72.49 -7.55 25.52
C GLU A 139 -73.03 -6.25 25.98
N TYR A 140 -74.00 -5.73 25.24
CA TYR A 140 -74.66 -4.50 25.64
C TYR A 140 -76.05 -4.84 26.16
N ILE A 141 -76.35 -4.44 27.40
CA ILE A 141 -77.65 -4.72 27.96
C ILE A 141 -77.98 -3.65 28.99
N SER A 142 -79.24 -3.20 29.01
CA SER A 142 -79.73 -2.23 30.01
C SER A 142 -78.85 -0.98 30.07
N GLY A 143 -78.42 -0.51 28.90
CA GLY A 143 -77.54 0.65 28.85
C GLY A 143 -76.19 0.42 29.49
N THR A 144 -75.79 -0.82 29.67
CA THR A 144 -74.53 -1.16 30.31
C THR A 144 -73.69 -1.99 29.36
N THR A 145 -72.37 -1.77 29.39
CA THR A 145 -71.41 -2.56 28.64
C THR A 145 -70.83 -3.64 29.55
N CYS A 146 -70.92 -4.89 29.13
CA CYS A 146 -70.24 -5.96 29.86
C CYS A 146 -68.81 -6.01 29.35
N ILE A 147 -67.82 -5.97 30.28
CA ILE A 147 -66.40 -5.86 29.92
C ILE A 147 -65.70 -7.21 29.92
N GLN A 148 -64.91 -7.43 28.88
CA GLN A 148 -64.06 -8.61 28.77
C GLN A 148 -62.60 -8.21 28.95
N THR A 149 -61.85 -9.08 29.64
CA THR A 149 -60.42 -8.82 29.87
C THR A 149 -59.71 -10.10 30.32
N ALA A 150 -58.40 -10.14 30.09
CA ALA A 150 -57.60 -11.24 30.62
C ALA A 150 -57.06 -10.96 32.03
N TYR A 151 -57.10 -9.71 32.50
CA TYR A 151 -56.69 -9.44 33.87
C TYR A 151 -57.42 -10.35 34.84
N GLN A 152 -56.68 -10.87 35.81
CA GLN A 152 -57.23 -11.82 36.76
C GLN A 152 -57.72 -11.16 38.04
N TYR A 153 -57.20 -9.99 38.38
CA TYR A 153 -57.61 -9.33 39.61
C TYR A 153 -57.81 -7.85 39.39
N LEU A 154 -58.72 -7.28 40.18
CA LEU A 154 -58.92 -5.84 40.35
C LEU A 154 -58.77 -5.57 41.85
N ILE A 155 -57.87 -4.66 42.22
CA ILE A 155 -57.53 -4.47 43.62
C ILE A 155 -57.91 -3.05 44.05
N ILE A 156 -58.49 -2.94 45.23
CA ILE A 156 -58.77 -1.64 45.82
C ILE A 156 -58.12 -1.58 47.19
N GLN A 157 -57.41 -0.47 47.47
CA GLN A 157 -56.81 -0.27 48.78
C GLN A 157 -57.02 1.16 49.27
N ASN A 158 -57.41 1.28 50.55
CA ASN A 158 -57.41 2.58 51.23
C ASN A 158 -55.96 2.96 51.50
N THR A 159 -55.44 3.95 50.78
CA THR A 159 -54.04 4.33 50.85
C THR A 159 -53.90 5.84 50.71
N THR A 160 -52.64 6.30 50.71
CA THR A 160 -52.25 7.70 50.55
C THR A 160 -51.67 7.93 49.17
N TRP A 161 -51.59 9.21 48.78
CA TRP A 161 -51.05 9.55 47.47
C TRP A 161 -49.58 9.19 47.35
N GLU A 162 -48.82 9.29 48.46
CA GLU A 162 -47.40 8.96 48.43
C GLU A 162 -47.16 7.46 48.33
N ASP A 163 -48.12 6.63 48.72
CA ASP A 163 -47.93 5.18 48.70
C ASP A 163 -48.76 4.48 47.63
N HIS A 164 -49.47 5.23 46.78
CA HIS A 164 -50.41 4.56 45.91
C HIS A 164 -49.72 3.66 44.89
N CYS A 165 -48.44 3.89 44.63
CA CYS A 165 -47.73 3.11 43.62
C CYS A 165 -47.18 1.80 44.14
N VAL A 166 -47.29 1.54 45.44
CA VAL A 166 -46.83 0.29 46.03
C VAL A 166 -48.00 -0.30 46.80
N PHE A 167 -48.27 -1.58 46.61
CA PHE A 167 -49.36 -2.22 47.33
C PHE A 167 -49.10 -2.16 48.83
N SER A 168 -50.04 -1.59 49.59
CA SER A 168 -49.90 -1.59 51.04
C SER A 168 -50.15 -2.99 51.59
N ARG A 169 -49.57 -3.25 52.75
CA ARG A 169 -49.69 -4.57 53.34
C ARG A 169 -51.13 -4.81 53.78
N PRO A 170 -51.77 -5.91 53.34
CA PRO A 170 -53.20 -6.09 53.61
C PRO A 170 -53.52 -6.43 55.05
N SER A 171 -52.78 -7.35 55.67
CA SER A 171 -53.07 -7.72 57.06
C SER A 171 -51.83 -7.62 57.93
N THR B 16 2.23 8.50 -46.70
CA THR B 16 2.96 9.57 -46.02
C THR B 16 3.98 9.00 -45.04
N MET B 17 5.22 9.48 -45.14
CA MET B 17 6.26 9.00 -44.23
C MET B 17 6.81 10.15 -43.42
N PRO B 18 7.15 9.90 -42.16
CA PRO B 18 7.70 10.98 -41.31
C PRO B 18 8.99 11.57 -41.89
N LEU B 19 9.35 12.73 -41.34
CA LEU B 19 10.55 13.44 -41.74
C LEU B 19 11.76 12.85 -41.05
N SER B 20 12.88 12.83 -41.77
CA SER B 20 14.16 12.52 -41.15
C SER B 20 14.80 13.82 -40.68
N CYS B 21 14.79 14.85 -41.54
CA CYS B 21 15.31 16.17 -41.22
C CYS B 21 14.23 16.93 -40.46
N SER B 22 14.21 16.72 -39.15
CA SER B 22 13.26 17.34 -38.25
C SER B 22 13.98 17.93 -37.04
N LYS B 23 13.34 18.93 -36.41
CA LYS B 23 13.90 19.53 -35.20
C LYS B 23 13.92 18.54 -34.05
N ASN B 24 13.00 17.59 -34.03
CA ASN B 24 12.95 16.54 -33.02
C ASN B 24 14.04 15.50 -33.18
N ASN B 25 14.90 15.63 -34.19
CA ASN B 25 15.89 14.61 -34.51
C ASN B 25 17.28 15.22 -34.67
N SER B 26 18.27 14.35 -34.66
CA SER B 26 19.61 14.65 -35.12
C SER B 26 19.86 13.77 -36.34
N HIS B 27 20.57 14.30 -37.34
CA HIS B 27 20.76 13.51 -38.55
C HIS B 27 22.02 13.94 -39.27
N HIS B 28 22.61 13.00 -40.00
CA HIS B 28 23.74 13.29 -40.87
C HIS B 28 23.70 12.31 -42.02
N TYR B 29 24.20 12.76 -43.18
CA TYR B 29 24.11 11.96 -44.39
C TYR B 29 25.51 11.74 -44.91
N ILE B 30 25.88 10.48 -45.13
CA ILE B 30 27.19 10.11 -45.65
C ILE B 30 27.04 9.70 -47.11
N GLN B 31 27.74 10.40 -48.00
CA GLN B 31 27.72 10.07 -49.42
C GLN B 31 28.80 9.05 -49.71
N VAL B 32 28.41 7.85 -50.14
CA VAL B 32 29.40 6.84 -50.44
C VAL B 32 29.76 6.81 -51.92
N ARG B 33 28.79 7.01 -52.80
CA ARG B 33 29.01 6.95 -54.23
C ARG B 33 28.39 8.18 -54.88
N ASN B 34 28.52 8.24 -56.21
CA ASN B 34 28.10 9.41 -56.98
C ASN B 34 26.69 9.87 -56.61
N ASP B 35 25.77 8.93 -56.46
CA ASP B 35 24.35 9.17 -56.36
C ASP B 35 23.75 8.67 -55.06
N THR B 36 24.30 7.59 -54.48
CA THR B 36 23.73 6.90 -53.34
C THR B 36 24.51 7.23 -52.06
N GLY B 37 23.86 7.05 -50.92
CA GLY B 37 24.50 7.24 -49.63
C GLY B 37 23.64 6.69 -48.51
N LEU B 38 24.02 7.02 -47.28
CA LEU B 38 23.28 6.63 -46.10
C LEU B 38 22.93 7.87 -45.29
N GLU B 39 21.69 7.93 -44.81
CA GLU B 39 21.27 8.96 -43.87
C GLU B 39 21.04 8.31 -42.51
N LEU B 40 21.79 8.75 -41.51
CA LEU B 40 21.67 8.30 -40.12
C LEU B 40 20.84 9.29 -39.32
N THR B 41 19.85 8.80 -38.55
CA THR B 41 18.94 9.68 -37.84
C THR B 41 18.68 9.17 -36.43
N LEU B 42 19.00 9.99 -35.43
CA LEU B 42 18.62 9.71 -34.05
C LEU B 42 17.25 10.32 -33.80
N THR B 43 16.31 9.52 -33.31
CA THR B 43 14.92 9.96 -33.22
C THR B 43 14.18 9.12 -32.18
N ASN B 44 12.99 9.57 -31.79
CA ASN B 44 12.08 8.72 -31.04
C ASN B 44 10.93 8.17 -31.89
N THR B 45 11.05 8.18 -33.22
CA THR B 45 10.08 7.52 -34.09
C THR B 45 10.63 6.18 -34.57
N SER B 46 9.83 5.13 -34.51
CA SER B 46 10.27 3.82 -35.01
C SER B 46 9.65 3.54 -36.37
N LEU B 47 10.40 2.89 -37.24
CA LEU B 47 9.88 2.53 -38.55
C LEU B 47 9.63 1.04 -38.71
N LEU B 48 10.13 0.20 -37.82
CA LEU B 48 10.03 -1.24 -37.98
C LEU B 48 9.18 -1.86 -36.87
N ASP B 49 8.14 -2.59 -37.28
CA ASP B 49 7.26 -3.28 -36.35
C ASP B 49 7.90 -4.53 -35.77
N HIS B 50 8.47 -5.37 -36.62
CA HIS B 50 8.99 -6.66 -36.22
C HIS B 50 10.27 -6.52 -35.42
N LYS B 51 10.70 -7.63 -34.84
CA LYS B 51 11.98 -7.73 -34.15
C LYS B 51 12.90 -8.72 -34.85
N PHE B 52 12.75 -8.85 -36.16
CA PHE B 52 13.58 -9.77 -36.91
C PHE B 52 14.56 -9.01 -37.78
N CYS B 53 15.57 -9.74 -38.20
CA CYS B 53 16.52 -9.29 -39.18
C CYS B 53 17.03 -10.47 -40.00
N ASN B 54 16.16 -10.95 -40.85
CA ASN B 54 16.45 -12.11 -41.66
C ASN B 54 17.48 -11.77 -42.72
N LEU B 55 18.70 -12.27 -42.54
CA LEU B 55 19.71 -12.13 -43.57
C LEU B 55 19.97 -13.55 -44.08
N SER B 56 18.89 -14.28 -44.35
CA SER B 56 19.01 -15.66 -44.78
C SER B 56 19.65 -15.75 -46.15
N ASP B 57 19.44 -14.74 -46.99
CA ASP B 57 19.96 -14.69 -48.34
C ASP B 57 21.34 -14.04 -48.31
N ALA B 58 22.25 -14.62 -49.10
CA ALA B 58 23.62 -14.09 -49.15
C ALA B 58 23.64 -12.65 -49.65
N HIS B 59 22.76 -12.30 -50.59
CA HIS B 59 22.80 -10.96 -51.13
C HIS B 59 22.34 -9.94 -50.10
N LYS B 60 21.27 -10.26 -49.35
CA LYS B 60 20.82 -9.34 -48.30
C LYS B 60 21.85 -9.27 -47.17
N ARG B 61 22.44 -10.40 -46.82
CA ARG B 61 23.43 -10.40 -45.76
C ARG B 61 24.67 -9.61 -46.16
N ASN B 62 24.98 -9.55 -47.45
CA ASN B 62 26.13 -8.80 -47.90
C ASN B 62 25.82 -7.31 -48.03
N LEU B 63 24.59 -6.94 -48.42
CA LEU B 63 24.25 -5.52 -48.48
C LEU B 63 24.28 -4.89 -47.09
N TYR B 64 23.96 -5.69 -46.08
CA TYR B 64 23.96 -5.20 -44.73
C TYR B 64 25.39 -4.96 -44.25
N ASP B 65 26.34 -5.85 -44.58
CA ASP B 65 27.74 -5.60 -44.26
C ASP B 65 28.29 -4.44 -45.07
N LYS B 66 27.84 -4.26 -46.33
CA LYS B 66 28.34 -3.14 -47.13
C LYS B 66 27.93 -1.81 -46.53
N ALA B 67 26.69 -1.71 -46.04
CA ALA B 67 26.20 -0.44 -45.52
C ALA B 67 26.97 -0.03 -44.27
N LEU B 68 27.20 -0.98 -43.34
CA LEU B 68 27.88 -0.64 -42.11
C LEU B 68 29.37 -0.47 -42.29
N MET B 69 29.99 -1.19 -43.23
CA MET B 69 31.41 -0.99 -43.45
C MET B 69 31.69 0.41 -44.00
N SER B 70 30.82 0.93 -44.87
CA SER B 70 30.99 2.30 -45.35
C SER B 70 30.85 3.31 -44.20
N ILE B 71 30.03 3.01 -43.20
CA ILE B 71 29.95 3.88 -42.03
C ILE B 71 31.23 3.80 -41.21
N VAL B 72 31.75 2.58 -40.99
CA VAL B 72 32.99 2.42 -40.23
C VAL B 72 34.15 3.10 -40.93
N THR B 73 34.19 3.00 -42.27
CA THR B 73 35.26 3.66 -43.02
C THR B 73 35.12 5.17 -42.98
N THR B 74 33.90 5.70 -43.16
CA THR B 74 33.72 7.14 -43.21
C THR B 74 34.00 7.78 -41.85
N PHE B 75 33.46 7.22 -40.77
CA PHE B 75 33.65 7.80 -39.44
C PHE B 75 34.90 7.31 -38.74
N HIS B 76 35.72 6.49 -39.40
CA HIS B 76 36.90 5.89 -38.77
C HIS B 76 36.57 5.28 -37.41
N LEU B 77 35.55 4.43 -37.39
CA LEU B 77 35.13 3.79 -36.15
C LEU B 77 36.07 2.65 -35.78
N ASN B 78 36.31 2.53 -34.49
CA ASN B 78 37.06 1.44 -33.88
C ASN B 78 36.22 0.93 -32.72
N ILE B 79 35.38 -0.07 -32.98
CA ILE B 79 34.43 -0.55 -31.97
C ILE B 79 35.13 -1.59 -31.10
N PRO B 80 35.14 -1.42 -29.79
CA PRO B 80 35.76 -2.43 -28.92
C PRO B 80 34.93 -3.70 -28.87
N ASN B 81 35.55 -4.76 -28.40
CA ASN B 81 34.84 -6.02 -28.17
C ASN B 81 34.57 -6.15 -26.68
N PHE B 82 33.31 -5.98 -26.31
CA PHE B 82 32.85 -6.05 -24.94
C PHE B 82 31.84 -7.16 -24.71
N ASN B 83 31.68 -8.06 -25.68
CA ASN B 83 30.65 -9.09 -25.64
C ASN B 83 29.27 -8.48 -25.43
N GLN B 84 29.00 -7.41 -26.18
CA GLN B 84 27.72 -6.67 -26.12
C GLN B 84 27.06 -6.60 -27.51
N TYR B 85 25.84 -6.07 -27.50
CA TYR B 85 24.99 -6.20 -28.67
C TYR B 85 23.79 -5.26 -28.52
N GLU B 86 23.47 -4.53 -29.59
CA GLU B 86 22.34 -3.60 -29.61
C GLU B 86 21.13 -4.26 -30.26
N VAL B 87 19.97 -4.15 -29.60
CA VAL B 87 18.72 -4.62 -30.20
C VAL B 87 18.58 -4.02 -31.58
N MET B 88 18.26 -4.83 -32.58
CA MET B 88 18.18 -4.30 -33.92
C MET B 88 17.17 -5.06 -34.76
N SER B 89 16.41 -4.32 -35.59
CA SER B 89 15.61 -4.87 -36.67
C SER B 89 16.10 -4.31 -38.01
N CYS B 90 15.97 -5.12 -39.07
CA CYS B 90 16.30 -4.64 -40.41
C CYS B 90 15.19 -5.11 -41.33
N ASP B 91 15.16 -4.54 -42.53
CA ASP B 91 14.26 -4.99 -43.58
C ASP B 91 14.72 -4.38 -44.90
N PHE B 92 14.26 -4.93 -46.02
CA PHE B 92 14.70 -4.48 -47.33
C PHE B 92 13.55 -4.10 -48.24
N ASN B 93 13.80 -3.10 -49.09
CA ASN B 93 12.88 -2.62 -50.12
C ASN B 93 13.71 -2.49 -51.40
N GLY B 94 13.66 -3.50 -52.25
CA GLY B 94 14.38 -3.51 -53.50
C GLY B 94 15.88 -3.26 -53.36
N GLY B 95 16.51 -3.95 -52.41
CA GLY B 95 17.95 -3.85 -52.24
C GLY B 95 18.43 -2.63 -51.49
N LYS B 96 17.53 -1.78 -50.99
CA LYS B 96 17.90 -0.63 -50.17
C LYS B 96 17.55 -0.96 -48.73
N ILE B 97 18.58 -1.05 -47.89
CA ILE B 97 18.44 -1.57 -46.54
C ILE B 97 17.88 -0.48 -45.63
N THR B 98 17.14 -0.90 -44.61
CA THR B 98 16.72 -0.03 -43.51
C THR B 98 17.05 -0.77 -42.23
N VAL B 99 17.96 -0.20 -41.43
CA VAL B 99 18.42 -0.78 -40.18
C VAL B 99 17.99 0.13 -39.04
N GLN B 100 17.40 -0.46 -38.01
CA GLN B 100 16.95 0.31 -36.84
C GLN B 100 17.47 -0.31 -35.56
N TYR B 101 18.18 0.50 -34.77
CA TYR B 101 18.64 0.10 -33.43
C TYR B 101 17.71 0.68 -32.38
N ASN B 102 17.18 -0.19 -31.53
CA ASN B 102 16.37 0.26 -30.40
C ASN B 102 17.35 0.46 -29.24
N LEU B 103 17.82 1.70 -29.09
CA LEU B 103 18.97 1.95 -28.22
C LEU B 103 18.64 1.72 -26.76
N SER B 104 19.68 1.31 -26.01
CA SER B 104 19.63 1.10 -24.57
C SER B 104 20.76 1.93 -23.97
N HIS B 105 20.60 3.25 -24.02
CA HIS B 105 21.63 4.18 -23.54
C HIS B 105 21.05 5.26 -22.65
N SER B 106 19.86 5.03 -22.11
CA SER B 106 19.14 6.04 -21.33
C SER B 106 19.72 6.21 -19.93
N SER B 107 20.45 5.23 -19.42
CA SER B 107 21.09 5.31 -18.13
C SER B 107 22.57 5.02 -18.28
N TYR B 108 23.29 5.29 -17.20
CA TYR B 108 24.73 5.07 -17.19
C TYR B 108 25.07 3.58 -17.25
N VAL B 109 24.32 2.76 -16.51
CA VAL B 109 24.55 1.32 -16.54
C VAL B 109 24.29 0.74 -17.93
N ASP B 110 23.23 1.20 -18.59
CA ASP B 110 22.92 0.66 -19.91
C ASP B 110 23.93 1.13 -20.96
N ALA B 111 24.36 2.40 -20.87
CA ALA B 111 25.37 2.89 -21.81
C ALA B 111 26.66 2.10 -21.68
N ALA B 112 27.06 1.74 -20.46
CA ALA B 112 28.29 0.99 -20.27
C ALA B 112 28.15 -0.44 -20.79
N ASN B 113 26.94 -1.00 -20.72
CA ASN B 113 26.68 -2.37 -21.15
C ASN B 113 26.34 -2.47 -22.64
N HIS B 114 26.19 -1.35 -23.34
CA HIS B 114 25.92 -1.32 -24.77
C HIS B 114 26.88 -0.37 -25.47
N CYS B 115 28.16 -0.44 -25.07
CA CYS B 115 29.19 0.50 -25.51
C CYS B 115 30.02 -0.04 -26.66
N GLY B 116 30.30 -1.34 -26.69
CA GLY B 116 31.04 -1.96 -27.77
C GLY B 116 30.17 -2.34 -28.95
N THR B 117 29.36 -1.38 -29.41
CA THR B 117 28.44 -1.59 -30.52
C THR B 117 28.60 -0.45 -31.53
N ILE B 118 28.21 -0.74 -32.77
CA ILE B 118 28.38 0.22 -33.85
C ILE B 118 27.57 1.48 -33.57
N ALA B 119 26.37 1.31 -33.01
CA ALA B 119 25.54 2.46 -32.69
C ALA B 119 26.29 3.45 -31.79
N ASN B 120 26.97 2.95 -30.76
CA ASN B 120 27.66 3.85 -29.84
C ASN B 120 28.79 4.59 -30.52
N GLY B 121 29.51 3.94 -31.42
CA GLY B 121 30.55 4.63 -32.17
C GLY B 121 30.00 5.71 -33.08
N ILE B 122 28.85 5.46 -33.72
CA ILE B 122 28.21 6.50 -34.52
C ILE B 122 27.81 7.66 -33.63
N MET B 123 27.10 7.39 -32.53
CA MET B 123 26.62 8.47 -31.69
C MET B 123 27.77 9.30 -31.14
N ASP B 124 28.91 8.66 -30.85
CA ASP B 124 30.04 9.45 -30.40
C ASP B 124 30.56 10.33 -31.53
N THR B 125 30.39 9.89 -32.78
CA THR B 125 30.79 10.76 -33.89
C THR B 125 29.88 11.97 -33.99
N PHE B 126 28.57 11.78 -33.78
CA PHE B 126 27.66 12.92 -33.75
C PHE B 126 28.03 13.88 -32.64
N ARG B 127 28.34 13.34 -31.46
CA ARG B 127 28.70 14.18 -30.32
C ARG B 127 29.92 15.04 -30.62
N ARG B 128 31.03 14.42 -31.10
CA ARG B 128 32.26 15.18 -31.31
C ARG B 128 32.19 16.14 -32.50
N MET B 129 31.25 15.95 -33.40
CA MET B 129 31.04 16.86 -34.51
C MET B 129 29.85 17.79 -34.33
N TYR B 130 29.23 17.78 -33.16
CA TYR B 130 28.07 18.61 -32.83
C TYR B 130 26.96 18.50 -33.86
N TRP B 131 26.61 17.27 -34.19
CA TRP B 131 25.39 17.06 -34.95
C TRP B 131 24.22 16.77 -34.02
N SER B 132 24.49 16.73 -32.70
CA SER B 132 23.48 16.54 -31.68
C SER B 132 23.99 17.11 -30.36
N ASN B 133 23.05 17.54 -29.52
CA ASN B 133 23.35 17.99 -28.17
C ASN B 133 22.82 17.06 -27.10
N ALA B 134 22.13 15.98 -27.48
CA ALA B 134 21.52 15.07 -26.52
C ALA B 134 22.36 13.82 -26.32
N LEU B 135 23.67 13.94 -26.50
CA LEU B 135 24.60 12.82 -26.34
C LEU B 135 25.71 13.29 -25.40
N SER B 136 25.85 12.61 -24.27
CA SER B 136 26.82 13.03 -23.28
C SER B 136 27.81 11.90 -23.00
N PRO B 137 29.06 12.21 -22.69
CA PRO B 137 30.02 11.14 -22.37
C PRO B 137 29.66 10.47 -21.05
N SER B 138 29.70 9.14 -21.05
CA SER B 138 29.40 8.32 -19.90
C SER B 138 30.68 7.71 -19.35
N GLU B 139 31.49 7.08 -20.21
CA GLU B 139 32.78 6.55 -19.76
C GLU B 139 33.80 6.67 -20.86
N TYR B 140 35.05 6.32 -20.51
CA TYR B 140 36.16 6.14 -21.44
C TYR B 140 36.85 4.82 -21.11
N ILE B 141 36.54 3.77 -21.87
CA ILE B 141 37.34 2.55 -21.88
C ILE B 141 37.91 2.35 -23.28
N SER B 142 39.16 1.88 -23.35
CA SER B 142 39.80 1.43 -24.58
C SER B 142 39.77 2.50 -25.67
N GLY B 143 40.03 3.75 -25.28
CA GLY B 143 39.98 4.83 -26.23
C GLY B 143 38.63 5.05 -26.85
N THR B 144 37.56 4.58 -26.21
CA THR B 144 36.20 4.73 -26.69
C THR B 144 35.36 5.43 -25.63
N THR B 145 34.47 6.30 -26.07
CA THR B 145 33.51 6.94 -25.17
C THR B 145 32.16 6.24 -25.28
N CYS B 146 31.67 5.78 -24.13
CA CYS B 146 30.34 5.21 -24.06
C CYS B 146 29.33 6.36 -23.99
N ILE B 147 28.36 6.34 -24.88
CA ILE B 147 27.42 7.44 -25.05
C ILE B 147 26.15 7.16 -24.25
N GLN B 148 25.68 8.17 -23.53
CA GLN B 148 24.38 8.12 -22.88
C GLN B 148 23.47 9.12 -23.60
N THR B 149 22.22 8.72 -23.81
CA THR B 149 21.26 9.57 -24.49
C THR B 149 19.86 9.06 -24.22
N ALA B 150 18.90 9.97 -24.30
CA ALA B 150 17.49 9.62 -24.15
C ALA B 150 16.85 9.18 -25.47
N TYR B 151 17.47 9.46 -26.61
CA TYR B 151 16.93 9.00 -27.88
C TYR B 151 16.66 7.51 -27.84
N GLN B 152 15.55 7.12 -28.45
CA GLN B 152 15.08 5.75 -28.44
C GLN B 152 15.55 4.95 -29.64
N TYR B 153 15.81 5.60 -30.75
CA TYR B 153 16.20 4.87 -31.96
C TYR B 153 17.31 5.59 -32.71
N LEU B 154 18.14 4.78 -33.38
CA LEU B 154 19.12 5.23 -34.37
C LEU B 154 18.83 4.46 -35.65
N ILE B 155 18.54 5.19 -36.74
CA ILE B 155 18.05 4.60 -37.98
C ILE B 155 18.99 4.91 -39.13
N ILE B 156 19.31 3.88 -39.91
CA ILE B 156 20.15 3.95 -41.10
C ILE B 156 19.32 3.46 -42.29
N GLN B 157 19.29 4.25 -43.36
CA GLN B 157 18.58 3.84 -44.55
C GLN B 157 19.43 4.09 -45.78
N ASN B 158 19.45 3.08 -46.68
CA ASN B 158 20.09 3.28 -47.98
C ASN B 158 19.18 4.20 -48.76
N THR B 159 19.60 5.43 -48.95
CA THR B 159 18.73 6.42 -49.54
C THR B 159 19.54 7.27 -50.50
N THR B 160 18.84 8.23 -51.08
CA THR B 160 19.41 9.14 -52.05
C THR B 160 19.51 10.54 -51.46
N TRP B 161 20.41 11.37 -52.01
CA TRP B 161 20.58 12.72 -51.47
C TRP B 161 19.33 13.58 -51.66
N GLU B 162 18.60 13.35 -52.75
CA GLU B 162 17.36 14.07 -52.99
C GLU B 162 16.27 13.65 -52.00
N ASP B 163 16.33 12.44 -51.47
CA ASP B 163 15.27 11.89 -50.63
C ASP B 163 15.67 11.75 -49.17
N HIS B 164 16.86 12.20 -48.77
CA HIS B 164 17.38 11.85 -47.45
C HIS B 164 16.60 12.49 -46.31
N CYS B 165 15.86 13.56 -46.56
CA CYS B 165 15.14 14.23 -45.48
C CYS B 165 13.77 13.62 -45.17
N VAL B 166 13.36 12.58 -45.90
CA VAL B 166 12.12 11.86 -45.65
C VAL B 166 12.44 10.37 -45.58
N PHE B 167 11.91 9.69 -44.56
CA PHE B 167 12.14 8.26 -44.41
C PHE B 167 11.61 7.52 -45.62
N SER B 168 12.46 6.71 -46.24
CA SER B 168 12.00 5.85 -47.31
C SER B 168 11.13 4.75 -46.72
N ARG B 169 10.21 4.23 -47.52
CA ARG B 169 9.40 3.11 -47.03
C ARG B 169 10.27 1.88 -46.77
N PRO B 170 10.27 1.34 -45.55
CA PRO B 170 11.20 0.23 -45.25
C PRO B 170 10.87 -1.05 -45.98
N SER B 171 9.61 -1.44 -46.01
CA SER B 171 9.23 -2.69 -46.63
C SER B 171 8.19 -2.43 -47.70
N THR C 16 25.05 17.82 -55.83
CA THR C 16 24.55 18.33 -54.55
C THR C 16 23.82 19.67 -54.72
N MET C 17 22.62 19.77 -54.13
CA MET C 17 21.81 20.98 -54.20
C MET C 17 21.57 21.54 -52.82
N PRO C 18 21.50 22.86 -52.67
CA PRO C 18 21.22 23.42 -51.35
C PRO C 18 19.89 22.92 -50.82
N LEU C 19 19.72 23.01 -49.50
CA LEU C 19 18.52 22.50 -48.86
C LEU C 19 17.40 23.53 -48.79
N SER C 20 16.17 23.02 -48.84
CA SER C 20 15.02 23.89 -48.63
C SER C 20 14.65 23.92 -47.16
N CYS C 21 14.65 22.77 -46.49
CA CYS C 21 14.37 22.67 -45.07
C CYS C 21 15.66 22.97 -44.29
N SER C 22 15.89 24.25 -44.04
CA SER C 22 17.04 24.71 -43.28
C SER C 22 16.56 25.70 -42.24
N LYS C 23 17.39 25.92 -41.21
CA LYS C 23 16.98 26.79 -40.12
C LYS C 23 17.03 28.25 -40.54
N ASN C 24 17.87 28.60 -41.51
CA ASN C 24 17.91 29.95 -42.04
C ASN C 24 16.83 30.24 -43.09
N ASN C 25 15.91 29.31 -43.33
CA ASN C 25 14.83 29.50 -44.30
C ASN C 25 13.50 29.24 -43.63
N SER C 26 12.46 29.73 -44.30
CA SER C 26 11.07 29.39 -44.00
C SER C 26 10.52 28.59 -45.17
N HIS C 27 9.71 27.59 -44.87
CA HIS C 27 9.26 26.69 -45.90
C HIS C 27 7.92 26.10 -45.52
N HIS C 28 7.15 25.77 -46.55
CA HIS C 28 5.90 25.01 -46.42
C HIS C 28 5.68 24.24 -47.70
N TYR C 29 4.99 23.12 -47.57
CA TYR C 29 4.75 22.22 -48.68
C TYR C 29 3.24 22.02 -48.86
N ILE C 30 2.77 22.22 -50.09
CA ILE C 30 1.36 22.06 -50.47
C ILE C 30 1.19 20.80 -51.28
N GLN C 31 0.34 19.88 -50.80
CA GLN C 31 0.01 18.67 -51.56
C GLN C 31 -1.12 18.97 -52.54
N VAL C 32 -0.83 18.87 -53.83
CA VAL C 32 -1.90 19.01 -54.81
C VAL C 32 -2.50 17.66 -55.15
N ARG C 33 -1.66 16.60 -55.28
CA ARG C 33 -2.17 15.28 -55.61
C ARG C 33 -1.49 14.20 -54.77
N ASN C 34 -1.77 12.95 -55.16
CA ASN C 34 -1.31 11.75 -54.47
C ASN C 34 0.15 11.84 -54.06
N ASP C 35 1.01 12.28 -54.98
CA ASP C 35 2.45 12.22 -54.70
C ASP C 35 3.16 13.54 -55.01
N THR C 36 2.66 14.31 -55.97
CA THR C 36 3.29 15.55 -56.41
C THR C 36 2.63 16.76 -55.74
N GLY C 37 3.37 17.86 -55.64
CA GLY C 37 2.90 19.05 -54.95
C GLY C 37 3.84 20.23 -55.19
N LEU C 38 3.66 21.30 -54.40
CA LEU C 38 4.54 22.47 -54.49
C LEU C 38 5.22 22.83 -53.17
N GLU C 39 6.52 23.11 -53.23
CA GLU C 39 7.33 23.50 -52.07
C GLU C 39 7.66 24.98 -52.14
N LEU C 40 7.17 25.74 -51.17
CA LEU C 40 7.42 27.18 -51.08
C LEU C 40 8.51 27.46 -50.04
N THR C 41 9.51 28.24 -50.42
CA THR C 41 10.67 28.48 -49.57
C THR C 41 11.02 29.97 -49.62
N LEU C 42 11.21 30.57 -48.46
CA LEU C 42 11.68 31.94 -48.34
C LEU C 42 13.14 31.77 -48.02
N THR C 43 14.02 32.36 -48.81
CA THR C 43 15.43 32.17 -48.61
C THR C 43 16.34 33.28 -49.09
N ASN C 44 17.59 33.27 -48.66
CA ASN C 44 18.56 34.27 -49.09
C ASN C 44 19.44 33.64 -50.17
N THR C 45 19.09 32.45 -50.63
CA THR C 45 19.86 31.78 -51.68
C THR C 45 19.09 31.65 -53.00
N SER C 46 19.70 32.00 -54.11
CA SER C 46 19.07 31.92 -55.41
C SER C 46 19.44 30.67 -56.24
N LEU C 47 18.48 30.10 -56.95
CA LEU C 47 18.72 28.94 -57.78
C LEU C 47 18.75 29.28 -59.27
N LEU C 48 18.17 30.40 -59.63
CA LEU C 48 18.09 30.89 -61.01
C LEU C 48 18.80 32.23 -61.04
N ASP C 49 19.81 32.38 -61.89
CA ASP C 49 20.25 33.76 -62.11
C ASP C 49 20.30 34.10 -63.60
N HIS C 50 19.70 33.30 -64.47
CA HIS C 50 19.25 33.89 -65.71
C HIS C 50 17.99 34.70 -65.41
N LYS C 51 17.78 35.75 -66.20
CA LYS C 51 16.76 36.74 -65.87
C LYS C 51 15.50 36.62 -66.71
N PHE C 52 15.16 35.40 -67.14
CA PHE C 52 14.06 35.15 -68.09
C PHE C 52 12.98 34.31 -67.45
N CYS C 53 11.79 34.35 -68.07
CA CYS C 53 10.69 33.45 -67.80
C CYS C 53 10.02 33.23 -69.16
N ASN C 54 10.72 32.51 -70.02
CA ASN C 54 10.25 32.28 -71.38
C ASN C 54 9.04 31.35 -71.35
N LEU C 55 7.87 31.90 -71.63
CA LEU C 55 6.68 31.07 -71.72
C LEU C 55 6.15 31.14 -73.15
N SER C 56 7.05 30.84 -74.10
CA SER C 56 6.72 30.90 -75.53
C SER C 56 5.63 29.93 -75.94
N ASP C 57 5.50 28.80 -75.25
CA ASP C 57 4.50 27.78 -75.58
C ASP C 57 3.34 27.85 -74.61
N ALA C 58 2.14 27.55 -75.16
CA ALA C 58 0.93 27.32 -74.39
C ALA C 58 1.15 26.31 -73.28
N HIS C 59 1.98 25.31 -73.53
CA HIS C 59 2.25 24.27 -72.54
C HIS C 59 2.98 24.84 -71.33
N LYS C 60 4.02 25.64 -71.57
CA LYS C 60 4.71 26.25 -70.43
C LYS C 60 3.87 27.34 -69.79
N ARG C 61 3.08 28.09 -70.59
CA ARG C 61 2.21 29.09 -70.00
C ARG C 61 1.17 28.46 -69.11
N ASN C 62 0.73 27.24 -69.44
CA ASN C 62 -0.33 26.63 -68.68
C ASN C 62 0.21 25.98 -67.41
N LEU C 63 1.42 25.40 -67.44
CA LEU C 63 2.00 24.84 -66.23
C LEU C 63 2.35 25.91 -65.21
N TYR C 64 2.70 27.10 -65.67
CA TYR C 64 2.95 28.20 -64.76
C TYR C 64 1.62 28.67 -64.16
N ASP C 65 0.56 28.67 -64.97
CA ASP C 65 -0.78 29.03 -64.50
C ASP C 65 -1.31 28.03 -63.47
N LYS C 66 -1.15 26.73 -63.73
CA LYS C 66 -1.77 25.77 -62.81
C LYS C 66 -1.02 25.70 -61.49
N ALA C 67 0.30 25.92 -61.52
CA ALA C 67 1.08 25.92 -60.30
C ALA C 67 0.60 27.02 -59.35
N LEU C 68 0.38 28.24 -59.88
CA LEU C 68 -0.03 29.33 -59.01
C LEU C 68 -1.47 29.22 -58.57
N MET C 69 -2.34 28.64 -59.41
CA MET C 69 -3.73 28.46 -59.00
C MET C 69 -3.84 27.52 -57.82
N SER C 70 -3.04 26.44 -57.81
CA SER C 70 -3.03 25.57 -56.64
C SER C 70 -2.56 26.29 -55.39
N ILE C 71 -1.65 27.27 -55.52
CA ILE C 71 -1.29 28.10 -54.37
C ILE C 71 -2.42 29.05 -54.01
N VAL C 72 -3.01 29.72 -55.02
CA VAL C 72 -4.07 30.68 -54.74
C VAL C 72 -5.27 29.97 -54.14
N THR C 73 -5.58 28.76 -54.61
CA THR C 73 -6.72 28.03 -54.08
C THR C 73 -6.48 27.57 -52.65
N THR C 74 -5.29 27.03 -52.38
CA THR C 74 -5.01 26.47 -51.07
C THR C 74 -4.99 27.53 -49.99
N PHE C 75 -4.32 28.64 -50.24
CA PHE C 75 -4.24 29.71 -49.24
C PHE C 75 -5.43 30.67 -49.30
N HIS C 76 -6.42 30.42 -50.16
CA HIS C 76 -7.56 31.30 -50.39
C HIS C 76 -7.13 32.77 -50.56
N LEU C 77 -6.19 33.00 -51.45
CA LEU C 77 -5.63 34.33 -51.66
C LEU C 77 -6.58 35.21 -52.46
N ASN C 78 -6.61 36.49 -52.12
CA ASN C 78 -7.29 37.52 -52.91
C ASN C 78 -6.26 38.64 -53.10
N ILE C 79 -5.54 38.60 -54.21
CA ILE C 79 -4.45 39.55 -54.44
C ILE C 79 -5.03 40.81 -55.05
N PRO C 80 -4.75 41.99 -54.49
CA PRO C 80 -5.24 43.25 -55.08
C PRO C 80 -4.53 43.54 -56.39
N ASN C 81 -5.17 44.40 -57.22
CA ASN C 81 -4.57 44.94 -58.42
C ASN C 81 -4.14 46.38 -58.12
N PHE C 82 -2.82 46.58 -58.05
CA PHE C 82 -2.23 47.88 -57.76
C PHE C 82 -1.34 48.33 -58.91
N ASN C 83 -1.46 47.68 -60.07
CA ASN C 83 -0.57 47.90 -61.20
C ASN C 83 0.88 47.71 -60.78
N GLN C 84 1.13 46.62 -60.07
CA GLN C 84 2.47 46.28 -59.61
C GLN C 84 2.87 44.90 -60.05
N TYR C 85 4.13 44.59 -59.77
CA TYR C 85 4.73 43.42 -60.37
C TYR C 85 6.01 43.08 -59.60
N GLU C 86 6.18 41.81 -59.32
CA GLU C 86 7.35 41.30 -58.64
C GLU C 86 8.34 40.71 -59.64
N VAL C 87 9.59 41.16 -59.56
CA VAL C 87 10.65 40.56 -60.38
C VAL C 87 10.64 39.07 -60.19
N MET C 88 10.79 38.33 -61.30
CA MET C 88 10.72 36.88 -61.30
C MET C 88 11.51 36.24 -62.44
N SER C 89 12.11 35.08 -62.15
CA SER C 89 12.62 34.16 -63.13
C SER C 89 11.90 32.82 -62.97
N CYS C 90 11.76 32.07 -64.06
CA CYS C 90 11.22 30.72 -63.99
C CYS C 90 12.07 29.81 -64.87
N ASP C 91 11.87 28.50 -64.73
CA ASP C 91 12.57 27.53 -65.55
C ASP C 91 11.83 26.21 -65.48
N PHE C 92 12.11 25.31 -66.44
CA PHE C 92 11.47 24.00 -66.48
C PHE C 92 12.49 22.89 -66.57
N ASN C 93 12.19 21.77 -65.89
CA ASN C 93 12.98 20.54 -65.93
C ASN C 93 11.98 19.40 -66.14
N GLY C 94 11.80 19.00 -67.39
CA GLY C 94 10.89 17.93 -67.74
C GLY C 94 9.48 18.14 -67.26
N GLY C 95 8.94 19.33 -67.52
CA GLY C 95 7.57 19.65 -67.15
C GLY C 95 7.37 20.03 -65.69
N LYS C 96 8.44 20.13 -64.92
CA LYS C 96 8.36 20.51 -63.51
C LYS C 96 8.89 21.93 -63.35
N ILE C 97 8.01 22.82 -62.84
CA ILE C 97 8.22 24.27 -62.80
C ILE C 97 9.20 24.62 -61.68
N THR C 98 9.98 25.67 -61.91
CA THR C 98 10.79 26.31 -60.86
C THR C 98 10.58 27.80 -61.02
N VAL C 99 9.97 28.43 -60.03
CA VAL C 99 9.66 29.86 -60.07
C VAL C 99 10.44 30.54 -58.95
N GLN C 100 11.12 31.64 -59.26
CA GLN C 100 11.88 32.37 -58.26
C GLN C 100 11.50 33.84 -58.27
N TYR C 101 11.05 34.36 -57.14
CA TYR C 101 10.74 35.78 -56.97
C TYR C 101 11.94 36.45 -56.31
N ASN C 102 12.49 37.48 -56.96
CA ASN C 102 13.54 38.28 -56.30
C ASN C 102 12.86 39.42 -55.57
N LEU C 103 12.57 39.19 -54.28
CA LEU C 103 11.68 40.10 -53.56
C LEU C 103 12.27 41.47 -53.39
N SER C 104 11.35 42.46 -53.34
CA SER C 104 11.66 43.86 -53.10
C SER C 104 10.78 44.31 -51.93
N HIS C 105 11.08 43.81 -50.74
CA HIS C 105 10.26 44.06 -49.55
C HIS C 105 11.09 44.43 -48.32
N SER C 106 12.33 44.88 -48.49
CA SER C 106 13.19 45.16 -47.34
C SER C 106 12.82 46.46 -46.64
N SER C 107 12.07 47.33 -47.30
CA SER C 107 11.67 48.61 -46.71
C SER C 107 10.17 48.78 -46.83
N TYR C 108 9.66 49.82 -46.16
CA TYR C 108 8.23 50.08 -46.22
C TYR C 108 7.80 50.56 -47.60
N VAL C 109 8.59 51.44 -48.24
CA VAL C 109 8.26 51.88 -49.59
C VAL C 109 8.31 50.74 -50.59
N ASP C 110 9.32 49.86 -50.47
CA ASP C 110 9.36 48.77 -51.45
C ASP C 110 8.24 47.78 -51.20
N ALA C 111 7.94 47.49 -49.93
CA ALA C 111 6.85 46.59 -49.60
C ALA C 111 5.53 47.09 -50.16
N ALA C 112 5.29 48.40 -50.08
CA ALA C 112 4.04 48.97 -50.57
C ALA C 112 3.94 48.93 -52.09
N ASN C 113 5.06 49.05 -52.79
CA ASN C 113 5.00 49.06 -54.25
C ASN C 113 5.01 47.67 -54.86
N HIS C 114 5.16 46.64 -54.05
CA HIS C 114 5.12 45.25 -54.49
C HIS C 114 4.16 44.47 -53.63
N CYS C 115 3.00 45.06 -53.38
CA CYS C 115 2.02 44.50 -52.47
C CYS C 115 0.92 43.74 -53.20
N GLY C 116 0.54 44.18 -54.40
CA GLY C 116 -0.44 43.47 -55.20
C GLY C 116 0.20 42.36 -56.02
N THR C 117 0.99 41.51 -55.38
CA THR C 117 1.66 40.41 -56.07
C THR C 117 1.41 39.08 -55.35
N ILE C 118 1.49 38.00 -56.12
CA ILE C 118 1.24 36.67 -55.58
C ILE C 118 2.25 36.38 -54.48
N ALA C 119 3.49 36.85 -54.65
CA ALA C 119 4.51 36.71 -53.62
C ALA C 119 4.04 37.30 -52.29
N ASN C 120 3.44 38.51 -52.33
CA ASN C 120 3.03 39.18 -51.10
C ASN C 120 1.90 38.43 -50.41
N GLY C 121 0.96 37.89 -51.20
CA GLY C 121 -0.11 37.11 -50.62
C GLY C 121 0.39 35.84 -49.97
N ILE C 122 1.40 35.20 -50.58
CA ILE C 122 2.00 34.02 -49.97
C ILE C 122 2.65 34.40 -48.64
N MET C 123 3.48 35.44 -48.65
CA MET C 123 4.18 35.82 -47.42
C MET C 123 3.22 36.19 -46.32
N ASP C 124 2.06 36.77 -46.66
CA ASP C 124 1.07 37.08 -45.63
C ASP C 124 0.45 35.83 -45.02
N THR C 125 0.38 34.74 -45.81
CA THR C 125 -0.10 33.47 -45.29
C THR C 125 0.90 32.88 -44.29
N PHE C 126 2.19 32.98 -44.60
CA PHE C 126 3.19 32.53 -43.65
C PHE C 126 3.06 33.29 -42.33
N ARG C 127 2.87 34.60 -42.42
CA ARG C 127 2.76 35.44 -41.25
C ARG C 127 1.55 35.05 -40.39
N ARG C 128 0.41 34.79 -41.03
CA ARG C 128 -0.80 34.47 -40.29
C ARG C 128 -0.84 33.04 -39.75
N MET C 129 -0.17 32.11 -40.43
CA MET C 129 -0.01 30.73 -39.96
C MET C 129 1.20 30.55 -39.06
N TYR C 130 1.95 31.62 -38.80
CA TYR C 130 3.13 31.59 -37.95
C TYR C 130 4.16 30.56 -38.42
N TRP C 131 4.48 30.59 -39.72
CA TRP C 131 5.59 29.79 -40.22
C TRP C 131 6.88 30.58 -40.40
N SER C 132 6.89 31.85 -40.02
CA SER C 132 8.12 32.61 -40.10
C SER C 132 8.10 33.70 -39.05
N ASN C 133 9.29 34.10 -38.62
CA ASN C 133 9.46 35.21 -37.71
C ASN C 133 10.00 36.43 -38.41
N ALA C 134 10.35 36.29 -39.68
CA ALA C 134 10.98 37.35 -40.44
C ALA C 134 10.02 38.04 -41.38
N LEU C 135 8.73 38.08 -41.05
CA LEU C 135 7.73 38.76 -41.89
C LEU C 135 6.99 39.75 -41.02
N SER C 136 6.98 41.00 -41.45
CA SER C 136 6.45 42.10 -40.69
C SER C 136 5.29 42.73 -41.45
N PRO C 137 4.19 43.04 -40.75
CA PRO C 137 3.11 43.80 -41.39
C PRO C 137 3.59 45.24 -41.61
N SER C 138 3.40 45.73 -42.82
CA SER C 138 3.89 47.05 -43.18
C SER C 138 2.78 48.08 -43.38
N GLU C 139 1.78 47.73 -44.19
CA GLU C 139 0.66 48.61 -44.48
C GLU C 139 -0.59 47.76 -44.62
N TYR C 140 -1.73 48.32 -44.23
CA TYR C 140 -3.03 47.68 -44.39
C TYR C 140 -3.81 48.46 -45.44
N ILE C 141 -4.02 47.84 -46.60
CA ILE C 141 -4.65 48.52 -47.73
C ILE C 141 -5.55 47.52 -48.45
N SER C 142 -6.75 47.97 -48.81
CA SER C 142 -7.68 47.18 -49.62
C SER C 142 -7.87 45.78 -49.05
N GLY C 143 -7.97 45.67 -47.74
CA GLY C 143 -8.14 44.39 -47.08
C GLY C 143 -6.96 43.45 -47.22
N THR C 144 -5.79 43.98 -47.54
CA THR C 144 -4.55 43.22 -47.70
C THR C 144 -3.48 43.84 -46.81
N THR C 145 -2.60 42.99 -46.29
CA THR C 145 -1.42 43.42 -45.56
C THR C 145 -0.21 43.37 -46.48
N CYS C 146 0.48 44.49 -46.59
CA CYS C 146 1.74 44.56 -47.32
C CYS C 146 2.84 44.06 -46.39
N ILE C 147 3.63 43.09 -46.87
CA ILE C 147 4.59 42.38 -46.05
C ILE C 147 5.99 42.97 -46.22
N GLN C 148 6.72 43.13 -45.11
CA GLN C 148 8.13 43.52 -45.16
C GLN C 148 9.03 42.39 -44.66
N THR C 149 10.19 42.24 -45.28
CA THR C 149 11.17 41.27 -44.81
C THR C 149 12.52 41.52 -45.47
N ALA C 150 13.55 40.99 -44.82
CA ALA C 150 14.90 41.02 -45.37
C ALA C 150 15.18 39.83 -46.30
N TYR C 151 14.36 38.77 -46.28
CA TYR C 151 14.54 37.67 -47.23
C TYR C 151 14.58 38.21 -48.66
N GLN C 152 15.50 37.67 -49.45
CA GLN C 152 15.73 38.13 -50.82
C GLN C 152 15.00 37.32 -51.89
N TYR C 153 14.63 36.07 -51.63
CA TYR C 153 13.93 35.30 -52.65
C TYR C 153 12.77 34.53 -52.06
N LEU C 154 11.75 34.33 -52.89
CA LEU C 154 10.70 33.36 -52.59
C LEU C 154 10.66 32.38 -53.75
N ILE C 155 10.86 31.10 -53.46
CA ILE C 155 11.06 30.09 -54.50
C ILE C 155 9.95 29.05 -54.39
N ILE C 156 9.38 28.70 -55.54
CA ILE C 156 8.34 27.66 -55.68
C ILE C 156 8.84 26.57 -56.62
N GLN C 157 8.72 25.31 -56.21
CA GLN C 157 9.09 24.19 -57.05
C GLN C 157 8.05 23.07 -57.04
N ASN C 158 7.78 22.56 -58.24
CA ASN C 158 7.01 21.32 -58.38
C ASN C 158 7.92 20.18 -57.95
N THR C 159 7.59 19.55 -56.82
CA THR C 159 8.40 18.49 -56.28
C THR C 159 7.49 17.45 -55.65
N THR C 160 8.10 16.42 -55.10
CA THR C 160 7.42 15.37 -54.37
C THR C 160 7.66 15.56 -52.88
N TRP C 161 6.81 14.91 -52.09
CA TRP C 161 6.93 15.02 -50.64
C TRP C 161 8.24 14.38 -50.15
N GLU C 162 8.73 13.37 -50.85
CA GLU C 162 9.99 12.75 -50.46
C GLU C 162 11.19 13.67 -50.71
N ASP C 163 11.09 14.59 -51.67
CA ASP C 163 12.22 15.41 -52.04
C ASP C 163 12.02 16.87 -51.69
N HIS C 164 10.92 17.22 -51.02
CA HIS C 164 10.55 18.62 -50.89
C HIS C 164 11.56 19.42 -50.09
N CYS C 165 12.40 18.76 -49.27
CA CYS C 165 13.37 19.43 -48.41
C CYS C 165 14.69 19.73 -49.11
N VAL C 166 14.86 19.31 -50.37
CA VAL C 166 16.05 19.59 -51.16
C VAL C 166 15.63 20.22 -52.48
N PHE C 167 16.30 21.30 -52.85
CA PHE C 167 15.98 21.98 -54.11
C PHE C 167 16.24 21.06 -55.29
N SER C 168 15.22 20.87 -56.13
CA SER C 168 15.41 20.11 -57.35
C SER C 168 16.23 20.92 -58.35
N ARG C 169 16.91 20.24 -59.25
CA ARG C 169 17.72 20.95 -60.22
C ARG C 169 16.80 21.75 -61.12
N PRO C 170 17.01 23.07 -61.27
CA PRO C 170 16.01 23.87 -62.01
C PRO C 170 15.91 23.51 -63.47
N SER C 171 17.04 23.39 -64.15
CA SER C 171 17.08 23.03 -65.55
C SER C 171 18.11 21.92 -65.75
N THR D 16 -20.79 30.77 -15.51
CA THR D 16 -19.97 30.92 -14.32
C THR D 16 -20.34 29.86 -13.28
N MET D 17 -19.34 29.17 -12.72
CA MET D 17 -19.67 28.17 -11.73
C MET D 17 -19.04 28.54 -10.40
N PRO D 18 -19.72 28.23 -9.28
CA PRO D 18 -19.17 28.53 -7.95
C PRO D 18 -17.82 27.84 -7.71
N LEU D 19 -17.09 28.34 -6.71
CA LEU D 19 -15.79 27.77 -6.38
C LEU D 19 -15.92 26.57 -5.46
N SER D 20 -15.02 25.61 -5.65
CA SER D 20 -14.86 24.57 -4.64
C SER D 20 -13.78 24.98 -3.63
N CYS D 21 -12.64 25.47 -4.12
CA CYS D 21 -11.57 25.97 -3.26
C CYS D 21 -11.86 27.41 -2.85
N SER D 22 -12.63 27.56 -1.80
CA SER D 22 -12.96 28.84 -1.21
C SER D 22 -12.75 28.74 0.30
N LYS D 23 -12.76 29.88 0.99
CA LYS D 23 -12.64 29.82 2.44
C LYS D 23 -13.98 29.55 3.12
N ASN D 24 -15.08 29.54 2.37
CA ASN D 24 -16.38 29.12 2.89
C ASN D 24 -16.53 27.62 2.89
N ASN D 25 -15.52 26.90 2.40
CA ASN D 25 -15.60 25.47 2.20
C ASN D 25 -14.39 24.77 2.79
N SER D 26 -14.53 23.47 2.97
CA SER D 26 -13.40 22.59 3.20
C SER D 26 -13.38 21.64 2.01
N HIS D 27 -12.19 21.31 1.53
CA HIS D 27 -12.11 20.53 0.31
C HIS D 27 -10.85 19.69 0.30
N HIS D 28 -10.93 18.56 -0.39
CA HIS D 28 -9.76 17.72 -0.59
C HIS D 28 -9.96 16.96 -1.87
N TYR D 29 -8.85 16.62 -2.52
CA TYR D 29 -8.89 16.01 -3.83
C TYR D 29 -8.18 14.66 -3.83
N ILE D 30 -8.90 13.62 -4.27
CA ILE D 30 -8.37 12.26 -4.37
C ILE D 30 -8.06 11.94 -5.82
N GLN D 31 -6.79 11.68 -6.08
CA GLN D 31 -6.31 11.31 -7.41
C GLN D 31 -6.43 9.81 -7.62
N VAL D 32 -7.28 9.39 -8.56
CA VAL D 32 -7.44 7.97 -8.82
C VAL D 32 -6.53 7.51 -9.96
N ARG D 33 -6.40 8.31 -11.01
CA ARG D 33 -5.58 7.98 -12.16
C ARG D 33 -4.73 9.19 -12.50
N ASN D 34 -3.97 9.09 -13.59
CA ASN D 34 -3.06 10.17 -13.94
C ASN D 34 -3.79 11.50 -14.14
N ASP D 35 -4.99 11.46 -14.73
CA ASP D 35 -5.75 12.65 -15.08
C ASP D 35 -6.96 12.91 -14.21
N THR D 36 -7.74 11.89 -13.86
CA THR D 36 -9.01 12.12 -13.21
C THR D 36 -8.95 11.75 -11.74
N GLY D 37 -9.69 12.51 -10.94
CA GLY D 37 -9.89 12.21 -9.55
C GLY D 37 -11.24 12.69 -9.05
N LEU D 38 -11.43 12.69 -7.74
CA LEU D 38 -12.66 13.17 -7.14
C LEU D 38 -12.32 14.27 -6.15
N GLU D 39 -13.08 15.37 -6.20
CA GLU D 39 -12.88 16.52 -5.32
C GLU D 39 -14.02 16.57 -4.31
N LEU D 40 -13.70 16.35 -3.03
CA LEU D 40 -14.69 16.36 -1.97
C LEU D 40 -14.81 17.77 -1.42
N THR D 41 -16.02 18.29 -1.27
CA THR D 41 -16.16 19.66 -0.79
C THR D 41 -17.29 19.71 0.23
N LEU D 42 -16.98 20.18 1.44
CA LEU D 42 -18.02 20.54 2.40
C LEU D 42 -18.35 22.00 2.18
N THR D 43 -19.64 22.29 1.97
CA THR D 43 -20.03 23.64 1.56
C THR D 43 -21.47 23.90 1.94
N ASN D 44 -21.89 25.17 1.85
CA ASN D 44 -23.32 25.51 1.88
C ASN D 44 -23.88 25.99 0.53
N THR D 45 -23.16 25.80 -0.57
CA THR D 45 -23.71 25.86 -1.91
C THR D 45 -24.18 24.53 -2.45
N SER D 46 -25.38 24.54 -3.04
CA SER D 46 -25.96 23.37 -3.71
C SER D 46 -25.82 23.53 -5.22
N LEU D 47 -25.53 22.43 -5.89
CA LEU D 47 -25.40 22.38 -7.33
C LEU D 47 -26.50 21.62 -8.03
N LEU D 48 -27.26 20.82 -7.30
CA LEU D 48 -28.34 20.01 -7.86
C LEU D 48 -29.66 20.47 -7.27
N ASP D 49 -30.57 20.89 -8.14
CA ASP D 49 -31.87 21.35 -7.70
C ASP D 49 -32.79 20.18 -7.38
N HIS D 50 -32.78 19.16 -8.23
CA HIS D 50 -33.70 18.04 -8.11
C HIS D 50 -33.32 17.14 -6.93
N LYS D 51 -34.19 16.15 -6.69
CA LYS D 51 -34.05 15.23 -5.58
C LYS D 51 -33.85 13.79 -6.06
N PHE D 52 -33.64 13.60 -7.35
CA PHE D 52 -33.57 12.26 -7.91
C PHE D 52 -32.12 11.81 -7.98
N CYS D 53 -31.93 10.50 -8.15
CA CYS D 53 -30.64 9.91 -8.41
C CYS D 53 -30.88 8.73 -9.35
N ASN D 54 -31.20 9.04 -10.61
CA ASN D 54 -31.54 8.00 -11.58
C ASN D 54 -30.31 7.19 -11.92
N LEU D 55 -30.26 5.96 -11.39
CA LEU D 55 -29.24 4.99 -11.75
C LEU D 55 -29.97 3.84 -12.42
N SER D 56 -30.85 4.19 -13.38
CA SER D 56 -31.59 3.19 -14.14
C SER D 56 -30.67 2.40 -15.05
N ASP D 57 -29.56 3.00 -15.49
CA ASP D 57 -28.62 2.32 -16.36
C ASP D 57 -27.53 1.69 -15.50
N ALA D 58 -27.10 0.50 -15.90
CA ALA D 58 -26.05 -0.20 -15.18
C ALA D 58 -24.75 0.58 -15.23
N HIS D 59 -24.49 1.26 -16.35
CA HIS D 59 -23.25 2.00 -16.49
C HIS D 59 -23.18 3.14 -15.48
N LYS D 60 -24.27 3.88 -15.32
CA LYS D 60 -24.28 4.96 -14.32
C LYS D 60 -24.29 4.41 -12.91
N ARG D 61 -25.03 3.32 -12.68
CA ARG D 61 -25.06 2.76 -11.35
C ARG D 61 -23.70 2.20 -10.95
N ASN D 62 -22.90 1.75 -11.93
CA ASN D 62 -21.58 1.25 -11.58
C ASN D 62 -20.61 2.41 -11.39
N LEU D 63 -20.79 3.50 -12.12
CA LEU D 63 -19.94 4.67 -11.90
C LEU D 63 -20.19 5.28 -10.53
N TYR D 64 -21.39 5.15 -10.01
CA TYR D 64 -21.69 5.64 -8.66
C TYR D 64 -20.99 4.78 -7.63
N ASP D 65 -20.99 3.46 -7.84
CA ASP D 65 -20.31 2.56 -6.92
C ASP D 65 -18.80 2.75 -6.96
N LYS D 66 -18.24 2.97 -8.15
CA LYS D 66 -16.79 3.12 -8.26
C LYS D 66 -16.32 4.43 -7.63
N ALA D 67 -17.11 5.50 -7.76
CA ALA D 67 -16.72 6.78 -7.19
C ALA D 67 -16.55 6.66 -5.70
N LEU D 68 -17.53 6.02 -5.03
CA LEU D 68 -17.48 5.89 -3.58
C LEU D 68 -16.51 4.81 -3.13
N MET D 69 -16.31 3.78 -3.94
CA MET D 69 -15.32 2.77 -3.60
C MET D 69 -13.91 3.35 -3.55
N SER D 70 -13.59 4.23 -4.52
CA SER D 70 -12.28 4.88 -4.49
C SER D 70 -12.12 5.78 -3.26
N ILE D 71 -13.20 6.40 -2.78
CA ILE D 71 -13.08 7.17 -1.54
C ILE D 71 -12.92 6.25 -0.34
N VAL D 72 -13.72 5.17 -0.28
CA VAL D 72 -13.66 4.26 0.86
C VAL D 72 -12.29 3.60 0.96
N THR D 73 -11.70 3.24 -0.18
CA THR D 73 -10.37 2.64 -0.13
C THR D 73 -9.34 3.69 0.26
N THR D 74 -9.46 4.89 -0.28
CA THR D 74 -8.45 5.91 -0.02
C THR D 74 -8.44 6.34 1.44
N PHE D 75 -9.62 6.57 2.00
CA PHE D 75 -9.69 7.02 3.39
C PHE D 75 -9.78 5.85 4.36
N HIS D 76 -9.69 4.61 3.87
CA HIS D 76 -9.80 3.41 4.69
C HIS D 76 -11.01 3.48 5.63
N LEU D 77 -12.17 3.77 5.06
CA LEU D 77 -13.38 3.93 5.85
C LEU D 77 -13.94 2.56 6.27
N ASN D 78 -14.44 2.49 7.50
CA ASN D 78 -15.19 1.34 8.01
C ASN D 78 -16.47 1.93 8.56
N ILE D 79 -17.52 1.95 7.73
CA ILE D 79 -18.79 2.58 8.05
C ILE D 79 -19.67 1.57 8.79
N PRO D 80 -20.25 1.92 9.94
CA PRO D 80 -21.15 0.99 10.61
C PRO D 80 -22.48 0.83 9.87
N ASN D 81 -23.19 -0.23 10.22
CA ASN D 81 -24.56 -0.44 9.77
C ASN D 81 -25.50 -0.06 10.91
N PHE D 82 -26.19 1.07 10.75
CA PHE D 82 -27.13 1.53 11.75
C PHE D 82 -28.52 1.68 11.17
N ASN D 83 -28.75 1.14 9.98
CA ASN D 83 -30.00 1.31 9.23
C ASN D 83 -30.30 2.81 9.08
N GLN D 84 -29.29 3.58 8.70
CA GLN D 84 -29.38 5.02 8.49
C GLN D 84 -28.99 5.36 7.06
N TYR D 85 -29.15 6.64 6.72
CA TYR D 85 -29.10 7.01 5.32
C TYR D 85 -29.04 8.55 5.22
N GLU D 86 -28.20 9.05 4.30
CA GLU D 86 -28.08 10.48 4.04
C GLU D 86 -28.85 10.91 2.81
N VAL D 87 -29.65 11.97 2.93
CA VAL D 87 -30.32 12.53 1.77
C VAL D 87 -29.29 12.81 0.70
N MET D 88 -29.57 12.41 -0.53
CA MET D 88 -28.57 12.53 -1.57
C MET D 88 -29.24 12.77 -2.91
N SER D 89 -28.61 13.61 -3.73
CA SER D 89 -28.92 13.70 -5.15
C SER D 89 -27.66 13.38 -5.93
N CYS D 90 -27.86 12.88 -7.15
CA CYS D 90 -26.76 12.64 -8.06
C CYS D 90 -27.14 13.09 -9.45
N ASP D 91 -26.12 13.19 -10.31
CA ASP D 91 -26.32 13.53 -11.72
C ASP D 91 -25.04 13.21 -12.48
N PHE D 92 -25.19 13.08 -13.79
CA PHE D 92 -24.08 12.74 -14.67
C PHE D 92 -23.97 13.73 -15.81
N ASN D 93 -22.73 13.97 -16.24
CA ASN D 93 -22.42 14.78 -17.41
C ASN D 93 -21.37 14.00 -18.19
N GLY D 94 -21.82 13.26 -19.20
CA GLY D 94 -20.92 12.52 -20.06
C GLY D 94 -20.01 11.61 -19.27
N GLY D 95 -20.58 10.84 -18.35
CA GLY D 95 -19.80 9.92 -17.56
C GLY D 95 -19.07 10.53 -16.39
N LYS D 96 -19.30 11.81 -16.09
CA LYS D 96 -18.71 12.45 -14.92
C LYS D 96 -19.78 12.62 -13.87
N ILE D 97 -19.60 11.96 -12.73
CA ILE D 97 -20.60 11.91 -11.68
C ILE D 97 -20.55 13.20 -10.86
N THR D 98 -21.71 13.61 -10.37
CA THR D 98 -21.80 14.67 -9.35
C THR D 98 -22.79 14.20 -8.30
N VAL D 99 -22.33 13.95 -7.07
CA VAL D 99 -23.17 13.46 -5.99
C VAL D 99 -23.19 14.52 -4.89
N GLN D 100 -24.39 14.83 -4.39
CA GLN D 100 -24.52 15.86 -3.38
C GLN D 100 -25.30 15.33 -2.18
N TYR D 101 -24.71 15.42 -0.99
CA TYR D 101 -25.38 15.04 0.24
C TYR D 101 -25.90 16.27 0.93
N ASN D 102 -27.20 16.27 1.25
CA ASN D 102 -27.78 17.33 2.09
C ASN D 102 -27.67 16.84 3.53
N LEU D 103 -26.61 17.27 4.20
CA LEU D 103 -26.27 16.70 5.49
C LEU D 103 -27.30 17.05 6.56
N SER D 104 -27.44 16.15 7.52
CA SER D 104 -28.30 16.34 8.68
C SER D 104 -27.45 16.07 9.92
N HIS D 105 -26.50 16.98 10.18
CA HIS D 105 -25.56 16.88 11.31
C HIS D 105 -25.48 18.18 12.07
N SER D 106 -26.51 19.02 11.99
CA SER D 106 -26.40 20.32 12.60
C SER D 106 -26.53 20.26 14.12
N SER D 107 -27.11 19.20 14.67
CA SER D 107 -27.21 19.01 16.12
C SER D 107 -26.64 17.64 16.49
N TYR D 108 -26.51 17.41 17.79
CA TYR D 108 -25.93 16.16 18.28
C TYR D 108 -26.86 14.98 18.00
N VAL D 109 -28.17 15.18 18.20
CA VAL D 109 -29.14 14.14 17.86
C VAL D 109 -29.10 13.84 16.39
N ASP D 110 -28.96 14.88 15.56
CA ASP D 110 -28.96 14.67 14.12
C ASP D 110 -27.73 13.90 13.69
N ALA D 111 -26.58 14.22 14.29
CA ALA D 111 -25.33 13.54 13.97
C ALA D 111 -25.39 12.05 14.32
N ALA D 112 -26.02 11.73 15.45
CA ALA D 112 -26.11 10.35 15.92
C ALA D 112 -27.05 9.52 15.06
N ASN D 113 -28.09 10.13 14.52
CA ASN D 113 -29.05 9.41 13.69
C ASN D 113 -28.61 9.31 12.24
N HIS D 114 -27.53 9.96 11.85
CA HIS D 114 -27.01 9.89 10.48
C HIS D 114 -25.52 9.62 10.52
N CYS D 115 -25.15 8.65 11.34
CA CYS D 115 -23.74 8.33 11.61
C CYS D 115 -23.23 7.15 10.77
N GLY D 116 -24.08 6.15 10.48
CA GLY D 116 -23.65 5.04 9.66
C GLY D 116 -23.72 5.28 8.16
N THR D 117 -23.18 6.41 7.72
CA THR D 117 -23.21 6.79 6.33
C THR D 117 -21.81 7.18 5.88
N ILE D 118 -21.57 7.04 4.59
CA ILE D 118 -20.25 7.35 4.05
C ILE D 118 -19.92 8.83 4.28
N ALA D 119 -20.93 9.70 4.23
CA ALA D 119 -20.74 11.12 4.49
C ALA D 119 -20.05 11.35 5.82
N ASN D 120 -20.49 10.65 6.87
CA ASN D 120 -19.90 10.86 8.18
C ASN D 120 -18.47 10.32 8.23
N GLY D 121 -18.21 9.21 7.57
CA GLY D 121 -16.87 8.69 7.52
C GLY D 121 -15.94 9.63 6.77
N ILE D 122 -16.46 10.26 5.72
CA ILE D 122 -15.68 11.27 5.02
C ILE D 122 -15.35 12.41 5.96
N MET D 123 -16.38 12.97 6.60
CA MET D 123 -16.18 14.14 7.46
C MET D 123 -15.25 13.85 8.63
N ASP D 124 -15.29 12.62 9.18
CA ASP D 124 -14.38 12.32 10.28
C ASP D 124 -12.94 12.26 9.78
N THR D 125 -12.77 11.94 8.50
CA THR D 125 -11.42 12.00 7.91
C THR D 125 -10.95 13.44 7.79
N PHE D 126 -11.84 14.35 7.37
CA PHE D 126 -11.47 15.76 7.29
C PHE D 126 -11.04 16.33 8.64
N ARG D 127 -11.81 16.09 9.70
CA ARG D 127 -11.47 16.71 10.98
C ARG D 127 -10.14 16.18 11.52
N ARG D 128 -9.87 14.90 11.30
CA ARG D 128 -8.65 14.33 11.85
C ARG D 128 -7.42 14.64 11.02
N MET D 129 -7.59 15.04 9.77
CA MET D 129 -6.49 15.57 8.98
C MET D 129 -6.38 17.08 9.08
N TYR D 130 -7.23 17.73 9.90
CA TYR D 130 -7.29 19.19 10.02
C TYR D 130 -7.45 19.88 8.67
N TRP D 131 -8.43 19.44 7.91
CA TRP D 131 -8.81 20.16 6.71
C TRP D 131 -10.03 21.03 6.92
N SER D 132 -10.61 20.99 8.11
CA SER D 132 -11.74 21.80 8.47
C SER D 132 -11.67 22.02 9.98
N ASN D 133 -12.25 23.14 10.42
CA ASN D 133 -12.39 23.44 11.83
C ASN D 133 -13.84 23.41 12.29
N ALA D 134 -14.78 23.17 11.37
CA ALA D 134 -16.20 23.19 11.65
C ALA D 134 -16.77 21.79 11.82
N LEU D 135 -15.97 20.88 12.37
CA LEU D 135 -16.34 19.49 12.59
C LEU D 135 -16.05 19.13 14.04
N SER D 136 -17.07 18.71 14.77
CA SER D 136 -16.88 18.38 16.18
C SER D 136 -17.41 16.98 16.46
N PRO D 137 -16.80 16.28 17.41
CA PRO D 137 -17.33 14.96 17.78
C PRO D 137 -18.70 15.08 18.41
N SER D 138 -19.59 14.16 18.05
CA SER D 138 -20.93 14.11 18.62
C SER D 138 -21.12 12.89 19.51
N GLU D 139 -21.01 11.69 18.97
CA GLU D 139 -21.20 10.47 19.76
C GLU D 139 -20.16 9.46 19.35
N TYR D 140 -19.84 8.53 20.25
CA TYR D 140 -18.87 7.49 19.97
C TYR D 140 -19.56 6.12 20.08
N ILE D 141 -19.68 5.43 18.95
CA ILE D 141 -20.30 4.10 18.86
C ILE D 141 -19.40 3.22 18.01
N SER D 142 -19.24 1.97 18.40
CA SER D 142 -18.64 0.96 17.53
C SER D 142 -17.36 1.46 16.88
N GLY D 143 -16.52 2.16 17.65
CA GLY D 143 -15.29 2.66 17.07
C GLY D 143 -15.46 3.71 15.99
N THR D 144 -16.61 4.36 15.96
CA THR D 144 -16.93 5.38 14.98
C THR D 144 -17.22 6.66 15.75
N THR D 145 -16.77 7.78 15.19
CA THR D 145 -17.11 9.10 15.66
C THR D 145 -18.22 9.67 14.79
N CYS D 146 -19.34 9.99 15.41
CA CYS D 146 -20.44 10.66 14.75
C CYS D 146 -20.09 12.14 14.71
N ILE D 147 -20.16 12.75 13.52
CA ILE D 147 -19.65 14.10 13.28
C ILE D 147 -20.77 15.12 13.37
N GLN D 148 -20.51 16.23 14.05
CA GLN D 148 -21.45 17.34 14.10
C GLN D 148 -20.89 18.49 13.29
N THR D 149 -21.76 19.17 12.53
CA THR D 149 -21.31 20.28 11.69
C THR D 149 -22.49 21.14 11.26
N ALA D 150 -22.18 22.40 10.99
CA ALA D 150 -23.17 23.33 10.47
C ALA D 150 -23.27 23.30 8.94
N TYR D 151 -22.25 22.78 8.26
CA TYR D 151 -22.27 22.64 6.80
C TYR D 151 -23.54 21.94 6.36
N GLN D 152 -24.12 22.42 5.28
CA GLN D 152 -25.36 21.86 4.76
C GLN D 152 -25.16 20.83 3.66
N TYR D 153 -24.03 20.89 2.94
CA TYR D 153 -23.82 19.99 1.81
C TYR D 153 -22.41 19.40 1.84
N LEU D 154 -22.32 18.17 1.35
CA LEU D 154 -21.06 17.51 1.00
C LEU D 154 -21.18 17.04 -0.44
N ILE D 155 -20.25 17.48 -1.29
CA ILE D 155 -20.33 17.31 -2.75
C ILE D 155 -19.12 16.48 -3.21
N ILE D 156 -19.38 15.51 -4.09
CA ILE D 156 -18.37 14.66 -4.74
C ILE D 156 -18.55 14.78 -6.25
N GLN D 157 -17.46 15.08 -6.97
CA GLN D 157 -17.51 15.21 -8.43
C GLN D 157 -16.30 14.60 -9.12
N ASN D 158 -16.57 13.87 -10.21
CA ASN D 158 -15.50 13.35 -11.07
C ASN D 158 -14.92 14.52 -11.86
N THR D 159 -13.68 14.91 -11.53
CA THR D 159 -13.05 16.08 -12.13
C THR D 159 -11.55 15.84 -12.32
N THR D 160 -10.86 16.83 -12.88
CA THR D 160 -9.42 16.79 -13.11
C THR D 160 -8.70 17.70 -12.13
N TRP D 161 -7.38 17.49 -12.02
CA TRP D 161 -6.59 18.27 -11.08
C TRP D 161 -6.56 19.74 -11.46
N GLU D 162 -6.56 20.04 -12.77
CA GLU D 162 -6.53 21.43 -13.20
C GLU D 162 -7.85 22.15 -12.94
N ASP D 163 -8.97 21.43 -12.87
CA ASP D 163 -10.27 22.05 -12.70
C ASP D 163 -10.88 21.78 -11.34
N HIS D 164 -10.16 21.13 -10.42
CA HIS D 164 -10.78 20.68 -9.19
C HIS D 164 -11.24 21.82 -8.29
N CYS D 165 -10.68 23.02 -8.44
CA CYS D 165 -11.05 24.14 -7.58
C CYS D 165 -12.29 24.89 -8.05
N VAL D 166 -12.88 24.50 -9.18
CA VAL D 166 -14.13 25.09 -9.66
C VAL D 166 -15.14 23.95 -9.86
N PHE D 167 -16.35 24.15 -9.36
CA PHE D 167 -17.39 23.14 -9.50
C PHE D 167 -17.67 22.90 -10.98
N SER D 168 -17.59 21.64 -11.41
CA SER D 168 -18.01 21.31 -12.76
C SER D 168 -19.55 21.35 -12.86
N ARG D 169 -20.07 21.31 -14.09
CA ARG D 169 -21.50 21.41 -14.27
C ARG D 169 -22.18 20.07 -13.98
N PRO D 170 -23.35 20.10 -13.31
CA PRO D 170 -24.02 18.83 -12.98
C PRO D 170 -24.48 18.06 -14.19
N SER D 171 -25.18 18.71 -15.11
CA SER D 171 -25.75 18.07 -16.26
C SER D 171 -25.33 18.84 -17.50
N THR E 16 1.05 17.55 -13.21
CA THR E 16 1.21 18.39 -12.02
C THR E 16 2.10 19.64 -11.97
N MET E 17 1.40 20.74 -11.67
CA MET E 17 1.80 22.12 -11.47
C MET E 17 1.29 22.67 -10.14
N PRO E 18 2.05 23.55 -9.51
CA PRO E 18 1.60 24.18 -8.25
C PRO E 18 0.29 24.94 -8.44
N LEU E 19 -0.36 25.26 -7.33
CA LEU E 19 -1.61 25.99 -7.35
C LEU E 19 -1.38 27.48 -7.45
N SER E 20 -2.30 28.16 -8.14
CA SER E 20 -2.34 29.61 -8.06
C SER E 20 -3.21 30.02 -6.88
N CYS E 21 -4.37 29.40 -6.73
CA CYS E 21 -5.24 29.62 -5.59
C CYS E 21 -4.70 28.80 -4.42
N SER E 22 -3.78 29.39 -3.68
CA SER E 22 -3.17 28.77 -2.52
C SER E 22 -3.24 29.73 -1.35
N LYS E 23 -3.01 29.20 -0.14
CA LYS E 23 -3.02 30.10 1.01
C LYS E 23 -1.77 30.97 1.06
N ASN E 24 -0.64 30.52 0.49
CA ASN E 24 0.56 31.33 0.42
C ASN E 24 0.54 32.36 -0.70
N ASN E 25 -0.55 32.48 -1.45
CA ASN E 25 -0.58 33.41 -2.57
C ASN E 25 -1.78 34.33 -2.48
N SER E 26 -1.69 35.44 -3.22
CA SER E 26 -2.81 36.32 -3.50
C SER E 26 -3.07 36.25 -5.00
N HIS E 27 -4.34 36.27 -5.38
CA HIS E 27 -4.68 36.00 -6.77
C HIS E 27 -6.00 36.70 -7.11
N HIS E 28 -6.15 37.03 -8.39
CA HIS E 28 -7.41 37.55 -8.91
C HIS E 28 -7.48 37.20 -10.38
N TYR E 29 -8.69 37.01 -10.90
CA TYR E 29 -8.88 36.58 -12.28
C TYR E 29 -9.75 37.61 -13.00
N ILE E 30 -9.26 38.11 -14.15
CA ILE E 30 -9.94 39.11 -14.98
C ILE E 30 -10.55 38.41 -16.18
N GLN E 31 -11.87 38.50 -16.30
CA GLN E 31 -12.58 37.92 -17.43
C GLN E 31 -12.57 38.93 -18.56
N VAL E 32 -11.84 38.62 -19.62
CA VAL E 32 -11.75 39.50 -20.77
C VAL E 32 -12.79 39.14 -21.82
N ARG E 33 -13.00 37.85 -22.05
CA ARG E 33 -13.93 37.36 -23.05
C ARG E 33 -14.82 36.32 -22.39
N ASN E 34 -15.75 35.76 -23.16
CA ASN E 34 -16.73 34.85 -22.58
C ASN E 34 -16.06 33.72 -21.79
N ASP E 35 -15.00 33.14 -22.34
CA ASP E 35 -14.38 31.96 -21.74
C ASP E 35 -12.98 32.21 -21.21
N THR E 36 -12.19 33.06 -21.85
CA THR E 36 -10.77 33.21 -21.55
C THR E 36 -10.54 34.51 -20.80
N GLY E 37 -9.51 34.51 -19.94
CA GLY E 37 -9.17 35.65 -19.13
C GLY E 37 -7.75 35.54 -18.64
N LEU E 38 -7.38 36.42 -17.70
CA LEU E 38 -6.04 36.42 -17.16
C LEU E 38 -6.05 36.21 -15.66
N GLU E 39 -5.16 35.33 -15.19
CA GLU E 39 -4.99 35.04 -13.77
C GLU E 39 -3.70 35.70 -13.31
N LEU E 40 -3.80 36.57 -12.30
CA LEU E 40 -2.64 37.29 -11.78
C LEU E 40 -2.36 36.78 -10.38
N THR E 41 -1.09 36.44 -10.11
CA THR E 41 -0.74 35.74 -8.88
C THR E 41 0.49 36.35 -8.24
N LEU E 42 0.39 36.67 -6.96
CA LEU E 42 1.52 37.15 -6.20
C LEU E 42 2.00 35.92 -5.47
N THR E 43 3.23 35.51 -5.67
CA THR E 43 3.69 34.30 -5.05
C THR E 43 5.19 34.20 -4.85
N ASN E 44 5.61 33.18 -4.11
CA ASN E 44 7.01 32.94 -3.89
C ASN E 44 7.50 31.81 -4.78
N THR E 45 6.68 31.37 -5.71
CA THR E 45 7.07 30.31 -6.64
C THR E 45 7.18 30.85 -8.06
N SER E 46 8.25 30.51 -8.76
CA SER E 46 8.55 30.98 -10.10
C SER E 46 8.28 29.86 -11.11
N LEU E 47 7.78 30.23 -12.29
CA LEU E 47 7.48 29.27 -13.33
C LEU E 47 8.44 29.35 -14.51
N LEU E 48 9.22 30.41 -14.62
CA LEU E 48 10.12 30.58 -15.75
C LEU E 48 11.57 30.60 -15.26
N ASP E 49 12.38 29.69 -15.81
CA ASP E 49 13.80 29.63 -15.48
C ASP E 49 14.62 30.67 -16.22
N HIS E 50 14.35 30.86 -17.50
CA HIS E 50 15.20 31.68 -18.37
C HIS E 50 15.07 33.18 -18.12
N LYS E 51 16.09 33.90 -18.60
CA LYS E 51 16.03 35.37 -18.66
C LYS E 51 14.90 35.86 -19.52
N PHE E 52 14.80 35.29 -20.72
CA PHE E 52 14.44 36.04 -21.89
C PHE E 52 12.95 36.36 -21.93
N CYS E 53 12.61 37.27 -22.83
CA CYS E 53 11.26 37.59 -23.21
C CYS E 53 11.32 37.84 -24.72
N ASN E 54 11.50 36.73 -25.45
CA ASN E 54 11.69 36.76 -26.91
C ASN E 54 10.40 37.21 -27.58
N LEU E 55 10.37 38.45 -28.02
CA LEU E 55 9.22 38.93 -28.78
C LEU E 55 9.74 39.30 -30.16
N SER E 56 10.47 38.39 -30.80
CA SER E 56 11.05 38.67 -32.11
C SER E 56 9.98 38.86 -33.17
N ASP E 57 8.82 38.28 -32.97
CA ASP E 57 7.74 38.32 -33.93
C ASP E 57 6.71 39.38 -33.54
N ALA E 58 6.17 40.08 -34.55
CA ALA E 58 5.10 41.05 -34.32
C ALA E 58 3.90 40.40 -33.67
N HIS E 59 3.63 39.14 -34.04
CA HIS E 59 2.50 38.43 -33.46
C HIS E 59 2.71 38.19 -31.96
N LYS E 60 3.93 37.80 -31.55
CA LYS E 60 4.16 37.58 -30.13
C LYS E 60 4.17 38.89 -29.34
N ARG E 61 4.79 39.94 -29.88
CA ARG E 61 4.81 41.19 -29.13
C ARG E 61 3.44 41.82 -29.05
N ASN E 62 2.53 41.49 -29.98
CA ASN E 62 1.19 42.02 -29.93
C ASN E 62 0.32 41.28 -28.91
N LEU E 63 0.52 39.96 -28.73
CA LEU E 63 -0.21 39.25 -27.69
C LEU E 63 0.22 39.71 -26.32
N TYR E 64 1.50 40.06 -26.18
CA TYR E 64 2.01 40.59 -24.93
C TYR E 64 1.41 41.96 -24.64
N ASP E 65 1.27 42.81 -25.67
CA ASP E 65 0.63 44.10 -25.50
C ASP E 65 -0.85 43.96 -25.15
N LYS E 66 -1.53 42.96 -25.76
CA LYS E 66 -2.95 42.73 -25.52
C LYS E 66 -3.22 42.30 -24.09
N ALA E 67 -2.41 41.38 -23.57
CA ALA E 67 -2.62 40.90 -22.23
C ALA E 67 -2.48 42.03 -21.21
N LEU E 68 -1.46 42.87 -21.37
CA LEU E 68 -1.27 43.93 -20.38
C LEU E 68 -2.25 45.07 -20.54
N MET E 69 -2.70 45.35 -21.78
CA MET E 69 -3.69 46.40 -21.94
C MET E 69 -5.01 46.00 -21.31
N SER E 70 -5.35 44.72 -21.38
CA SER E 70 -6.55 44.22 -20.71
C SER E 70 -6.45 44.40 -19.20
N ILE E 71 -5.25 44.29 -18.64
CA ILE E 71 -5.03 44.57 -17.23
C ILE E 71 -5.15 46.06 -16.98
N VAL E 72 -4.55 46.87 -17.86
CA VAL E 72 -4.54 48.31 -17.68
C VAL E 72 -5.95 48.88 -17.75
N THR E 73 -6.77 48.38 -18.69
CA THR E 73 -8.14 48.88 -18.80
C THR E 73 -9.00 48.40 -17.64
N THR E 74 -8.89 47.14 -17.24
CA THR E 74 -9.77 46.63 -16.18
C THR E 74 -9.49 47.31 -14.85
N PHE E 75 -8.22 47.43 -14.48
CA PHE E 75 -7.84 48.01 -13.21
C PHE E 75 -7.74 49.53 -13.25
N HIS E 76 -8.04 50.14 -14.41
CA HIS E 76 -7.93 51.59 -14.62
C HIS E 76 -6.62 52.12 -14.07
N LEU E 77 -5.53 51.49 -14.50
CA LEU E 77 -4.21 51.89 -14.04
C LEU E 77 -3.71 53.11 -14.79
N ASN E 78 -2.99 53.98 -14.08
CA ASN E 78 -2.25 55.10 -14.67
C ASN E 78 -0.84 55.01 -14.12
N ILE E 79 0.06 54.39 -14.88
CA ILE E 79 1.42 54.12 -14.43
C ILE E 79 2.28 55.34 -14.69
N PRO E 80 3.00 55.84 -13.68
CA PRO E 80 3.89 56.97 -13.93
C PRO E 80 5.11 56.54 -14.73
N ASN E 81 5.75 57.52 -15.35
CA ASN E 81 7.04 57.33 -16.02
C ASN E 81 8.13 57.88 -15.12
N PHE E 82 8.96 56.99 -14.55
CA PHE E 82 10.08 57.36 -13.70
C PHE E 82 11.38 56.85 -14.32
N ASN E 83 11.32 56.41 -15.59
CA ASN E 83 12.46 55.81 -16.28
C ASN E 83 13.02 54.61 -15.51
N GLN E 84 12.12 53.76 -15.02
CA GLN E 84 12.48 52.55 -14.28
C GLN E 84 11.78 51.32 -14.88
N TYR E 85 12.07 50.14 -14.33
CA TYR E 85 11.77 48.92 -15.06
C TYR E 85 11.75 47.72 -14.12
N GLU E 86 10.77 46.84 -14.30
CA GLU E 86 10.69 45.61 -13.52
C GLU E 86 11.31 44.46 -14.32
N VAL E 87 12.22 43.73 -13.68
CA VAL E 87 12.74 42.51 -14.29
C VAL E 87 11.60 41.59 -14.65
N MET E 88 11.68 40.99 -15.83
CA MET E 88 10.61 40.16 -16.31
C MET E 88 11.13 39.05 -17.24
N SER E 89 10.49 37.89 -17.15
CA SER E 89 10.57 36.88 -18.18
C SER E 89 9.18 36.61 -18.72
N CYS E 90 9.09 36.21 -19.99
CA CYS E 90 7.83 35.82 -20.61
C CYS E 90 8.03 34.53 -21.38
N ASP E 91 6.91 33.91 -21.76
CA ASP E 91 6.92 32.69 -22.55
C ASP E 91 5.53 32.43 -23.14
N PHE E 92 5.48 31.58 -24.15
CA PHE E 92 4.21 31.30 -24.82
C PHE E 92 3.94 29.79 -24.91
N ASN E 93 2.66 29.44 -24.82
CA ASN E 93 2.23 28.07 -25.00
C ASN E 93 1.06 28.15 -25.98
N GLY E 94 1.35 27.95 -27.27
CA GLY E 94 0.33 27.96 -28.29
C GLY E 94 -0.52 29.20 -28.25
N GLY E 95 0.11 30.37 -28.20
CA GLY E 95 -0.65 31.60 -28.16
C GLY E 95 -1.17 31.96 -26.80
N LYS E 96 -0.81 31.21 -25.77
CA LYS E 96 -1.17 31.56 -24.41
C LYS E 96 0.08 32.06 -23.69
N ILE E 97 0.08 33.35 -23.34
CA ILE E 97 1.26 34.04 -22.80
C ILE E 97 1.43 33.72 -21.32
N THR E 98 2.69 33.73 -20.87
CA THR E 98 3.03 33.60 -19.46
C THR E 98 4.04 34.70 -19.16
N VAL E 99 3.65 35.68 -18.34
CA VAL E 99 4.56 36.77 -17.99
C VAL E 99 4.79 36.75 -16.49
N GLN E 100 6.07 36.78 -16.10
CA GLN E 100 6.48 36.71 -14.70
C GLN E 100 7.40 37.87 -14.36
N TYR E 101 7.04 38.64 -13.35
CA TYR E 101 7.89 39.73 -12.88
C TYR E 101 8.68 39.25 -11.66
N ASN E 102 10.01 39.45 -11.69
CA ASN E 102 10.85 39.19 -10.52
C ASN E 102 10.89 40.46 -9.70
N LEU E 103 10.00 40.54 -8.70
CA LEU E 103 9.73 41.81 -8.04
C LEU E 103 10.93 42.28 -7.23
N SER E 104 11.09 43.61 -7.16
CA SER E 104 12.11 44.25 -6.35
C SER E 104 11.40 45.27 -5.45
N HIS E 105 10.64 44.75 -4.49
CA HIS E 105 9.88 45.60 -3.58
C HIS E 105 10.04 45.17 -2.13
N SER E 106 11.10 44.41 -1.82
CA SER E 106 11.25 43.89 -0.47
C SER E 106 11.74 44.95 0.52
N SER E 107 12.38 46.00 0.03
CA SER E 107 12.80 47.10 0.91
C SER E 107 12.23 48.40 0.36
N TYR E 108 12.39 49.46 1.13
CA TYR E 108 11.81 50.73 0.73
C TYR E 108 12.52 51.32 -0.47
N VAL E 109 13.85 51.30 -0.49
CA VAL E 109 14.58 51.84 -1.62
C VAL E 109 14.27 51.04 -2.89
N ASP E 110 14.10 49.73 -2.76
CA ASP E 110 13.74 48.93 -3.94
C ASP E 110 12.32 49.23 -4.37
N ALA E 111 11.40 49.44 -3.42
CA ALA E 111 10.04 49.82 -3.77
C ALA E 111 10.00 51.14 -4.53
N ALA E 112 10.81 52.11 -4.10
CA ALA E 112 10.81 53.42 -4.75
C ALA E 112 11.44 53.37 -6.14
N ASN E 113 12.41 52.48 -6.35
CA ASN E 113 13.10 52.40 -7.63
C ASN E 113 12.39 51.53 -8.64
N HIS E 114 11.28 50.89 -8.28
CA HIS E 114 10.48 50.10 -9.21
C HIS E 114 9.00 50.45 -9.04
N CYS E 115 8.71 51.74 -9.00
CA CYS E 115 7.36 52.24 -8.73
C CYS E 115 6.60 52.59 -10.01
N GLY E 116 7.28 53.15 -11.01
CA GLY E 116 6.68 53.47 -12.28
C GLY E 116 6.65 52.29 -13.23
N THR E 117 6.11 51.15 -12.76
CA THR E 117 6.00 49.93 -13.54
C THR E 117 4.61 49.35 -13.41
N ILE E 118 4.22 48.55 -14.41
CA ILE E 118 2.90 47.92 -14.40
C ILE E 118 2.76 46.97 -13.21
N ALA E 119 3.85 46.29 -12.82
CA ALA E 119 3.77 45.42 -11.64
C ALA E 119 3.33 46.18 -10.40
N ASN E 120 3.90 47.37 -10.17
CA ASN E 120 3.53 48.15 -8.99
C ASN E 120 2.09 48.61 -9.05
N GLY E 121 1.62 49.01 -10.24
CA GLY E 121 0.23 49.41 -10.37
C GLY E 121 -0.72 48.29 -10.09
N ILE E 122 -0.36 47.07 -10.51
CA ILE E 122 -1.17 45.88 -10.21
C ILE E 122 -1.24 45.69 -8.70
N MET E 123 -0.08 45.67 -8.04
CA MET E 123 -0.07 45.36 -6.62
C MET E 123 -0.85 46.39 -5.82
N ASP E 124 -0.86 47.64 -6.26
CA ASP E 124 -1.65 48.64 -5.54
C ASP E 124 -3.14 48.39 -5.69
N THR E 125 -3.57 47.79 -6.81
CA THR E 125 -4.98 47.40 -6.93
C THR E 125 -5.31 46.25 -5.98
N PHE E 126 -4.41 45.27 -5.85
CA PHE E 126 -4.62 44.20 -4.88
C PHE E 126 -4.77 44.74 -3.47
N ARG E 127 -3.89 45.66 -3.08
CA ARG E 127 -3.89 46.21 -1.73
C ARG E 127 -5.18 46.96 -1.41
N ARG E 128 -5.73 47.67 -2.39
CA ARG E 128 -6.91 48.49 -2.12
C ARG E 128 -8.20 47.70 -2.21
N MET E 129 -8.28 46.75 -3.13
CA MET E 129 -9.44 45.89 -3.15
C MET E 129 -9.37 44.82 -2.05
N TYR E 130 -8.36 44.89 -1.16
CA TYR E 130 -8.11 43.89 -0.12
C TYR E 130 -8.05 42.48 -0.70
N TRP E 131 -7.29 42.30 -1.75
CA TRP E 131 -7.03 40.95 -2.23
C TRP E 131 -5.74 40.41 -1.66
N SER E 132 -5.06 41.21 -0.85
CA SER E 132 -3.87 40.75 -0.16
C SER E 132 -3.70 41.57 1.10
N ASN E 133 -3.05 40.98 2.09
CA ASN E 133 -2.70 41.68 3.31
C ASN E 133 -1.21 41.94 3.43
N ALA E 134 -0.41 41.48 2.47
CA ALA E 134 1.05 41.59 2.52
C ALA E 134 1.58 42.70 1.62
N LEU E 135 0.79 43.75 1.39
CA LEU E 135 1.20 44.88 0.55
C LEU E 135 0.97 46.16 1.33
N SER E 136 2.04 46.91 1.54
CA SER E 136 1.96 48.15 2.30
C SER E 136 2.43 49.33 1.47
N PRO E 137 1.84 50.50 1.67
CA PRO E 137 2.33 51.70 0.97
C PRO E 137 3.72 52.07 1.44
N SER E 138 4.56 52.41 0.47
CA SER E 138 5.95 52.77 0.70
C SER E 138 6.17 54.27 0.51
N GLU E 139 5.76 54.82 -0.63
CA GLU E 139 5.89 56.26 -0.88
C GLU E 139 4.69 56.71 -1.71
N TYR E 140 4.41 58.00 -1.66
CA TYR E 140 3.35 58.63 -2.45
C TYR E 140 3.98 59.69 -3.34
N ILE E 141 4.07 59.41 -4.64
CA ILE E 141 4.54 60.38 -5.62
C ILE E 141 3.53 60.43 -6.76
N SER E 142 3.28 61.63 -7.28
CA SER E 142 2.50 61.84 -8.50
C SER E 142 1.14 61.12 -8.45
N GLY E 143 0.48 61.19 -7.30
CA GLY E 143 -0.81 60.54 -7.15
C GLY E 143 -0.76 59.03 -7.27
N THR E 144 0.41 58.44 -7.04
CA THR E 144 0.65 57.01 -7.12
C THR E 144 1.24 56.52 -5.80
N THR E 145 0.89 55.31 -5.41
CA THR E 145 1.50 54.65 -4.27
C THR E 145 2.56 53.65 -4.73
N CYS E 146 3.77 53.79 -4.20
CA CYS E 146 4.81 52.81 -4.41
C CYS E 146 4.59 51.68 -3.40
N ILE E 147 4.48 50.43 -3.87
CA ILE E 147 4.11 49.29 -3.03
C ILE E 147 5.37 48.56 -2.61
N GLN E 148 5.44 48.20 -1.33
CA GLN E 148 6.51 47.37 -0.80
C GLN E 148 5.91 46.04 -0.35
N THR E 149 6.65 44.96 -0.54
CA THR E 149 6.16 43.63 -0.20
C THR E 149 7.31 42.63 -0.19
N ALA E 150 7.13 41.54 0.54
CA ALA E 150 8.12 40.47 0.54
C ALA E 150 7.88 39.45 -0.56
N TYR E 151 6.68 39.44 -1.15
CA TYR E 151 6.40 38.55 -2.28
C TYR E 151 7.49 38.68 -3.33
N GLN E 152 7.95 37.54 -3.85
CA GLN E 152 9.06 37.53 -4.79
C GLN E 152 8.63 37.56 -6.25
N TYR E 153 7.43 37.08 -6.55
CA TYR E 153 7.01 37.00 -7.94
C TYR E 153 5.59 37.50 -8.11
N LEU E 154 5.34 38.05 -9.29
CA LEU E 154 4.01 38.33 -9.78
C LEU E 154 3.88 37.68 -11.15
N ILE E 155 2.91 36.79 -11.30
CA ILE E 155 2.79 35.96 -12.49
C ILE E 155 1.45 36.28 -13.16
N ILE E 156 1.48 36.45 -14.49
CA ILE E 156 0.28 36.68 -15.30
C ILE E 156 0.17 35.56 -16.33
N GLN E 157 -0.97 34.90 -16.40
CA GLN E 157 -1.22 33.84 -17.37
C GLN E 157 -2.56 33.91 -18.08
N ASN E 158 -2.58 33.59 -19.36
CA ASN E 158 -3.77 33.55 -20.17
C ASN E 158 -4.32 32.18 -19.85
N THR E 159 -5.49 32.16 -19.24
CA THR E 159 -6.12 30.94 -18.81
C THR E 159 -7.60 31.03 -18.95
N THR E 160 -8.30 30.00 -18.51
CA THR E 160 -9.74 29.97 -18.54
C THR E 160 -10.16 29.96 -17.11
N TRP E 161 -11.41 30.31 -16.86
CA TRP E 161 -11.97 30.43 -15.53
C TRP E 161 -12.00 29.08 -14.80
N GLU E 162 -12.22 27.98 -15.54
CA GLU E 162 -12.24 26.68 -14.88
C GLU E 162 -10.86 26.25 -14.40
N ASP E 163 -9.79 26.75 -15.01
CA ASP E 163 -8.44 26.33 -14.70
C ASP E 163 -7.61 27.38 -14.00
N HIS E 164 -8.19 28.53 -13.65
CA HIS E 164 -7.37 29.63 -13.17
C HIS E 164 -6.71 29.33 -11.83
N CYS E 165 -7.21 28.36 -11.08
CA CYS E 165 -6.65 28.06 -9.77
C CYS E 165 -5.43 27.15 -9.80
N VAL E 166 -5.02 26.65 -10.96
CA VAL E 166 -3.79 25.88 -11.10
C VAL E 166 -2.97 26.51 -12.21
N PHE E 167 -1.67 26.65 -12.00
CA PHE E 167 -0.80 27.25 -13.00
C PHE E 167 -0.79 26.47 -14.31
N SER E 168 -1.00 27.17 -15.43
CA SER E 168 -0.81 26.55 -16.73
C SER E 168 0.68 26.32 -16.98
N ARG E 169 0.98 25.37 -17.86
CA ARG E 169 2.36 25.15 -18.23
C ARG E 169 2.85 26.26 -19.15
N PRO E 170 3.92 26.98 -18.77
CA PRO E 170 4.34 28.12 -19.61
C PRO E 170 4.80 27.73 -21.00
N SER E 171 5.60 26.68 -21.12
CA SER E 171 6.14 26.26 -22.40
C SER E 171 5.83 24.81 -22.64
N THR F 16 25.65 81.48 -25.97
CA THR F 16 24.78 81.29 -27.13
C THR F 16 24.41 79.82 -27.32
N MET F 17 23.11 79.54 -27.50
CA MET F 17 22.64 78.19 -27.68
C MET F 17 21.99 78.06 -29.04
N PRO F 18 22.11 76.89 -29.69
CA PRO F 18 21.52 76.75 -31.03
C PRO F 18 20.02 76.98 -31.00
N LEU F 19 19.46 77.20 -32.19
CA LEU F 19 18.03 77.43 -32.28
C LEU F 19 17.28 76.11 -32.27
N SER F 20 16.07 76.16 -31.73
CA SER F 20 15.17 75.02 -31.86
C SER F 20 14.36 75.16 -33.14
N CYS F 21 13.87 76.38 -33.40
CA CYS F 21 13.12 76.69 -34.64
C CYS F 21 14.09 76.91 -35.80
N SER F 22 14.51 75.80 -36.40
CA SER F 22 15.48 75.85 -37.47
C SER F 22 15.01 75.06 -38.71
N LYS F 23 15.67 75.32 -39.84
CA LYS F 23 15.29 74.64 -41.09
C LYS F 23 15.64 73.15 -41.06
N ASN F 24 16.69 72.77 -40.37
CA ASN F 24 17.08 71.37 -40.25
C ASN F 24 16.36 70.65 -39.11
N ASN F 25 15.40 71.29 -38.47
CA ASN F 25 14.68 70.68 -37.37
C ASN F 25 13.19 70.73 -37.64
N SER F 26 12.47 69.90 -36.93
CA SER F 26 11.03 69.96 -36.82
C SER F 26 10.73 70.27 -35.36
N HIS F 27 9.72 71.10 -35.10
CA HIS F 27 9.52 71.49 -33.72
C HIS F 27 8.05 71.77 -33.46
N HIS F 28 7.65 71.59 -32.20
CA HIS F 28 6.31 71.99 -31.80
C HIS F 28 6.32 72.37 -30.33
N TYR F 29 5.45 73.30 -29.99
CA TYR F 29 5.40 73.85 -28.64
C TYR F 29 4.02 73.63 -28.03
N ILE F 30 4.00 73.01 -26.83
CA ILE F 30 2.75 72.72 -26.11
C ILE F 30 2.58 73.71 -24.97
N GLN F 31 1.46 74.43 -24.94
CA GLN F 31 1.18 75.29 -23.79
C GLN F 31 0.52 74.48 -22.69
N VAL F 32 1.20 74.34 -21.55
CA VAL F 32 0.64 73.67 -20.39
C VAL F 32 0.01 74.68 -19.43
N ARG F 33 0.64 75.83 -19.20
CA ARG F 33 0.14 76.82 -18.25
C ARG F 33 0.17 78.20 -18.90
N ASN F 34 -0.34 79.19 -18.15
CA ASN F 34 -0.35 80.61 -18.51
C ASN F 34 0.83 80.99 -19.38
N ASP F 35 2.01 80.72 -18.85
CA ASP F 35 3.27 81.20 -19.39
C ASP F 35 4.14 80.09 -19.95
N THR F 36 4.16 78.96 -19.26
CA THR F 36 5.13 77.92 -19.54
C THR F 36 4.53 76.82 -20.42
N GLY F 37 5.41 76.06 -21.04
CA GLY F 37 5.00 74.94 -21.85
C GLY F 37 6.20 74.06 -22.11
N LEU F 38 6.06 73.18 -23.08
CA LEU F 38 7.15 72.30 -23.49
C LEU F 38 7.47 72.52 -24.95
N GLU F 39 8.76 72.57 -25.26
CA GLU F 39 9.26 72.57 -26.63
C GLU F 39 9.75 71.17 -26.99
N LEU F 40 9.16 70.58 -28.03
CA LEU F 40 9.60 69.31 -28.57
C LEU F 40 10.41 69.63 -29.82
N THR F 41 11.60 69.05 -29.95
CA THR F 41 12.50 69.40 -31.06
C THR F 41 13.09 68.14 -31.66
N LEU F 42 12.76 67.89 -32.92
CA LEU F 42 13.43 66.88 -33.72
C LEU F 42 14.65 67.54 -34.34
N THR F 43 15.84 66.99 -34.09
CA THR F 43 17.09 67.64 -34.50
C THR F 43 18.17 66.57 -34.59
N ASN F 44 19.32 66.86 -35.24
CA ASN F 44 20.55 66.08 -35.02
C ASN F 44 21.54 66.85 -34.13
N THR F 45 21.18 67.97 -33.44
CA THR F 45 22.10 68.57 -32.46
C THR F 45 21.73 68.03 -31.08
N SER F 46 22.74 67.59 -30.33
CA SER F 46 22.46 67.06 -28.99
C SER F 46 22.89 68.06 -27.91
N LEU F 47 22.11 68.11 -26.82
CA LEU F 47 22.39 69.03 -25.75
C LEU F 47 22.94 68.36 -24.50
N LEU F 48 22.82 67.06 -24.36
CA LEU F 48 23.31 66.38 -23.18
C LEU F 48 24.44 65.45 -23.61
N ASP F 49 25.63 65.68 -23.07
CA ASP F 49 26.75 64.82 -23.40
C ASP F 49 26.70 63.53 -22.59
N HIS F 50 26.32 63.61 -21.33
CA HIS F 50 26.38 62.45 -20.45
C HIS F 50 25.31 61.41 -20.80
N LYS F 51 25.48 60.25 -20.20
CA LYS F 51 24.64 59.08 -20.39
C LYS F 51 23.75 58.84 -19.17
N PHE F 52 23.36 59.90 -18.46
CA PHE F 52 22.66 59.74 -17.20
C PHE F 52 21.30 60.42 -17.21
N CYS F 53 20.44 59.98 -16.29
CA CYS F 53 19.16 60.61 -15.97
C CYS F 53 18.97 60.38 -14.46
N ASN F 54 19.80 61.05 -13.65
CA ASN F 54 19.76 60.85 -12.21
C ASN F 54 18.48 61.42 -11.65
N LEU F 55 17.54 60.53 -11.29
CA LEU F 55 16.32 60.96 -10.65
C LEU F 55 16.28 60.44 -9.23
N SER F 56 17.39 60.64 -8.50
CA SER F 56 17.48 60.14 -7.13
C SER F 56 16.53 60.87 -6.19
N ASP F 57 16.20 62.12 -6.48
CA ASP F 57 15.30 62.90 -5.64
C ASP F 57 13.89 62.81 -6.18
N ALA F 58 12.92 62.68 -5.26
CA ALA F 58 11.51 62.62 -5.65
C ALA F 58 11.08 63.87 -6.39
N HIS F 59 11.66 65.02 -6.05
CA HIS F 59 11.26 66.26 -6.69
C HIS F 59 11.61 66.25 -8.17
N LYS F 60 12.80 65.77 -8.51
CA LYS F 60 13.17 65.68 -9.92
C LYS F 60 12.34 64.62 -10.63
N ARG F 61 12.04 63.52 -9.94
CA ARG F 61 11.26 62.46 -10.56
C ARG F 61 9.83 62.90 -10.85
N ASN F 62 9.28 63.82 -10.06
CA ASN F 62 7.90 64.22 -10.32
C ASN F 62 7.81 65.22 -11.46
N LEU F 63 8.82 66.09 -11.62
CA LEU F 63 8.84 67.00 -12.74
C LEU F 63 9.04 66.27 -14.06
N TYR F 64 9.74 65.14 -14.03
CA TYR F 64 9.93 64.35 -15.23
C TYR F 64 8.65 63.61 -15.61
N ASP F 65 7.96 63.02 -14.63
CA ASP F 65 6.67 62.40 -14.93
C ASP F 65 5.65 63.46 -15.34
N LYS F 66 5.73 64.64 -14.72
CA LYS F 66 4.80 65.72 -15.03
C LYS F 66 5.02 66.24 -16.44
N ALA F 67 6.28 66.29 -16.87
CA ALA F 67 6.56 66.77 -18.23
C ALA F 67 6.04 65.79 -19.26
N LEU F 68 6.24 64.49 -19.07
CA LEU F 68 5.78 63.54 -20.09
C LEU F 68 4.28 63.36 -20.07
N MET F 69 3.64 63.50 -18.89
CA MET F 69 2.18 63.42 -18.86
C MET F 69 1.56 64.55 -19.66
N SER F 70 2.18 65.73 -19.62
CA SER F 70 1.72 66.86 -20.41
C SER F 70 1.75 66.55 -21.91
N ILE F 71 2.73 65.78 -22.35
CA ILE F 71 2.72 65.35 -23.75
C ILE F 71 1.66 64.30 -23.97
N VAL F 72 1.57 63.33 -23.06
CA VAL F 72 0.64 62.21 -23.22
C VAL F 72 -0.80 62.71 -23.21
N THR F 73 -1.14 63.64 -22.31
CA THR F 73 -2.51 64.14 -22.28
C THR F 73 -2.82 64.99 -23.50
N THR F 74 -1.89 65.86 -23.90
CA THR F 74 -2.19 66.75 -25.02
C THR F 74 -2.35 65.99 -26.33
N PHE F 75 -1.44 65.06 -26.62
CA PHE F 75 -1.47 64.32 -27.87
C PHE F 75 -2.31 63.04 -27.81
N HIS F 76 -2.99 62.78 -26.70
CA HIS F 76 -3.79 61.56 -26.55
C HIS F 76 -3.02 60.33 -26.99
N LEU F 77 -1.81 60.18 -26.45
CA LEU F 77 -0.98 59.06 -26.83
C LEU F 77 -1.42 57.81 -26.09
N ASN F 78 -1.39 56.69 -26.79
CA ASN F 78 -1.63 55.39 -26.16
C ASN F 78 -0.47 54.53 -26.65
N ILE F 79 0.57 54.47 -25.84
CA ILE F 79 1.81 53.80 -26.24
C ILE F 79 1.67 52.30 -25.95
N PRO F 80 1.98 51.44 -26.90
CA PRO F 80 1.95 50.00 -26.61
C PRO F 80 3.07 49.63 -25.67
N ASN F 81 2.93 48.46 -25.03
CA ASN F 81 4.00 47.85 -24.24
C ASN F 81 4.57 46.67 -25.03
N PHE F 82 5.79 46.84 -25.52
CA PHE F 82 6.49 45.85 -26.32
C PHE F 82 7.78 45.43 -25.65
N ASN F 83 7.96 45.77 -24.37
CA ASN F 83 9.20 45.55 -23.64
C ASN F 83 10.38 46.13 -24.41
N GLN F 84 10.24 47.39 -24.81
CA GLN F 84 11.25 48.17 -25.53
C GLN F 84 11.59 49.47 -24.81
N TYR F 85 12.57 50.19 -25.34
CA TYR F 85 13.10 51.28 -24.55
C TYR F 85 13.91 52.22 -25.44
N GLU F 86 13.70 53.54 -25.28
CA GLU F 86 14.51 54.53 -25.99
C GLU F 86 15.61 55.04 -25.08
N VAL F 87 16.85 54.98 -25.58
CA VAL F 87 17.96 55.59 -24.88
C VAL F 87 17.62 57.04 -24.59
N MET F 88 17.88 57.48 -23.36
CA MET F 88 17.53 58.83 -22.97
C MET F 88 18.52 59.37 -21.96
N SER F 89 18.81 60.67 -22.06
CA SER F 89 19.45 61.42 -20.99
C SER F 89 18.53 62.55 -20.54
N CYS F 90 18.65 62.94 -19.27
CA CYS F 90 17.90 64.09 -18.77
C CYS F 90 18.82 64.97 -17.93
N ASP F 91 18.39 66.20 -17.70
CA ASP F 91 19.14 67.10 -16.82
C ASP F 91 18.25 68.27 -16.44
N PHE F 92 18.62 68.97 -15.37
CA PHE F 92 17.80 70.05 -14.83
C PHE F 92 18.59 71.33 -14.70
N ASN F 93 17.88 72.43 -14.89
CA ASN F 93 18.43 73.77 -14.72
C ASN F 93 17.42 74.47 -13.82
N GLY F 94 17.69 74.47 -12.52
CA GLY F 94 16.81 75.09 -11.55
C GLY F 94 15.36 74.58 -11.63
N GLY F 95 15.20 73.26 -11.71
CA GLY F 95 13.88 72.65 -11.75
C GLY F 95 13.19 72.65 -13.10
N LYS F 96 13.84 73.11 -14.17
CA LYS F 96 13.30 73.03 -15.52
C LYS F 96 14.07 71.93 -16.23
N ILE F 97 13.34 70.90 -16.64
CA ILE F 97 13.95 69.67 -17.15
C ILE F 97 14.32 69.81 -18.62
N THR F 98 15.34 69.06 -19.02
CA THR F 98 15.70 68.87 -20.41
C THR F 98 15.86 67.38 -20.63
N VAL F 99 15.04 66.81 -21.50
CA VAL F 99 15.07 65.38 -21.78
C VAL F 99 15.51 65.19 -23.22
N GLN F 100 16.46 64.28 -23.44
CA GLN F 100 17.00 64.02 -24.77
C GLN F 100 16.94 62.53 -25.06
N TYR F 101 16.27 62.18 -26.16
CA TYR F 101 16.22 60.81 -26.64
C TYR F 101 17.22 60.64 -27.78
N ASN F 102 18.08 59.63 -27.67
CA ASN F 102 18.97 59.30 -28.78
C ASN F 102 18.22 58.28 -29.63
N LEU F 103 17.53 58.76 -30.68
CA LEU F 103 16.58 57.91 -31.39
C LEU F 103 17.29 56.78 -32.14
N SER F 104 16.59 55.66 -32.22
CA SER F 104 17.01 54.47 -32.95
C SER F 104 15.88 54.09 -33.89
N HIS F 105 15.66 54.93 -34.90
CA HIS F 105 14.59 54.74 -35.86
C HIS F 105 15.09 54.92 -37.28
N SER F 106 16.40 54.79 -37.50
CA SER F 106 16.94 55.09 -38.82
C SER F 106 16.65 54.02 -39.85
N SER F 107 16.35 52.78 -39.42
CA SER F 107 16.02 51.68 -40.32
C SER F 107 14.66 51.11 -39.96
N TYR F 108 14.18 50.20 -40.80
CA TYR F 108 12.86 49.63 -40.58
C TYR F 108 12.86 48.72 -39.36
N VAL F 109 13.91 47.90 -39.22
CA VAL F 109 14.06 47.03 -38.05
C VAL F 109 14.18 47.84 -36.76
N ASP F 110 14.96 48.93 -36.79
CA ASP F 110 15.13 49.68 -35.55
C ASP F 110 13.84 50.38 -35.17
N ALA F 111 13.10 50.89 -36.17
CA ALA F 111 11.81 51.51 -35.90
C ALA F 111 10.88 50.53 -35.23
N ALA F 112 10.92 49.27 -35.67
CA ALA F 112 10.04 48.26 -35.12
C ALA F 112 10.44 47.86 -33.71
N ASN F 113 11.74 47.88 -33.42
CA ASN F 113 12.19 47.46 -32.10
C ASN F 113 12.12 48.57 -31.09
N HIS F 114 11.76 49.78 -31.50
CA HIS F 114 11.63 50.95 -30.64
C HIS F 114 10.30 51.62 -30.86
N CYS F 115 9.25 50.80 -30.92
CA CYS F 115 7.93 51.27 -31.27
C CYS F 115 7.06 51.54 -30.05
N GLY F 116 7.22 50.74 -28.98
CA GLY F 116 6.45 50.94 -27.77
C GLY F 116 7.08 51.95 -26.83
N THR F 117 7.39 53.13 -27.34
CA THR F 117 8.03 54.19 -26.58
C THR F 117 7.28 55.49 -26.80
N ILE F 118 7.40 56.40 -25.83
CA ILE F 118 6.72 57.69 -25.92
C ILE F 118 7.28 58.51 -27.09
N ALA F 119 8.58 58.40 -27.34
CA ALA F 119 9.17 59.09 -28.49
C ALA F 119 8.47 58.71 -29.79
N ASN F 120 8.20 57.42 -29.99
CA ASN F 120 7.56 57.01 -31.24
C ASN F 120 6.15 57.57 -31.35
N GLY F 121 5.40 57.62 -30.24
CA GLY F 121 4.08 58.22 -30.27
C GLY F 121 4.12 59.71 -30.54
N ILE F 122 5.11 60.41 -29.99
CA ILE F 122 5.30 61.82 -30.31
C ILE F 122 5.54 62.00 -31.80
N MET F 123 6.51 61.26 -32.36
CA MET F 123 6.86 61.45 -33.76
C MET F 123 5.69 61.15 -34.69
N ASP F 124 4.86 60.16 -34.34
CA ASP F 124 3.71 59.85 -35.19
C ASP F 124 2.68 60.96 -35.18
N THR F 125 2.63 61.74 -34.08
CA THR F 125 1.80 62.94 -34.06
C THR F 125 2.35 64.02 -34.99
N PHE F 126 3.68 64.18 -35.01
CA PHE F 126 4.29 65.13 -35.94
C PHE F 126 3.93 64.78 -37.37
N ARG F 127 4.04 63.50 -37.71
CA ARG F 127 3.70 63.03 -39.05
C ARG F 127 2.24 63.29 -39.37
N ARG F 128 1.34 62.96 -38.44
CA ARG F 128 -0.08 63.07 -38.74
C ARG F 128 -0.55 64.51 -38.74
N MET F 129 0.05 65.36 -37.92
CA MET F 129 -0.27 66.78 -38.02
C MET F 129 0.53 67.48 -39.11
N TYR F 130 1.34 66.73 -39.87
CA TYR F 130 2.23 67.31 -40.89
C TYR F 130 3.07 68.45 -40.32
N TRP F 131 3.72 68.20 -39.18
CA TRP F 131 4.73 69.11 -38.65
C TRP F 131 6.12 68.68 -39.09
N SER F 132 6.23 67.59 -39.85
CA SER F 132 7.53 67.18 -40.35
C SER F 132 7.34 66.38 -41.63
N ASN F 133 8.36 66.40 -42.48
CA ASN F 133 8.37 65.58 -43.68
C ASN F 133 9.40 64.47 -43.61
N ALA F 134 10.16 64.39 -42.53
CA ALA F 134 11.20 63.39 -42.36
C ALA F 134 10.76 62.23 -41.46
N LEU F 135 9.47 61.89 -41.46
CA LEU F 135 8.94 60.81 -40.62
C LEU F 135 8.09 59.88 -41.48
N SER F 136 8.45 58.60 -41.51
CA SER F 136 7.75 57.64 -42.36
C SER F 136 7.25 56.45 -41.54
N PRO F 137 6.13 55.87 -41.94
CA PRO F 137 5.66 54.63 -41.32
C PRO F 137 6.57 53.47 -41.62
N SER F 138 6.78 52.64 -40.60
CA SER F 138 7.56 51.43 -40.73
C SER F 138 6.72 50.17 -40.55
N GLU F 139 6.11 49.99 -39.39
CA GLU F 139 5.30 48.79 -39.15
C GLU F 139 4.03 49.18 -38.42
N TYR F 140 2.98 48.38 -38.64
CA TYR F 140 1.66 48.65 -38.05
C TYR F 140 1.30 47.45 -37.17
N ILE F 141 1.40 47.62 -35.85
CA ILE F 141 0.96 46.61 -34.90
C ILE F 141 0.16 47.29 -33.81
N SER F 142 -0.85 46.59 -33.31
CA SER F 142 -1.63 47.04 -32.16
C SER F 142 -2.21 48.44 -32.39
N GLY F 143 -2.67 48.70 -33.61
CA GLY F 143 -3.23 50.00 -33.93
C GLY F 143 -2.26 51.15 -33.82
N THR F 144 -0.95 50.88 -33.83
CA THR F 144 0.08 51.88 -33.69
C THR F 144 0.99 51.84 -34.90
N THR F 145 1.46 53.02 -35.33
CA THR F 145 2.44 53.12 -36.39
C THR F 145 3.84 53.28 -35.80
N CYS F 146 4.72 52.36 -36.16
CA CYS F 146 6.11 52.44 -35.78
C CYS F 146 6.80 53.38 -36.75
N ILE F 147 7.47 54.43 -36.22
CA ILE F 147 7.99 55.55 -37.02
C ILE F 147 9.45 55.33 -37.35
N GLN F 148 9.81 55.61 -38.60
CA GLN F 148 11.18 55.66 -39.09
C GLN F 148 11.59 57.09 -39.39
N THR F 149 12.84 57.43 -39.10
CA THR F 149 13.36 58.76 -39.38
C THR F 149 14.88 58.74 -39.30
N ALA F 150 15.52 59.69 -39.98
CA ALA F 150 16.96 59.82 -39.90
C ALA F 150 17.39 60.77 -38.79
N TYR F 151 16.46 61.55 -38.25
CA TYR F 151 16.79 62.40 -37.12
C TYR F 151 17.46 61.57 -36.03
N GLN F 152 18.47 62.15 -35.42
CA GLN F 152 19.28 61.52 -34.40
C GLN F 152 18.77 61.79 -33.00
N TYR F 153 18.12 62.93 -32.75
CA TYR F 153 17.66 63.23 -31.40
C TYR F 153 16.25 63.81 -31.42
N LEU F 154 15.53 63.55 -30.32
CA LEU F 154 14.28 64.23 -30.01
C LEU F 154 14.44 64.85 -28.63
N ILE F 155 14.27 66.17 -28.54
CA ILE F 155 14.58 66.94 -27.34
C ILE F 155 13.31 67.55 -26.79
N ILE F 156 13.13 67.43 -25.47
CA ILE F 156 12.01 68.00 -24.75
C ILE F 156 12.58 68.97 -23.72
N GLN F 157 12.06 70.20 -23.72
CA GLN F 157 12.54 71.23 -22.83
C GLN F 157 11.40 72.04 -22.23
N ASN F 158 11.46 72.24 -20.91
CA ASN F 158 10.55 73.16 -20.24
C ASN F 158 11.03 74.59 -20.55
N THR F 159 10.24 75.31 -21.33
CA THR F 159 10.62 76.64 -21.77
C THR F 159 9.36 77.51 -21.83
N THR F 160 9.55 78.76 -22.21
CA THR F 160 8.50 79.74 -22.37
C THR F 160 8.25 80.07 -23.84
N TRP F 161 7.10 80.68 -24.11
CA TRP F 161 6.75 81.00 -25.48
C TRP F 161 7.71 82.02 -26.08
N GLU F 162 8.18 82.96 -25.26
CA GLU F 162 9.11 83.96 -25.80
C GLU F 162 10.46 83.36 -26.12
N ASP F 163 10.83 82.24 -25.48
CA ASP F 163 12.14 81.65 -25.73
C ASP F 163 12.08 80.32 -26.43
N HIS F 164 10.89 79.85 -26.83
CA HIS F 164 10.80 78.47 -27.28
C HIS F 164 11.61 78.19 -28.54
N CYS F 165 11.93 79.21 -29.33
CA CYS F 165 12.68 79.05 -30.56
C CYS F 165 14.19 78.99 -30.32
N VAL F 166 14.62 79.11 -29.06
CA VAL F 166 16.01 79.01 -28.67
C VAL F 166 16.16 77.95 -27.58
N PHE F 167 17.11 77.04 -27.76
CA PHE F 167 17.37 76.00 -26.76
C PHE F 167 17.81 76.62 -25.45
N SER F 168 17.12 76.26 -24.37
CA SER F 168 17.57 76.65 -23.05
C SER F 168 18.82 75.88 -22.66
N ARG F 169 19.64 76.49 -21.80
CA ARG F 169 20.82 75.80 -21.32
C ARG F 169 20.40 74.62 -20.43
N PRO F 170 20.89 73.41 -20.70
CA PRO F 170 20.42 72.25 -19.94
C PRO F 170 20.90 72.25 -18.49
N SER F 171 22.16 72.60 -18.27
CA SER F 171 22.74 72.60 -16.93
C SER F 171 23.35 73.95 -16.58
N THR G 16 -50.68 17.27 46.52
CA THR G 16 -50.20 16.36 45.48
C THR G 16 -48.82 16.80 44.99
N MET G 17 -47.89 15.85 44.94
CA MET G 17 -46.53 16.05 44.51
C MET G 17 -46.30 15.20 43.27
N PRO G 18 -45.49 15.67 42.31
CA PRO G 18 -45.26 14.91 41.08
C PRO G 18 -44.73 13.50 41.33
N LEU G 19 -44.86 12.66 40.30
CA LEU G 19 -44.39 11.27 40.39
C LEU G 19 -42.92 11.15 40.00
N SER G 20 -42.24 10.21 40.64
CA SER G 20 -40.93 9.78 40.17
C SER G 20 -41.06 8.67 39.15
N CYS G 21 -41.94 7.71 39.41
CA CYS G 21 -42.27 6.63 38.45
C CYS G 21 -43.28 7.17 37.45
N SER G 22 -42.75 7.75 36.38
CA SER G 22 -43.52 8.32 35.28
C SER G 22 -42.95 7.80 33.97
N LYS G 23 -43.74 7.88 32.91
CA LYS G 23 -43.22 7.50 31.60
C LYS G 23 -42.27 8.55 31.06
N ASN G 24 -42.38 9.78 31.54
CA ASN G 24 -41.50 10.87 31.11
C ASN G 24 -40.16 10.85 31.80
N ASN G 25 -39.89 9.87 32.67
CA ASN G 25 -38.66 9.83 33.45
C ASN G 25 -38.02 8.45 33.39
N SER G 26 -36.73 8.41 33.78
CA SER G 26 -36.02 7.18 34.09
C SER G 26 -35.68 7.20 35.57
N HIS G 27 -35.80 6.05 36.24
CA HIS G 27 -35.66 6.03 37.69
C HIS G 27 -35.17 4.66 38.14
N HIS G 28 -34.48 4.65 39.28
CA HIS G 28 -34.04 3.43 39.96
C HIS G 28 -33.97 3.71 41.44
N TYR G 29 -34.14 2.66 42.24
CA TYR G 29 -34.17 2.78 43.69
C TYR G 29 -33.09 1.89 44.29
N ILE G 30 -32.27 2.47 45.16
CA ILE G 30 -31.21 1.76 45.87
C ILE G 30 -31.61 1.52 47.31
N GLN G 31 -31.60 0.26 47.73
CA GLN G 31 -31.87 -0.07 49.12
C GLN G 31 -30.57 -0.01 49.92
N VAL G 32 -30.50 0.93 50.87
CA VAL G 32 -29.32 1.05 51.71
C VAL G 32 -29.47 0.26 53.01
N ARG G 33 -30.65 0.30 53.63
CA ARG G 33 -30.89 -0.42 54.87
C ARG G 33 -32.23 -1.15 54.78
N ASN G 34 -32.64 -1.79 55.88
CA ASN G 34 -33.87 -2.58 55.91
C ASN G 34 -35.03 -1.84 55.27
N ASP G 35 -35.22 -0.58 55.64
CA ASP G 35 -36.40 0.20 55.29
C ASP G 35 -36.11 1.38 54.37
N THR G 36 -34.96 2.04 54.53
CA THR G 36 -34.67 3.28 53.83
C THR G 36 -33.80 3.02 52.60
N GLY G 37 -33.91 3.91 51.62
CA GLY G 37 -33.11 3.84 50.42
C GLY G 37 -33.09 5.18 49.71
N LEU G 38 -32.55 5.19 48.50
CA LEU G 38 -32.49 6.41 47.70
C LEU G 38 -33.12 6.22 46.34
N GLU G 39 -33.82 7.26 45.89
CA GLU G 39 -34.53 7.25 44.61
C GLU G 39 -33.88 8.28 43.70
N LEU G 40 -33.28 7.80 42.62
CA LEU G 40 -32.58 8.64 41.66
C LEU G 40 -33.45 8.76 40.41
N THR G 41 -33.70 9.98 39.97
CA THR G 41 -34.68 10.21 38.91
C THR G 41 -34.14 11.18 37.87
N LEU G 42 -34.07 10.75 36.62
CA LEU G 42 -33.79 11.64 35.51
C LEU G 42 -35.13 12.18 35.03
N THR G 43 -35.24 13.50 34.97
CA THR G 43 -36.53 14.13 34.74
C THR G 43 -36.33 15.55 34.24
N ASN G 44 -37.44 16.13 33.78
CA ASN G 44 -37.53 17.54 33.43
C ASN G 44 -38.40 18.33 34.40
N THR G 45 -38.76 17.77 35.56
CA THR G 45 -39.41 18.53 36.61
C THR G 45 -38.37 18.82 37.68
N SER G 46 -38.30 20.06 38.13
CA SER G 46 -37.38 20.44 39.21
C SER G 46 -38.17 20.59 40.51
N LEU G 47 -37.56 20.19 41.62
CA LEU G 47 -38.20 20.31 42.92
C LEU G 47 -37.62 21.41 43.80
N LEU G 48 -36.44 21.90 43.48
CA LEU G 48 -35.78 22.93 44.28
C LEU G 48 -35.68 24.19 43.44
N ASP G 49 -36.34 25.26 43.92
CA ASP G 49 -36.30 26.56 43.28
C ASP G 49 -34.99 27.28 43.62
N HIS G 50 -34.58 27.20 44.88
CA HIS G 50 -33.42 27.96 45.34
C HIS G 50 -32.13 27.39 44.72
N LYS G 51 -31.05 28.11 44.94
CA LYS G 51 -29.75 27.79 44.37
C LYS G 51 -28.75 27.32 45.42
N PHE G 52 -29.19 27.17 46.65
CA PHE G 52 -28.35 26.98 47.82
C PHE G 52 -28.18 25.50 48.15
N CYS G 53 -27.18 25.20 48.98
CA CYS G 53 -27.00 23.89 49.62
C CYS G 53 -26.42 24.18 51.01
N ASN G 54 -27.26 24.72 51.91
CA ASN G 54 -26.81 25.12 53.23
C ASN G 54 -26.40 23.89 54.02
N LEU G 55 -25.09 23.67 54.14
CA LEU G 55 -24.63 22.59 54.99
C LEU G 55 -23.76 23.15 56.12
N SER G 56 -24.26 24.21 56.79
CA SER G 56 -23.54 24.77 57.93
C SER G 56 -23.53 23.79 59.10
N ASP G 57 -24.55 22.93 59.11
CA ASP G 57 -24.78 21.91 60.11
C ASP G 57 -23.86 20.72 59.79
N ALA G 58 -22.93 20.42 60.71
CA ALA G 58 -22.07 19.25 60.53
C ALA G 58 -22.91 18.00 60.29
N HIS G 59 -24.08 17.92 60.92
CA HIS G 59 -24.95 16.78 60.75
C HIS G 59 -25.49 16.71 59.32
N LYS G 60 -25.87 17.87 58.76
CA LYS G 60 -26.32 17.91 57.36
C LYS G 60 -25.19 17.61 56.41
N ARG G 61 -23.99 18.13 56.74
CA ARG G 61 -22.84 17.88 55.90
C ARG G 61 -22.51 16.40 55.86
N ASN G 62 -22.80 15.69 56.95
CA ASN G 62 -22.49 14.27 57.02
C ASN G 62 -23.56 13.41 56.35
N LEU G 63 -24.85 13.80 56.43
CA LEU G 63 -25.87 13.06 55.69
C LEU G 63 -25.79 13.29 54.19
N TYR G 64 -25.25 14.42 53.76
CA TYR G 64 -25.06 14.64 52.33
C TYR G 64 -23.96 13.75 51.80
N ASP G 65 -22.87 13.60 52.57
CA ASP G 65 -21.79 12.70 52.19
C ASP G 65 -22.27 11.26 52.20
N LYS G 66 -23.06 10.88 53.20
CA LYS G 66 -23.51 9.50 53.34
C LYS G 66 -24.44 9.12 52.20
N ALA G 67 -25.26 10.07 51.75
CA ALA G 67 -26.15 9.77 50.64
C ALA G 67 -25.36 9.55 49.35
N LEU G 68 -24.38 10.41 49.04
CA LEU G 68 -23.67 10.21 47.78
C LEU G 68 -22.69 9.05 47.88
N MET G 69 -22.15 8.83 49.08
CA MET G 69 -21.26 7.68 49.28
C MET G 69 -22.03 6.38 49.12
N SER G 70 -23.29 6.35 49.59
CA SER G 70 -24.09 5.16 49.35
C SER G 70 -24.29 4.91 47.86
N ILE G 71 -24.39 5.98 47.06
CA ILE G 71 -24.48 5.84 45.60
C ILE G 71 -23.15 5.35 45.02
N VAL G 72 -22.03 5.91 45.50
CA VAL G 72 -20.72 5.54 44.97
C VAL G 72 -20.40 4.08 45.21
N THR G 73 -20.75 3.57 46.40
CA THR G 73 -20.47 2.18 46.74
C THR G 73 -21.32 1.20 45.92
N THR G 74 -22.63 1.47 45.80
CA THR G 74 -23.51 0.52 45.13
C THR G 74 -23.20 0.41 43.65
N PHE G 75 -23.01 1.52 42.97
CA PHE G 75 -22.76 1.51 41.55
C PHE G 75 -21.28 1.33 41.21
N HIS G 76 -20.42 1.16 42.23
CA HIS G 76 -18.98 1.06 42.05
C HIS G 76 -18.44 2.11 41.09
N LEU G 77 -18.81 3.37 41.35
CA LEU G 77 -18.40 4.46 40.49
C LEU G 77 -16.95 4.84 40.75
N ASN G 78 -16.26 5.22 39.68
CA ASN G 78 -14.92 5.76 39.74
C ASN G 78 -14.99 7.06 38.94
N ILE G 79 -15.23 8.16 39.65
CA ILE G 79 -15.40 9.48 39.06
C ILE G 79 -14.04 10.11 38.85
N PRO G 80 -13.71 10.51 37.61
CA PRO G 80 -12.45 11.19 37.37
C PRO G 80 -12.44 12.57 38.00
N ASN G 81 -11.23 13.09 38.17
CA ASN G 81 -10.99 14.47 38.60
C ASN G 81 -10.58 15.29 37.38
N PHE G 82 -11.48 16.16 36.92
CA PHE G 82 -11.23 17.03 35.77
C PHE G 82 -11.30 18.49 36.19
N ASN G 83 -11.33 18.74 37.49
CA ASN G 83 -11.53 20.07 37.98
C ASN G 83 -12.89 20.56 37.52
N GLN G 84 -13.87 19.67 37.49
CA GLN G 84 -15.22 19.96 37.01
C GLN G 84 -16.33 19.94 38.06
N TYR G 85 -17.35 20.74 37.86
CA TYR G 85 -18.46 20.79 38.81
C TYR G 85 -19.85 20.86 38.17
N GLU G 86 -20.79 20.08 38.66
CA GLU G 86 -22.15 20.17 38.15
C GLU G 86 -23.02 20.98 39.11
N VAL G 87 -23.74 21.96 38.56
CA VAL G 87 -24.61 22.82 39.36
C VAL G 87 -25.54 21.96 40.20
N MET G 88 -25.69 22.30 41.49
CA MET G 88 -26.51 21.47 42.36
C MET G 88 -27.12 22.30 43.48
N SER G 89 -28.38 22.03 43.80
CA SER G 89 -29.02 22.50 45.03
C SER G 89 -29.42 21.30 45.88
N CYS G 90 -29.47 21.49 47.19
CA CYS G 90 -29.92 20.46 48.12
C CYS G 90 -30.90 21.07 49.12
N ASP G 91 -31.55 20.19 49.88
CA ASP G 91 -32.45 20.63 50.94
C ASP G 91 -32.73 19.46 51.87
N PHE G 92 -33.22 19.76 53.08
CA PHE G 92 -33.48 18.73 54.08
C PHE G 92 -34.88 18.83 54.65
N ASN G 93 -35.43 17.66 54.98
CA ASN G 93 -36.72 17.53 55.64
C ASN G 93 -36.51 16.49 56.74
N GLY G 94 -36.27 16.96 57.97
CA GLY G 94 -36.13 16.09 59.12
C GLY G 94 -35.08 15.02 58.91
N GLY G 95 -33.92 15.41 58.39
CA GLY G 95 -32.83 14.49 58.17
C GLY G 95 -32.92 13.66 56.90
N LYS G 96 -33.90 13.89 56.04
CA LYS G 96 -33.95 13.22 54.74
C LYS G 96 -33.58 14.23 53.67
N ILE G 97 -32.47 13.98 52.98
CA ILE G 97 -31.88 14.89 52.01
C ILE G 97 -32.60 14.79 50.67
N THR G 98 -32.64 15.90 49.93
CA THR G 98 -33.09 15.94 48.55
C THR G 98 -32.04 16.69 47.75
N VAL G 99 -31.40 16.01 46.79
CA VAL G 99 -30.32 16.56 45.99
C VAL G 99 -30.81 16.70 44.55
N GLN G 100 -30.59 17.88 43.95
CA GLN G 100 -31.01 18.14 42.58
C GLN G 100 -29.85 18.69 41.76
N TYR G 101 -29.49 18.00 40.68
CA TYR G 101 -28.49 18.48 39.74
C TYR G 101 -29.16 19.11 38.54
N ASN G 102 -28.75 20.34 38.20
CA ASN G 102 -29.22 21.00 36.97
C ASN G 102 -28.23 20.60 35.88
N LEU G 103 -28.55 19.54 35.14
CA LEU G 103 -27.52 18.96 34.28
C LEU G 103 -27.15 19.88 33.13
N SER G 104 -25.89 19.78 32.73
CA SER G 104 -25.36 20.49 31.58
C SER G 104 -24.70 19.45 30.69
N HIS G 105 -25.51 18.59 30.06
CA HIS G 105 -25.00 17.55 29.17
C HIS G 105 -25.79 17.50 27.87
N SER G 106 -26.44 18.59 27.50
CA SER G 106 -27.29 18.57 26.32
C SER G 106 -26.49 18.61 25.03
N SER G 107 -25.23 19.02 25.09
CA SER G 107 -24.33 19.11 23.94
C SER G 107 -23.06 18.33 24.22
N TYR G 108 -22.23 18.19 23.20
CA TYR G 108 -20.97 17.47 23.38
C TYR G 108 -19.99 18.23 24.26
N VAL G 109 -19.85 19.55 24.07
CA VAL G 109 -18.88 20.31 24.88
C VAL G 109 -19.30 20.33 26.34
N ASP G 110 -20.62 20.43 26.60
CA ASP G 110 -21.09 20.43 27.98
C ASP G 110 -20.93 19.06 28.61
N ALA G 111 -21.19 17.98 27.85
CA ALA G 111 -20.98 16.64 28.38
C ALA G 111 -19.51 16.42 28.75
N ALA G 112 -18.60 16.94 27.93
CA ALA G 112 -17.17 16.79 28.21
C ALA G 112 -16.73 17.67 29.38
N ASN G 113 -17.35 18.84 29.55
CA ASN G 113 -16.92 19.73 30.62
C ASN G 113 -17.62 19.45 31.94
N HIS G 114 -18.53 18.50 31.98
CA HIS G 114 -19.18 18.08 33.22
C HIS G 114 -19.16 16.56 33.30
N CYS G 115 -17.99 15.99 33.00
CA CYS G 115 -17.79 14.55 32.94
C CYS G 115 -17.23 13.96 34.23
N GLY G 116 -16.36 14.68 34.95
CA GLY G 116 -15.83 14.24 36.22
C GLY G 116 -16.75 14.58 37.39
N THR G 117 -18.02 14.20 37.28
CA THR G 117 -19.00 14.48 38.32
C THR G 117 -19.80 13.23 38.65
N ILE G 118 -20.32 13.21 39.87
CA ILE G 118 -21.11 12.05 40.31
C ILE G 118 -22.34 11.90 39.41
N ALA G 119 -22.92 13.02 38.99
CA ALA G 119 -24.06 12.95 38.11
C ALA G 119 -23.71 12.17 36.83
N ASN G 120 -22.55 12.43 36.24
CA ASN G 120 -22.17 11.73 35.03
C ASN G 120 -21.92 10.24 35.30
N GLY G 121 -21.32 9.91 36.44
CA GLY G 121 -21.15 8.51 36.78
C GLY G 121 -22.48 7.81 37.01
N ILE G 122 -23.44 8.52 37.62
CA ILE G 122 -24.77 7.94 37.81
C ILE G 122 -25.39 7.64 36.46
N MET G 123 -25.42 8.65 35.57
CA MET G 123 -26.09 8.47 34.30
C MET G 123 -25.46 7.37 33.46
N ASP G 124 -24.14 7.21 33.53
CA ASP G 124 -23.49 6.14 32.77
C ASP G 124 -23.85 4.77 33.33
N THR G 125 -24.16 4.69 34.62
CA THR G 125 -24.67 3.44 35.16
C THR G 125 -26.07 3.16 34.63
N PHE G 126 -26.92 4.20 34.55
CA PHE G 126 -28.23 4.03 33.92
C PHE G 126 -28.07 3.54 32.49
N ARG G 127 -27.14 4.14 31.75
CA ARG G 127 -26.91 3.74 30.36
C ARG G 127 -26.46 2.30 30.26
N ARG G 128 -25.45 1.92 31.04
CA ARG G 128 -24.92 0.55 30.99
C ARG G 128 -26.00 -0.47 31.38
N MET G 129 -26.82 -0.14 32.37
CA MET G 129 -27.88 -1.03 32.84
C MET G 129 -29.16 -0.94 32.02
N TYR G 130 -29.18 -0.13 30.95
CA TYR G 130 -30.35 0.09 30.08
C TYR G 130 -31.58 0.50 30.87
N TRP G 131 -31.41 1.49 31.73
CA TRP G 131 -32.54 2.07 32.42
C TRP G 131 -33.08 3.30 31.71
N SER G 132 -32.49 3.67 30.58
CA SER G 132 -32.97 4.81 29.81
C SER G 132 -32.54 4.65 28.36
N ASN G 133 -33.28 5.29 27.46
CA ASN G 133 -32.90 5.34 26.05
C ASN G 133 -32.36 6.70 25.67
N ALA G 134 -32.42 7.66 26.59
CA ALA G 134 -32.05 9.03 26.32
C ALA G 134 -30.68 9.39 26.86
N LEU G 135 -29.76 8.41 26.92
CA LEU G 135 -28.40 8.63 27.40
C LEU G 135 -27.42 8.11 26.37
N SER G 136 -26.57 8.98 25.84
CA SER G 136 -25.68 8.54 24.76
C SER G 136 -24.22 8.77 25.14
N PRO G 137 -23.32 7.88 24.71
CA PRO G 137 -21.89 8.10 24.94
C PRO G 137 -21.40 9.27 24.11
N SER G 138 -20.59 10.12 24.73
CA SER G 138 -20.05 11.29 24.05
C SER G 138 -18.57 11.14 23.77
N GLU G 139 -17.75 10.88 24.79
CA GLU G 139 -16.35 10.56 24.58
C GLU G 139 -15.87 9.67 25.71
N TYR G 140 -14.63 9.20 25.59
CA TYR G 140 -14.04 8.25 26.54
C TYR G 140 -12.70 8.82 26.99
N ILE G 141 -12.62 9.23 28.26
CA ILE G 141 -11.37 9.63 28.90
C ILE G 141 -11.23 8.89 30.24
N SER G 142 -10.00 8.48 30.55
CA SER G 142 -9.66 7.94 31.87
C SER G 142 -10.59 6.80 32.29
N GLY G 143 -10.88 5.91 31.36
CA GLY G 143 -11.77 4.80 31.65
C GLY G 143 -13.19 5.21 31.99
N THR G 144 -13.60 6.41 31.59
CA THR G 144 -14.93 6.96 31.85
C THR G 144 -15.59 7.36 30.53
N THR G 145 -16.90 7.18 30.48
CA THR G 145 -17.72 7.68 29.39
C THR G 145 -18.38 8.98 29.81
N CYS G 146 -18.18 10.02 29.02
CA CYS G 146 -18.89 11.28 29.24
C CYS G 146 -20.28 11.17 28.60
N ILE G 147 -21.32 11.44 29.38
CA ILE G 147 -22.70 11.16 28.99
C ILE G 147 -23.39 12.41 28.44
N GLN G 148 -24.11 12.24 27.34
CA GLN G 148 -24.93 13.29 26.77
C GLN G 148 -26.39 12.93 26.93
N THR G 149 -27.23 13.95 27.21
CA THR G 149 -28.68 13.75 27.32
C THR G 149 -29.39 15.09 27.34
N ALA G 150 -30.66 15.09 26.94
CA ALA G 150 -31.50 16.29 27.02
C ALA G 150 -32.19 16.43 28.37
N TYR G 151 -32.21 15.41 29.20
CA TYR G 151 -32.78 15.56 30.52
C TYR G 151 -32.18 16.79 31.21
N GLN G 152 -33.05 17.52 31.90
CA GLN G 152 -32.66 18.78 32.50
C GLN G 152 -32.25 18.63 33.96
N TYR G 153 -32.72 17.59 34.65
CA TYR G 153 -32.43 17.41 36.07
C TYR G 153 -32.13 15.96 36.35
N LEU G 154 -31.29 15.76 37.38
CA LEU G 154 -31.13 14.48 38.03
C LEU G 154 -31.37 14.72 39.52
N ILE G 155 -32.30 13.99 40.10
CA ILE G 155 -32.72 14.21 41.47
C ILE G 155 -32.43 12.96 42.29
N ILE G 156 -31.90 13.17 43.49
CA ILE G 156 -31.63 12.13 44.48
C ILE G 156 -32.42 12.45 45.74
N GLN G 157 -33.18 11.49 46.25
CA GLN G 157 -33.91 11.73 47.50
C GLN G 157 -33.86 10.56 48.47
N ASN G 158 -33.61 10.88 49.75
CA ASN G 158 -33.73 9.89 50.81
C ASN G 158 -35.21 9.65 51.02
N THR G 159 -35.68 8.46 50.64
CA THR G 159 -37.10 8.14 50.68
C THR G 159 -37.29 6.70 51.15
N THR G 160 -38.55 6.30 51.19
CA THR G 160 -38.93 4.97 51.60
C THR G 160 -39.31 4.15 50.38
N TRP G 161 -39.26 2.83 50.54
CA TRP G 161 -39.59 1.95 49.43
C TRP G 161 -41.05 2.07 49.04
N GLU G 162 -41.94 2.29 50.01
CA GLU G 162 -43.35 2.48 49.69
C GLU G 162 -43.63 3.82 49.02
N ASP G 163 -42.75 4.82 49.19
CA ASP G 163 -42.97 6.14 48.62
C ASP G 163 -42.02 6.46 47.46
N HIS G 164 -41.17 5.51 47.04
CA HIS G 164 -40.11 5.89 46.10
C HIS G 164 -40.67 6.39 44.78
N CYS G 165 -41.90 5.98 44.41
CA CYS G 165 -42.52 6.37 43.16
C CYS G 165 -43.20 7.73 43.21
N VAL G 166 -43.16 8.42 44.35
CA VAL G 166 -43.72 9.75 44.46
C VAL G 166 -42.64 10.66 45.05
N PHE G 167 -42.44 11.82 44.45
CA PHE G 167 -41.45 12.73 44.99
C PHE G 167 -41.82 13.15 46.40
N SER G 168 -40.90 12.94 47.34
CA SER G 168 -41.12 13.49 48.67
C SER G 168 -40.94 15.00 48.61
N ARG G 169 -41.66 15.68 49.47
CA ARG G 169 -41.50 17.11 49.60
C ARG G 169 -40.08 17.41 50.10
N PRO G 170 -39.38 18.39 49.50
CA PRO G 170 -37.95 18.56 49.80
C PRO G 170 -37.69 19.27 51.12
N SER G 171 -38.40 20.38 51.37
CA SER G 171 -38.24 21.11 52.63
C SER G 171 -39.62 21.32 53.24
N THR H 16 -43.76 -23.39 21.44
CA THR H 16 -43.29 -24.08 20.24
C THR H 16 -43.02 -23.08 19.12
N MET H 17 -41.83 -23.19 18.52
CA MET H 17 -41.41 -22.31 17.43
C MET H 17 -41.11 -23.12 16.18
N PRO H 18 -41.36 -22.55 15.00
CA PRO H 18 -41.03 -23.24 13.75
C PRO H 18 -39.56 -23.59 13.70
N LEU H 19 -39.24 -24.53 12.82
CA LEU H 19 -37.86 -24.99 12.66
C LEU H 19 -37.10 -24.11 11.70
N SER H 20 -35.82 -23.95 11.99
CA SER H 20 -34.94 -23.32 11.03
C SER H 20 -34.33 -24.36 10.09
N CYS H 21 -33.89 -25.50 10.65
CA CYS H 21 -33.37 -26.62 9.87
C CYS H 21 -34.56 -27.43 9.34
N SER H 22 -35.08 -26.98 8.20
CA SER H 22 -36.20 -27.62 7.53
C SER H 22 -35.87 -27.81 6.05
N LYS H 23 -36.57 -28.73 5.40
CA LYS H 23 -36.25 -29.01 4.01
C LYS H 23 -36.75 -27.92 3.08
N ASN H 24 -37.82 -27.21 3.45
CA ASN H 24 -38.27 -26.04 2.72
C ASN H 24 -37.40 -24.81 2.97
N ASN H 25 -36.31 -24.93 3.72
CA ASN H 25 -35.45 -23.79 4.01
C ASN H 25 -34.00 -24.11 3.66
N SER H 26 -33.23 -23.04 3.49
CA SER H 26 -31.78 -23.07 3.44
C SER H 26 -31.27 -22.31 4.66
N HIS H 27 -30.19 -22.80 5.27
CA HIS H 27 -29.75 -22.23 6.52
C HIS H 27 -28.25 -22.43 6.72
N HIS H 28 -27.65 -21.52 7.48
CA HIS H 28 -26.27 -21.66 7.89
C HIS H 28 -26.08 -20.91 9.20
N TYR H 29 -25.13 -21.38 10.01
CA TYR H 29 -24.89 -20.86 11.35
C TYR H 29 -23.45 -20.42 11.49
N ILE H 30 -23.26 -19.15 11.90
CA ILE H 30 -21.94 -18.56 12.14
C ILE H 30 -21.70 -18.48 13.64
N GLN H 31 -20.65 -19.16 14.09
CA GLN H 31 -20.19 -19.11 15.47
C GLN H 31 -19.24 -17.94 15.65
N VAL H 32 -19.64 -16.98 16.49
CA VAL H 32 -18.76 -15.83 16.72
C VAL H 32 -17.84 -16.07 17.90
N ARG H 33 -18.34 -16.70 18.97
CA ARG H 33 -17.59 -17.01 20.17
C ARG H 33 -17.84 -18.48 20.48
N ASN H 34 -17.33 -18.95 21.61
CA ASN H 34 -17.35 -20.39 21.88
C ASN H 34 -18.78 -20.94 21.88
N ASP H 35 -19.72 -20.18 22.43
CA ASP H 35 -21.08 -20.69 22.55
C ASP H 35 -22.11 -19.90 21.74
N THR H 36 -21.92 -18.59 21.58
CA THR H 36 -22.89 -17.73 20.90
C THR H 36 -22.57 -17.64 19.42
N GLY H 37 -23.62 -17.46 18.60
CA GLY H 37 -23.46 -17.32 17.17
C GLY H 37 -24.70 -16.74 16.51
N LEU H 38 -24.71 -16.78 15.17
CA LEU H 38 -25.85 -16.28 14.40
C LEU H 38 -26.38 -17.37 13.48
N GLU H 39 -27.70 -17.54 13.44
CA GLU H 39 -28.36 -18.50 12.56
C GLU H 39 -29.08 -17.73 11.46
N LEU H 40 -28.52 -17.78 10.24
CA LEU H 40 -29.15 -17.21 9.05
C LEU H 40 -30.02 -18.24 8.33
N THR H 41 -31.26 -17.84 8.00
CA THR H 41 -32.25 -18.77 7.46
C THR H 41 -33.03 -18.11 6.34
N LEU H 42 -33.01 -18.72 5.15
CA LEU H 42 -33.91 -18.36 4.06
C LEU H 42 -35.16 -19.20 4.12
N THR H 43 -36.31 -18.54 4.12
CA THR H 43 -37.57 -19.22 4.38
C THR H 43 -38.74 -18.41 3.84
N ASN H 44 -39.92 -19.05 3.82
CA ASN H 44 -41.19 -18.37 3.57
C ASN H 44 -42.04 -18.18 4.82
N THR H 45 -41.53 -18.52 5.99
CA THR H 45 -42.18 -18.18 7.25
C THR H 45 -41.56 -16.91 7.82
N SER H 46 -42.39 -15.97 8.23
CA SER H 46 -41.94 -14.72 8.84
C SER H 46 -42.17 -14.79 10.34
N LEU H 47 -41.27 -14.16 11.10
CA LEU H 47 -41.39 -14.11 12.55
C LEU H 47 -41.79 -12.75 13.08
N LEU H 48 -41.67 -11.71 12.28
CA LEU H 48 -42.00 -10.36 12.71
C LEU H 48 -43.10 -9.79 11.82
N ASP H 49 -44.25 -9.43 12.45
CA ASP H 49 -45.35 -8.82 11.69
C ASP H 49 -45.08 -7.35 11.44
N HIS H 50 -44.56 -6.65 12.44
CA HIS H 50 -44.37 -5.21 12.35
C HIS H 50 -43.28 -4.88 11.33
N LYS H 51 -43.37 -3.67 10.79
CA LYS H 51 -42.36 -3.15 9.87
C LYS H 51 -41.45 -2.16 10.58
N PHE H 52 -41.06 -2.46 11.81
CA PHE H 52 -40.28 -1.55 12.61
C PHE H 52 -38.87 -2.10 12.80
N CYS H 53 -37.93 -1.18 13.08
CA CYS H 53 -36.61 -1.54 13.54
C CYS H 53 -36.12 -0.39 14.42
N ASN H 54 -36.74 -0.26 15.59
CA ASN H 54 -36.48 0.86 16.49
C ASN H 54 -35.12 0.65 17.14
N LEU H 55 -34.12 1.44 16.72
CA LEU H 55 -32.80 1.40 17.37
C LEU H 55 -32.61 2.74 18.04
N SER H 56 -33.56 3.12 18.90
CA SER H 56 -33.52 4.41 19.56
C SER H 56 -32.30 4.57 20.46
N ASP H 57 -31.74 3.48 20.96
CA ASP H 57 -30.61 3.52 21.87
C ASP H 57 -29.32 3.14 21.14
N ALA H 58 -28.21 3.77 21.53
CA ALA H 58 -26.89 3.37 21.07
C ALA H 58 -26.63 1.90 21.31
N HIS H 59 -27.18 1.38 22.41
CA HIS H 59 -26.95 -0.02 22.74
C HIS H 59 -27.62 -0.95 21.75
N LYS H 60 -28.87 -0.69 21.41
CA LYS H 60 -29.54 -1.53 20.42
C LYS H 60 -28.95 -1.31 19.04
N ARG H 61 -28.58 -0.06 18.74
CA ARG H 61 -27.99 0.23 17.44
C ARG H 61 -26.63 -0.43 17.25
N ASN H 62 -25.87 -0.62 18.33
CA ASN H 62 -24.56 -1.24 18.17
C ASN H 62 -24.68 -2.76 18.12
N LEU H 63 -25.65 -3.32 18.84
CA LEU H 63 -25.90 -4.76 18.75
C LEU H 63 -26.34 -5.12 17.34
N TYR H 64 -27.01 -4.21 16.66
CA TYR H 64 -27.37 -4.44 15.26
C TYR H 64 -26.14 -4.35 14.37
N ASP H 65 -25.26 -3.38 14.65
CA ASP H 65 -24.06 -3.19 13.84
C ASP H 65 -23.10 -4.35 14.00
N LYS H 66 -22.93 -4.86 15.22
CA LYS H 66 -21.94 -5.91 15.44
C LYS H 66 -22.43 -7.26 14.95
N ALA H 67 -23.73 -7.53 15.01
CA ALA H 67 -24.24 -8.77 14.42
C ALA H 67 -23.94 -8.81 12.93
N LEU H 68 -24.15 -7.70 12.22
CA LEU H 68 -23.92 -7.73 10.78
C LEU H 68 -22.46 -7.66 10.44
N MET H 69 -21.65 -7.01 11.29
CA MET H 69 -20.23 -6.97 11.00
C MET H 69 -19.61 -8.35 11.11
N SER H 70 -20.08 -9.16 12.07
CA SER H 70 -19.58 -10.52 12.15
C SER H 70 -19.95 -11.30 10.90
N ILE H 71 -21.09 -10.98 10.28
CA ILE H 71 -21.44 -11.63 9.01
C ILE H 71 -20.55 -11.11 7.88
N VAL H 72 -20.33 -9.81 7.81
CA VAL H 72 -19.53 -9.26 6.70
C VAL H 72 -18.11 -9.77 6.80
N THR H 73 -17.59 -9.85 8.01
CA THR H 73 -16.23 -10.37 8.22
C THR H 73 -16.13 -11.85 7.90
N THR H 74 -17.10 -12.66 8.31
CA THR H 74 -16.97 -14.10 8.11
C THR H 74 -17.02 -14.47 6.64
N PHE H 75 -17.99 -13.91 5.89
CA PHE H 75 -18.17 -14.21 4.48
C PHE H 75 -17.34 -13.33 3.57
N HIS H 76 -16.49 -12.46 4.11
CA HIS H 76 -15.71 -11.49 3.35
C HIS H 76 -16.60 -10.76 2.35
N LEU H 77 -17.72 -10.24 2.84
CA LEU H 77 -18.65 -9.57 1.95
C LEU H 77 -18.08 -8.23 1.56
N ASN H 78 -18.29 -7.87 0.30
CA ASN H 78 -17.95 -6.55 -0.22
C ASN H 78 -19.21 -6.09 -0.93
N ILE H 79 -20.01 -5.29 -0.23
CA ILE H 79 -21.31 -4.84 -0.71
C ILE H 79 -21.12 -3.59 -1.55
N PRO H 80 -21.61 -3.55 -2.79
CA PRO H 80 -21.51 -2.33 -3.58
C PRO H 80 -22.47 -1.27 -3.05
N ASN H 81 -22.19 -0.01 -3.42
CA ASN H 81 -23.09 1.10 -3.11
C ASN H 81 -23.87 1.51 -4.35
N PHE H 82 -25.17 1.20 -4.35
CA PHE H 82 -26.06 1.54 -5.45
C PHE H 82 -27.21 2.42 -5.01
N ASN H 83 -27.16 2.95 -3.80
CA ASN H 83 -28.29 3.63 -3.19
C ASN H 83 -29.53 2.73 -3.23
N GLN H 84 -29.38 1.50 -2.76
CA GLN H 84 -30.48 0.56 -2.65
C GLN H 84 -30.63 0.10 -1.21
N TYR H 85 -31.66 -0.70 -0.98
CA TYR H 85 -32.03 -0.99 0.39
C TYR H 85 -33.00 -2.16 0.43
N GLU H 86 -32.80 -3.07 1.37
CA GLU H 86 -33.70 -4.20 1.58
C GLU H 86 -34.68 -3.87 2.70
N VAL H 87 -35.97 -4.09 2.43
CA VAL H 87 -36.98 -3.93 3.47
C VAL H 87 -36.60 -4.79 4.67
N MET H 88 -36.70 -4.23 5.88
CA MET H 88 -36.23 -4.99 7.02
C MET H 88 -37.03 -4.63 8.28
N SER H 89 -37.30 -5.64 9.11
CA SER H 89 -37.75 -5.43 10.47
C SER H 89 -36.73 -6.07 11.41
N CYS H 90 -36.61 -5.53 12.63
CA CYS H 90 -35.77 -6.14 13.65
C CYS H 90 -36.52 -6.14 14.98
N ASP H 91 -35.98 -6.89 15.94
CA ASP H 91 -36.55 -6.89 17.29
C ASP H 91 -35.52 -7.52 18.22
N PHE H 92 -35.67 -7.27 19.53
CA PHE H 92 -34.74 -7.81 20.52
C PHE H 92 -35.48 -8.57 21.60
N ASN H 93 -34.84 -9.63 22.10
CA ASN H 93 -35.36 -10.44 23.19
C ASN H 93 -34.20 -10.50 24.17
N GLY H 94 -34.23 -9.62 25.16
CA GLY H 94 -33.17 -9.59 26.16
C GLY H 94 -31.80 -9.43 25.54
N GLY H 95 -31.63 -8.47 24.64
CA GLY H 95 -30.33 -8.22 24.05
C GLY H 95 -29.92 -9.17 22.95
N LYS H 96 -30.80 -10.06 22.52
CA LYS H 96 -30.54 -10.98 21.41
C LYS H 96 -31.30 -10.52 20.18
N ILE H 97 -30.56 -10.28 19.12
CA ILE H 97 -31.05 -9.65 17.90
C ILE H 97 -31.87 -10.65 17.10
N THR H 98 -32.91 -10.17 16.44
CA THR H 98 -33.65 -10.91 15.42
C THR H 98 -33.87 -9.94 14.28
N VAL H 99 -33.27 -10.20 13.12
CA VAL H 99 -33.39 -9.31 11.96
C VAL H 99 -34.09 -10.09 10.85
N GLN H 100 -35.11 -9.50 10.26
CA GLN H 100 -35.87 -10.14 9.19
C GLN H 100 -35.93 -9.21 7.99
N TYR H 101 -35.48 -9.70 6.82
CA TYR H 101 -35.60 -8.97 5.58
C TYR H 101 -36.77 -9.49 4.76
N ASN H 102 -37.64 -8.60 4.31
CA ASN H 102 -38.68 -9.00 3.36
C ASN H 102 -38.08 -8.83 1.98
N LEU H 103 -37.50 -9.90 1.44
CA LEU H 103 -36.72 -9.78 0.22
C LEU H 103 -37.59 -9.44 -0.97
N SER H 104 -36.98 -8.71 -1.93
CA SER H 104 -37.60 -8.30 -3.19
C SER H 104 -36.67 -8.74 -4.32
N HIS H 105 -36.59 -10.06 -4.53
CA HIS H 105 -35.71 -10.66 -5.52
C HIS H 105 -36.43 -11.69 -6.38
N SER H 106 -37.75 -11.58 -6.48
CA SER H 106 -38.51 -12.59 -7.21
C SER H 106 -38.41 -12.44 -8.71
N SER H 107 -38.02 -11.27 -9.21
CA SER H 107 -37.89 -11.00 -10.64
C SER H 107 -36.49 -10.48 -10.95
N TYR H 108 -36.18 -10.38 -12.25
CA TYR H 108 -34.86 -9.91 -12.67
C TYR H 108 -34.69 -8.43 -12.37
N VAL H 109 -35.70 -7.62 -12.66
CA VAL H 109 -35.60 -6.18 -12.42
C VAL H 109 -35.47 -5.88 -10.94
N ASP H 110 -36.22 -6.60 -10.10
CA ASP H 110 -36.17 -6.35 -8.67
C ASP H 110 -34.86 -6.87 -8.07
N ALA H 111 -34.35 -7.98 -8.59
CA ALA H 111 -33.04 -8.48 -8.16
C ALA H 111 -31.95 -7.45 -8.41
N ALA H 112 -32.01 -6.77 -9.56
CA ALA H 112 -31.01 -5.78 -9.90
C ALA H 112 -31.14 -4.52 -9.05
N ASN H 113 -32.36 -4.17 -8.64
CA ASN H 113 -32.58 -2.97 -7.86
C ASN H 113 -32.36 -3.20 -6.36
N HIS H 114 -32.06 -4.43 -5.94
CA HIS H 114 -31.75 -4.75 -4.55
C HIS H 114 -30.47 -5.56 -4.46
N CYS H 115 -29.47 -5.09 -5.19
CA CYS H 115 -28.22 -5.83 -5.32
C CYS H 115 -27.12 -5.31 -4.39
N GLY H 116 -27.08 -4.01 -4.13
CA GLY H 116 -26.12 -3.44 -3.21
C GLY H 116 -26.58 -3.48 -1.76
N THR H 117 -27.00 -4.66 -1.31
CA THR H 117 -27.47 -4.87 0.06
C THR H 117 -26.80 -6.09 0.66
N ILE H 118 -26.69 -6.09 1.99
CA ILE H 118 -26.04 -7.19 2.68
C ILE H 118 -26.81 -8.48 2.45
N ALA H 119 -28.14 -8.39 2.35
CA ALA H 119 -28.96 -9.57 2.06
C ALA H 119 -28.51 -10.23 0.77
N ASN H 120 -28.28 -9.44 -0.29
CA ASN H 120 -27.84 -10.03 -1.55
C ASN H 120 -26.45 -10.63 -1.44
N GLY H 121 -25.56 -9.97 -0.69
CA GLY H 121 -24.22 -10.51 -0.50
C GLY H 121 -24.23 -11.81 0.27
N ILE H 122 -25.10 -11.93 1.28
CA ILE H 122 -25.23 -13.18 2.01
C ILE H 122 -25.71 -14.29 1.09
N MET H 123 -26.82 -14.03 0.38
CA MET H 123 -27.44 -15.05 -0.46
C MET H 123 -26.48 -15.52 -1.54
N ASP H 124 -25.66 -14.62 -2.06
CA ASP H 124 -24.67 -15.02 -3.06
C ASP H 124 -23.60 -15.91 -2.43
N THR H 125 -23.33 -15.73 -1.14
CA THR H 125 -22.42 -16.63 -0.45
C THR H 125 -23.03 -18.02 -0.32
N PHE H 126 -24.33 -18.09 -0.01
CA PHE H 126 -25.00 -19.37 0.04
C PHE H 126 -24.88 -20.10 -1.29
N ARG H 127 -25.07 -19.38 -2.40
CA ARG H 127 -25.08 -19.99 -3.73
C ARG H 127 -23.77 -20.69 -4.07
N ARG H 128 -22.64 -20.18 -3.58
CA ARG H 128 -21.37 -20.75 -3.96
C ARG H 128 -20.82 -21.73 -2.94
N MET H 129 -21.22 -21.61 -1.67
CA MET H 129 -20.92 -22.69 -0.74
C MET H 129 -21.86 -23.87 -0.91
N TYR H 130 -22.74 -23.83 -1.90
CA TYR H 130 -23.75 -24.84 -2.17
C TYR H 130 -24.57 -25.13 -0.91
N TRP H 131 -25.03 -24.07 -0.27
CA TRP H 131 -25.96 -24.22 0.84
C TRP H 131 -27.41 -24.08 0.40
N SER H 132 -27.65 -23.79 -0.89
CA SER H 132 -28.98 -23.71 -1.45
C SER H 132 -28.88 -23.93 -2.95
N ASN H 133 -29.97 -24.43 -3.55
CA ASN H 133 -30.04 -24.56 -5.00
C ASN H 133 -31.04 -23.62 -5.64
N ALA H 134 -31.79 -22.85 -4.87
CA ALA H 134 -32.86 -22.00 -5.38
C ALA H 134 -32.44 -20.54 -5.52
N LEU H 135 -31.18 -20.29 -5.82
CA LEU H 135 -30.65 -18.93 -5.95
C LEU H 135 -29.96 -18.81 -7.31
N SER H 136 -30.42 -17.88 -8.14
CA SER H 136 -29.85 -17.77 -9.48
C SER H 136 -29.20 -16.41 -9.68
N PRO H 137 -28.08 -16.37 -10.40
CA PRO H 137 -27.50 -15.08 -10.75
C PRO H 137 -28.42 -14.35 -11.71
N SER H 138 -28.56 -13.05 -11.46
CA SER H 138 -29.44 -12.18 -12.25
C SER H 138 -28.62 -11.30 -13.19
N GLU H 139 -27.67 -10.53 -12.66
CA GLU H 139 -26.77 -9.79 -13.51
C GLU H 139 -25.44 -9.63 -12.79
N TYR H 140 -24.40 -9.30 -13.55
CA TYR H 140 -23.06 -9.16 -12.98
C TYR H 140 -22.66 -7.69 -13.04
N ILE H 141 -22.76 -7.02 -11.89
CA ILE H 141 -22.56 -5.58 -11.77
C ILE H 141 -21.45 -5.33 -10.76
N SER H 142 -20.54 -4.40 -11.08
CA SER H 142 -19.51 -3.93 -10.13
C SER H 142 -18.83 -5.09 -9.42
N GLY H 143 -18.52 -6.15 -10.15
CA GLY H 143 -17.89 -7.30 -9.52
C GLY H 143 -18.74 -8.03 -8.49
N THR H 144 -20.05 -7.85 -8.52
CA THR H 144 -20.99 -8.51 -7.61
C THR H 144 -22.04 -9.22 -8.45
N THR H 145 -22.53 -10.36 -7.98
CA THR H 145 -23.64 -11.04 -8.62
C THR H 145 -24.93 -10.69 -7.89
N CYS H 146 -25.91 -10.17 -8.63
CA CYS H 146 -27.23 -9.92 -8.09
C CYS H 146 -28.03 -11.22 -8.09
N ILE H 147 -28.56 -11.61 -6.92
CA ILE H 147 -29.18 -12.92 -6.75
C ILE H 147 -30.70 -12.82 -6.91
N GLN H 148 -31.27 -13.74 -7.68
CA GLN H 148 -32.71 -13.84 -7.83
C GLN H 148 -33.16 -15.12 -7.15
N THR H 149 -34.33 -15.09 -6.51
CA THR H 149 -34.83 -16.26 -5.82
C THR H 149 -36.30 -16.06 -5.48
N ALA H 150 -36.98 -17.18 -5.23
CA ALA H 150 -38.37 -17.12 -4.81
C ALA H 150 -38.53 -16.97 -3.30
N TYR H 151 -37.48 -17.23 -2.52
CA TYR H 151 -37.55 -17.01 -1.07
C TYR H 151 -38.01 -15.60 -0.75
N GLN H 152 -38.90 -15.51 0.24
CA GLN H 152 -39.51 -14.26 0.67
C GLN H 152 -38.83 -13.61 1.86
N TYR H 153 -38.14 -14.38 2.70
CA TYR H 153 -37.51 -13.84 3.89
C TYR H 153 -36.11 -14.41 4.06
N LEU H 154 -35.24 -13.58 4.63
CA LEU H 154 -33.94 -13.97 5.14
C LEU H 154 -33.88 -13.48 6.58
N ILE H 155 -33.68 -14.41 7.51
CA ILE H 155 -33.80 -14.14 8.94
C ILE H 155 -32.45 -14.39 9.61
N ILE H 156 -32.02 -13.46 10.44
CA ILE H 156 -30.79 -13.56 11.22
C ILE H 156 -31.14 -13.42 12.70
N GLN H 157 -30.67 -14.36 13.52
CA GLN H 157 -30.91 -14.35 14.95
C GLN H 157 -29.67 -14.70 15.76
N ASN H 158 -29.50 -13.97 16.85
CA ASN H 158 -28.53 -14.29 17.90
C ASN H 158 -29.03 -15.51 18.65
N THR H 159 -28.30 -16.63 18.52
CA THR H 159 -28.69 -17.87 19.19
C THR H 159 -27.44 -18.65 19.56
N THR H 160 -27.64 -19.81 20.16
CA THR H 160 -26.58 -20.74 20.51
C THR H 160 -26.65 -21.98 19.60
N TRP H 161 -25.55 -22.72 19.55
CA TRP H 161 -25.46 -23.86 18.65
C TRP H 161 -26.48 -24.93 18.99
N GLU H 162 -26.85 -25.05 20.26
CA GLU H 162 -27.83 -26.04 20.65
C GLU H 162 -29.23 -25.69 20.15
N ASP H 163 -29.52 -24.41 19.93
CA ASP H 163 -30.87 -23.99 19.55
C ASP H 163 -30.97 -23.51 18.11
N HIS H 164 -29.89 -23.58 17.33
CA HIS H 164 -29.88 -22.88 16.05
C HIS H 164 -30.91 -23.43 15.08
N CYS H 165 -31.36 -24.67 15.26
CA CYS H 165 -32.31 -25.25 14.32
C CYS H 165 -33.75 -24.86 14.61
N VAL H 166 -33.99 -24.12 15.69
CA VAL H 166 -35.31 -23.68 16.09
C VAL H 166 -35.29 -22.17 16.21
N PHE H 167 -36.24 -21.49 15.59
CA PHE H 167 -36.29 -20.04 15.70
C PHE H 167 -36.52 -19.63 17.15
N SER H 168 -35.64 -18.78 17.66
CA SER H 168 -35.86 -18.22 18.99
C SER H 168 -37.02 -17.23 18.95
N ARG H 169 -37.71 -17.10 20.08
CA ARG H 169 -38.83 -16.16 20.12
C ARG H 169 -38.33 -14.73 19.97
N PRO H 170 -38.84 -13.98 18.98
CA PRO H 170 -38.31 -12.62 18.73
C PRO H 170 -38.41 -11.66 19.89
N SER H 171 -39.56 -11.59 20.55
CA SER H 171 -39.74 -10.67 21.65
C SER H 171 -40.30 -11.40 22.87
N THR I 16 44.11 -17.80 8.78
CA THR I 16 43.49 -17.08 9.87
C THR I 16 43.96 -15.64 9.86
N MET I 17 43.04 -14.73 10.14
CA MET I 17 43.34 -13.32 10.17
C MET I 17 43.14 -12.79 11.55
N PRO I 18 44.18 -12.02 12.06
CA PRO I 18 43.95 -11.51 13.41
C PRO I 18 42.82 -10.51 13.54
N LEU I 19 42.36 -10.30 14.76
CA LEU I 19 41.26 -9.39 15.05
C LEU I 19 41.56 -7.92 15.10
N SER I 20 40.61 -7.11 14.71
CA SER I 20 40.71 -5.66 14.83
C SER I 20 40.08 -5.20 16.13
N CYS I 21 38.90 -5.75 16.46
CA CYS I 21 38.23 -5.46 17.72
C CYS I 21 38.86 -6.33 18.82
N SER I 22 39.92 -5.82 19.42
CA SER I 22 40.63 -6.52 20.48
C SER I 22 40.88 -5.57 21.65
N LYS I 23 41.16 -6.16 22.83
CA LYS I 23 41.46 -5.35 24.01
C LYS I 23 42.79 -4.64 23.87
N ASN I 24 43.70 -5.18 23.06
CA ASN I 24 45.01 -4.58 22.88
C ASN I 24 45.02 -3.49 21.81
N ASN I 25 43.87 -3.17 21.22
CA ASN I 25 43.78 -2.19 20.14
C ASN I 25 42.74 -1.14 20.48
N SER I 26 42.82 -0.03 19.75
CA SER I 26 41.74 0.94 19.68
C SER I 26 41.23 0.95 18.26
N HIS I 27 39.92 1.05 18.07
CA HIS I 27 39.39 0.92 16.71
C HIS I 27 38.11 1.73 16.57
N HIS I 28 37.80 2.11 15.33
CA HIS I 28 36.53 2.75 15.03
C HIS I 28 36.19 2.45 13.58
N TYR I 29 34.90 2.42 13.29
CA TYR I 29 34.45 2.05 11.96
C TYR I 29 33.63 3.20 11.38
N ILE I 30 33.98 3.63 10.16
CA ILE I 30 33.30 4.72 9.46
C ILE I 30 32.38 4.16 8.40
N GLN I 31 31.08 4.45 8.52
CA GLN I 31 30.11 4.02 7.52
C GLN I 31 30.01 5.08 6.44
N VAL I 32 30.44 4.72 5.23
CA VAL I 32 30.35 5.62 4.09
C VAL I 32 29.11 5.33 3.24
N ARG I 33 28.78 4.06 3.00
CA ARG I 33 27.63 3.68 2.18
C ARG I 33 26.86 2.56 2.87
N ASN I 34 25.95 1.90 2.12
CA ASN I 34 25.13 0.86 2.72
C ASN I 34 25.97 -0.33 3.17
N ASP I 35 26.97 -0.72 2.36
CA ASP I 35 27.75 -1.94 2.49
C ASP I 35 29.18 -1.68 2.93
N THR I 36 29.75 -0.58 2.46
CA THR I 36 31.17 -0.33 2.58
C THR I 36 31.45 0.69 3.67
N GLY I 37 32.57 0.48 4.34
CA GLY I 37 33.12 1.47 5.23
C GLY I 37 34.60 1.23 5.45
N LEU I 38 35.16 1.98 6.39
CA LEU I 38 36.56 1.86 6.74
C LEU I 38 36.64 1.53 8.22
N GLU I 39 37.48 0.55 8.57
CA GLU I 39 37.89 0.33 9.95
C GLU I 39 39.22 1.03 10.17
N LEU I 40 39.28 1.88 11.19
CA LEU I 40 40.54 2.44 11.63
C LEU I 40 40.98 1.70 12.88
N THR I 41 42.23 1.24 12.91
CA THR I 41 42.68 0.42 14.03
C THR I 41 44.07 0.85 14.46
N LEU I 42 44.18 1.29 15.70
CA LEU I 42 45.48 1.52 16.31
C LEU I 42 45.90 0.20 16.93
N THR I 43 47.09 -0.25 16.59
CA THR I 43 47.50 -1.59 16.98
C THR I 43 49.01 -1.70 16.98
N ASN I 44 49.50 -2.77 17.60
CA ASN I 44 50.91 -3.14 17.45
C ASN I 44 51.13 -4.35 16.55
N THR I 45 50.14 -4.79 15.80
CA THR I 45 50.33 -5.83 14.81
C THR I 45 50.30 -5.22 13.42
N SER I 46 51.27 -5.58 12.57
CA SER I 46 51.32 -5.09 11.20
C SER I 46 50.86 -6.18 10.25
N LEU I 47 50.19 -5.76 9.17
CA LEU I 47 49.71 -6.65 8.14
C LEU I 47 50.49 -6.57 6.83
N LEU I 48 51.28 -5.53 6.64
CA LEU I 48 52.06 -5.32 5.42
C LEU I 48 53.54 -5.33 5.76
N ASP I 49 54.29 -6.28 5.20
CA ASP I 49 55.73 -6.34 5.46
C ASP I 49 56.51 -5.37 4.57
N HIS I 50 56.13 -5.25 3.30
CA HIS I 50 56.86 -4.45 2.32
C HIS I 50 56.74 -2.95 2.62
N LYS I 51 57.66 -2.19 2.02
CA LYS I 51 57.68 -0.73 2.08
C LYS I 51 56.78 -0.06 1.07
N PHE I 52 56.23 -0.81 0.12
CA PHE I 52 55.63 -0.21 -1.07
C PHE I 52 54.23 0.34 -0.80
N CYS I 53 53.81 1.22 -1.71
CA CYS I 53 52.44 1.67 -1.88
C CYS I 53 52.30 1.91 -3.39
N ASN I 54 52.26 0.81 -4.15
CA ASN I 54 52.23 0.89 -5.61
C ASN I 54 50.89 1.43 -6.05
N LEU I 55 50.88 2.69 -6.47
CA LEU I 55 49.66 3.37 -6.93
C LEU I 55 49.81 3.80 -8.36
N SER I 56 50.54 3.03 -9.13
CA SER I 56 50.82 3.34 -10.51
C SER I 56 49.57 3.48 -11.32
N ASP I 57 48.61 2.62 -11.06
CA ASP I 57 47.38 2.69 -11.76
C ASP I 57 46.58 3.86 -11.26
N ALA I 58 45.84 4.50 -12.14
CA ALA I 58 45.00 5.63 -11.78
C ALA I 58 43.87 5.23 -10.89
N HIS I 59 43.32 4.06 -11.16
CA HIS I 59 42.19 3.55 -10.41
C HIS I 59 42.55 3.35 -8.97
N LYS I 60 43.74 2.84 -8.76
CA LYS I 60 44.25 2.64 -7.43
C LYS I 60 44.53 3.93 -6.72
N ARG I 61 45.07 4.92 -7.41
CA ARG I 61 45.33 6.20 -6.74
C ARG I 61 44.06 6.87 -6.29
N ASN I 62 42.97 6.69 -7.05
CA ASN I 62 41.78 7.44 -6.69
C ASN I 62 41.03 6.76 -5.55
N LEU I 63 41.05 5.42 -5.49
CA LEU I 63 40.46 4.78 -4.32
C LEU I 63 41.26 5.08 -3.07
N TYR I 64 42.55 5.34 -3.22
CA TYR I 64 43.37 5.73 -2.07
C TYR I 64 43.02 7.15 -1.64
N ASP I 65 42.82 8.05 -2.62
CA ASP I 65 42.40 9.42 -2.34
C ASP I 65 40.97 9.45 -1.82
N LYS I 66 40.10 8.58 -2.36
CA LYS I 66 38.73 8.54 -1.88
C LYS I 66 38.66 8.00 -0.46
N ALA I 67 39.51 7.02 -0.12
CA ALA I 67 39.51 6.49 1.24
C ALA I 67 39.94 7.54 2.24
N LEU I 68 40.99 8.32 1.95
CA LEU I 68 41.43 9.29 2.94
C LEU I 68 40.52 10.50 2.98
N MET I 69 39.94 10.89 1.85
CA MET I 69 39.05 12.04 1.86
C MET I 69 37.77 11.76 2.64
N SER I 70 37.25 10.53 2.56
CA SER I 70 36.10 10.19 3.39
C SER I 70 36.44 10.23 4.88
N ILE I 71 37.69 9.93 5.24
CA ILE I 71 38.09 10.06 6.64
C ILE I 71 38.20 11.54 7.02
N VAL I 72 38.84 12.34 6.16
CA VAL I 72 39.05 13.75 6.45
C VAL I 72 37.71 14.46 6.56
N THR I 73 36.76 14.11 5.69
CA THR I 73 35.44 14.73 5.71
C THR I 73 34.64 14.29 6.94
N THR I 74 34.68 13.00 7.28
CA THR I 74 33.91 12.50 8.41
C THR I 74 34.39 13.09 9.72
N PHE I 75 35.69 13.15 9.92
CA PHE I 75 36.28 13.69 11.15
C PHE I 75 36.48 15.21 11.10
N HIS I 76 36.06 15.88 10.02
CA HIS I 76 36.29 17.31 9.82
C HIS I 76 37.75 17.67 10.12
N LEU I 77 38.68 16.91 9.53
CA LEU I 77 40.10 17.13 9.78
C LEU I 77 40.60 18.35 9.03
N ASN I 78 41.52 19.08 9.67
CA ASN I 78 42.24 20.19 9.05
C ASN I 78 43.71 19.95 9.36
N ILE I 79 44.41 19.28 8.45
CA ILE I 79 45.80 18.86 8.66
C ILE I 79 46.71 20.00 8.27
N PRO I 80 47.64 20.41 9.13
CA PRO I 80 48.61 21.44 8.74
C PRO I 80 49.61 20.88 7.74
N ASN I 81 50.26 21.81 7.01
CA ASN I 81 51.34 21.50 6.07
C ASN I 81 52.66 21.89 6.72
N PHE I 82 53.44 20.88 7.11
CA PHE I 82 54.72 21.08 7.76
C PHE I 82 55.86 20.48 6.97
N ASN I 83 55.59 20.05 5.75
CA ASN I 83 56.55 19.29 4.98
C ASN I 83 57.03 18.08 5.78
N GLN I 84 56.05 17.37 6.35
CA GLN I 84 56.30 16.16 7.12
C GLN I 84 55.57 14.97 6.50
N TYR I 85 55.85 13.78 7.02
CA TYR I 85 55.38 12.59 6.32
C TYR I 85 55.46 11.38 7.23
N GLU I 86 54.39 10.59 7.26
CA GLU I 86 54.35 9.35 8.04
C GLU I 86 54.70 8.18 7.13
N VAL I 87 55.63 7.33 7.57
CA VAL I 87 55.96 6.14 6.83
C VAL I 87 54.70 5.35 6.56
N MET I 88 54.55 4.86 5.32
CA MET I 88 53.32 4.18 4.96
C MET I 88 53.56 3.11 3.90
N SER I 89 52.86 1.98 4.06
CA SER I 89 52.68 0.97 3.03
C SER I 89 51.19 0.79 2.77
N CYS I 90 50.85 0.44 1.53
CA CYS I 90 49.46 0.13 1.21
C CYS I 90 49.41 -1.13 0.35
N ASP I 91 48.21 -1.66 0.18
CA ASP I 91 48.01 -2.81 -0.66
C ASP I 91 46.53 -2.94 -0.98
N PHE I 92 46.23 -3.68 -2.06
CA PHE I 92 44.87 -3.86 -2.52
C PHE I 92 44.52 -5.32 -2.66
N ASN I 93 43.24 -5.61 -2.42
CA ASN I 93 42.66 -6.93 -2.63
C ASN I 93 41.38 -6.66 -3.41
N GLY I 94 41.49 -6.69 -4.74
CA GLY I 94 40.34 -6.51 -5.60
C GLY I 94 39.59 -5.22 -5.36
N GLY I 95 40.31 -4.10 -5.27
CA GLY I 95 39.63 -2.85 -5.07
C GLY I 95 39.30 -2.53 -3.63
N LYS I 96 39.80 -3.32 -2.67
CA LYS I 96 39.65 -3.05 -1.25
C LYS I 96 41.00 -2.56 -0.76
N ILE I 97 41.07 -1.29 -0.34
CA ILE I 97 42.34 -0.65 0.04
C ILE I 97 42.72 -1.06 1.46
N THR I 98 44.03 -1.20 1.70
CA THR I 98 44.60 -1.35 3.04
C THR I 98 45.83 -0.46 3.13
N VAL I 99 45.78 0.56 3.98
CA VAL I 99 46.90 1.48 4.15
C VAL I 99 47.40 1.33 5.58
N GLN I 100 48.71 1.23 5.74
CA GLN I 100 49.31 1.02 7.05
C GLN I 100 50.35 2.10 7.29
N TYR I 101 50.18 2.83 8.39
CA TYR I 101 51.15 3.83 8.83
C TYR I 101 52.03 3.22 9.91
N ASN I 102 53.34 3.27 9.70
CA ASN I 102 54.27 2.89 10.77
C ASN I 102 54.57 4.15 11.57
N LEU I 103 53.84 4.35 12.67
CA LEU I 103 53.88 5.62 13.39
C LEU I 103 55.24 5.89 14.00
N SER I 104 55.57 7.18 14.11
CA SER I 104 56.77 7.66 14.80
C SER I 104 56.33 8.74 15.78
N HIS I 105 55.63 8.32 16.83
CA HIS I 105 55.09 9.25 17.83
C HIS I 105 55.40 8.78 19.23
N SER I 106 56.45 7.95 19.39
CA SER I 106 56.74 7.38 20.71
C SER I 106 57.40 8.40 21.62
N SER I 107 57.98 9.45 21.05
CA SER I 107 58.62 10.50 21.80
C SER I 107 58.01 11.83 21.41
N TYR I 108 58.36 12.86 22.18
CA TYR I 108 57.83 14.20 21.92
C TYR I 108 58.40 14.79 20.64
N VAL I 109 59.70 14.55 20.40
CA VAL I 109 60.38 15.02 19.20
C VAL I 109 59.79 14.37 17.96
N ASP I 110 59.50 13.06 18.05
CA ASP I 110 58.92 12.36 16.91
C ASP I 110 57.47 12.78 16.68
N ALA I 111 56.71 13.00 17.75
CA ALA I 111 55.35 13.47 17.58
C ALA I 111 55.32 14.81 16.87
N ALA I 112 56.26 15.69 17.20
CA ALA I 112 56.29 17.04 16.62
C ALA I 112 56.72 17.01 15.15
N ASN I 113 57.58 16.08 14.75
CA ASN I 113 58.07 15.98 13.39
C ASN I 113 57.20 15.14 12.47
N HIS I 114 56.14 14.53 12.97
CA HIS I 114 55.19 13.79 12.14
C HIS I 114 53.80 14.21 12.53
N CYS I 115 53.61 15.53 12.66
CA CYS I 115 52.39 16.14 13.18
C CYS I 115 51.45 16.59 12.07
N GLY I 116 52.00 17.07 10.95
CA GLY I 116 51.20 17.48 9.82
C GLY I 116 50.83 16.34 8.89
N THR I 117 50.31 15.26 9.47
CA THR I 117 49.95 14.06 8.72
C THR I 117 48.54 13.64 9.08
N ILE I 118 47.90 12.93 8.15
CA ILE I 118 46.52 12.49 8.36
C ILE I 118 46.46 11.55 9.55
N ALA I 119 47.49 10.70 9.69
CA ALA I 119 47.58 9.81 10.84
C ALA I 119 47.44 10.59 12.14
N ASN I 120 48.13 11.73 12.26
CA ASN I 120 48.05 12.51 13.49
C ASN I 120 46.65 13.06 13.71
N GLY I 121 45.99 13.51 12.62
CA GLY I 121 44.63 14.00 12.75
C GLY I 121 43.65 12.91 13.12
N ILE I 122 43.84 11.71 12.58
CA ILE I 122 43.00 10.58 12.98
C ILE I 122 43.17 10.34 14.47
N MET I 123 44.42 10.20 14.92
CA MET I 123 44.68 9.88 16.32
C MET I 123 44.13 10.95 17.26
N ASP I 124 44.15 12.24 16.83
CA ASP I 124 43.62 13.29 17.71
C ASP I 124 42.10 13.19 17.82
N THR I 125 41.46 12.69 16.78
CA THR I 125 40.03 12.44 16.88
C THR I 125 39.75 11.32 17.87
N PHE I 126 40.55 10.24 17.85
CA PHE I 126 40.36 9.19 18.85
C PHE I 126 40.47 9.78 20.25
N ARG I 127 41.46 10.67 20.45
CA ARG I 127 41.70 11.29 21.74
C ARG I 127 40.52 12.15 22.17
N ARG I 128 40.00 12.97 21.25
CA ARG I 128 38.89 13.85 21.61
C ARG I 128 37.54 13.14 21.68
N MET I 129 37.41 11.95 21.09
CA MET I 129 36.18 11.17 21.18
C MET I 129 36.24 10.03 22.20
N TYR I 130 37.34 9.92 22.96
CA TYR I 130 37.57 8.89 23.97
C TYR I 130 37.42 7.47 23.43
N TRP I 131 38.11 7.21 22.32
CA TRP I 131 38.16 5.84 21.83
C TRP I 131 39.45 5.13 22.19
N SER I 132 40.36 5.84 22.84
CA SER I 132 41.59 5.22 23.26
C SER I 132 42.05 5.95 24.51
N ASN I 133 42.86 5.27 25.30
CA ASN I 133 43.48 5.85 26.47
C ASN I 133 44.97 6.09 26.29
N ALA I 134 45.54 5.64 25.16
CA ALA I 134 46.97 5.69 24.90
C ALA I 134 47.37 6.82 23.97
N LEU I 135 46.65 7.94 24.04
CA LEU I 135 46.93 9.08 23.16
C LEU I 135 47.08 10.31 24.02
N SER I 136 48.23 10.95 23.97
CA SER I 136 48.34 12.09 24.83
C SER I 136 48.66 13.32 23.99
N PRO I 137 48.14 14.49 24.36
CA PRO I 137 48.54 15.73 23.66
C PRO I 137 49.98 16.05 24.02
N SER I 138 50.73 16.43 22.99
CA SER I 138 52.12 16.76 23.13
C SER I 138 52.41 18.24 22.90
N GLU I 139 52.00 18.80 21.75
CA GLU I 139 52.25 20.19 21.42
C GLU I 139 51.05 20.77 20.69
N TYR I 140 50.92 22.09 20.74
CA TYR I 140 49.88 22.83 20.03
C TYR I 140 50.53 23.76 19.02
N ILE I 141 50.31 23.50 17.72
CA ILE I 141 50.70 24.42 16.66
C ILE I 141 49.57 24.53 15.67
N SER I 142 49.37 25.74 15.14
CA SER I 142 48.49 25.97 14.00
C SER I 142 47.13 25.33 14.25
N GLY I 143 46.65 25.45 15.47
CA GLY I 143 45.36 24.89 15.84
C GLY I 143 45.28 23.39 15.78
N THR I 144 46.42 22.72 15.80
CA THR I 144 46.47 21.27 15.76
C THR I 144 47.23 20.78 16.99
N THR I 145 46.83 19.61 17.50
CA THR I 145 47.55 18.92 18.56
C THR I 145 48.42 17.83 17.95
N CYS I 146 49.69 17.87 18.29
CA CYS I 146 50.59 16.80 17.87
C CYS I 146 50.42 15.68 18.89
N ILE I 147 50.14 14.46 18.43
CA ILE I 147 49.76 13.34 19.28
C ILE I 147 50.97 12.49 19.57
N GLN I 148 51.11 12.06 20.82
CA GLN I 148 52.15 11.11 21.21
C GLN I 148 51.48 9.78 21.54
N THR I 149 52.15 8.68 21.20
CA THR I 149 51.56 7.38 21.50
C THR I 149 52.63 6.31 21.45
N ALA I 150 52.36 5.21 22.16
CA ALA I 150 53.22 4.04 22.11
C ALA I 150 52.83 3.07 21.02
N TYR I 151 51.59 3.15 20.54
CA TYR I 151 51.15 2.30 19.44
C TYR I 151 52.11 2.43 18.26
N GLN I 152 52.38 1.31 17.60
CA GLN I 152 53.32 1.34 16.50
C GLN I 152 52.65 1.46 15.15
N TYR I 153 51.39 1.03 14.99
CA TYR I 153 50.76 1.07 13.68
C TYR I 153 49.36 1.63 13.77
N LEU I 154 48.96 2.27 12.68
CA LEU I 154 47.60 2.66 12.42
C LEU I 154 47.20 2.06 11.08
N ILE I 155 46.12 1.30 11.09
CA ILE I 155 45.70 0.53 9.93
C ILE I 155 44.33 1.03 9.47
N ILE I 156 44.19 1.26 8.18
CA ILE I 156 42.92 1.58 7.55
C ILE I 156 42.63 0.50 6.53
N GLN I 157 41.45 -0.10 6.62
CA GLN I 157 41.04 -1.05 5.60
C GLN I 157 39.60 -0.83 5.16
N ASN I 158 39.39 -0.85 3.84
CA ASN I 158 38.05 -0.87 3.25
C ASN I 158 37.46 -2.24 3.50
N THR I 159 36.43 -2.30 4.34
CA THR I 159 35.78 -3.54 4.71
C THR I 159 34.29 -3.28 4.80
N THR I 160 33.55 -4.32 5.14
CA THR I 160 32.12 -4.19 5.35
C THR I 160 31.84 -4.29 6.85
N TRP I 161 30.63 -3.88 7.21
CA TRP I 161 30.25 -3.79 8.62
C TRP I 161 30.26 -5.14 9.33
N GLU I 162 29.87 -6.22 8.64
CA GLU I 162 29.86 -7.51 9.33
C GLU I 162 31.26 -8.05 9.57
N ASP I 163 32.25 -7.59 8.80
CA ASP I 163 33.62 -8.09 8.89
C ASP I 163 34.58 -7.09 9.50
N HIS I 164 34.07 -5.96 10.01
CA HIS I 164 34.98 -4.89 10.43
C HIS I 164 35.83 -5.28 11.63
N CYS I 165 35.41 -6.28 12.41
CA CYS I 165 36.14 -6.69 13.61
C CYS I 165 37.27 -7.66 13.34
N VAL I 166 37.45 -8.07 12.08
CA VAL I 166 38.58 -8.89 11.65
C VAL I 166 39.24 -8.18 10.47
N PHE I 167 40.56 -8.11 10.50
CA PHE I 167 41.30 -7.52 9.40
C PHE I 167 41.03 -8.30 8.11
N SER I 168 40.62 -7.61 7.05
CA SER I 168 40.60 -8.30 5.78
C SER I 168 42.04 -8.47 5.30
N ARG I 169 42.26 -9.40 4.40
CA ARG I 169 43.62 -9.59 3.92
C ARG I 169 44.04 -8.48 2.99
N PRO I 170 45.25 -7.96 3.15
CA PRO I 170 45.70 -6.87 2.28
C PRO I 170 45.73 -7.25 0.82
N SER I 171 46.21 -8.44 0.49
CA SER I 171 46.31 -8.84 -0.90
C SER I 171 45.60 -10.16 -1.15
N THR J 16 21.42 -4.00 9.82
CA THR J 16 22.62 -3.61 10.53
C THR J 16 22.31 -4.55 11.70
N MET J 17 23.26 -5.38 12.19
CA MET J 17 22.97 -6.36 13.26
C MET J 17 23.85 -6.10 14.48
N PRO J 18 23.39 -6.41 15.69
CA PRO J 18 24.25 -6.18 16.87
C PRO J 18 25.55 -6.99 16.81
N LEU J 19 26.51 -6.59 17.65
CA LEU J 19 27.81 -7.23 17.71
C LEU J 19 27.77 -8.48 18.58
N SER J 20 28.55 -9.47 18.17
CA SER J 20 28.83 -10.60 19.03
C SER J 20 30.07 -10.35 19.87
N CYS J 21 31.15 -9.85 19.25
CA CYS J 21 32.37 -9.45 19.95
C CYS J 21 32.07 -8.07 20.53
N SER J 22 31.46 -8.07 21.72
CA SER J 22 31.09 -6.86 22.42
C SER J 22 31.58 -6.95 23.86
N LYS J 23 31.86 -5.80 24.47
CA LYS J 23 32.32 -5.81 25.86
C LYS J 23 31.22 -6.29 26.81
N ASN J 24 29.97 -6.21 26.39
CA ASN J 24 28.85 -6.65 27.21
C ASN J 24 28.54 -8.13 27.03
N ASN J 25 29.35 -8.85 26.27
CA ASN J 25 29.11 -10.25 25.97
C ASN J 25 30.35 -11.07 26.28
N SER J 26 30.15 -12.38 26.34
CA SER J 26 31.21 -13.37 26.30
C SER J 26 31.02 -14.17 25.02
N HIS J 27 32.14 -14.52 24.39
CA HIS J 27 32.04 -15.14 23.07
C HIS J 27 33.22 -16.07 22.84
N HIS J 28 32.97 -17.12 22.08
CA HIS J 28 34.05 -17.99 21.61
C HIS J 28 33.61 -18.62 20.31
N TYR J 29 34.58 -18.91 19.45
CA TYR J 29 34.30 -19.41 18.11
C TYR J 29 35.04 -20.74 17.91
N ILE J 30 34.30 -21.77 17.53
CA ILE J 30 34.88 -23.09 17.28
C ILE J 30 35.00 -23.27 15.78
N GLN J 31 36.23 -23.52 15.33
CA GLN J 31 36.50 -23.77 13.92
C GLN J 31 36.29 -25.25 13.63
N VAL J 32 35.31 -25.55 12.78
CA VAL J 32 35.07 -26.94 12.38
C VAL J 32 35.78 -27.28 11.07
N ARG J 33 35.75 -26.40 10.07
CA ARG J 33 36.36 -26.71 8.77
C ARG J 33 37.17 -25.50 8.29
N ASN J 34 37.48 -25.50 6.99
CA ASN J 34 38.27 -24.43 6.38
C ASN J 34 37.63 -23.05 6.59
N ASP J 35 36.40 -22.87 6.11
CA ASP J 35 35.69 -21.60 6.25
C ASP J 35 34.79 -21.52 7.46
N THR J 36 34.12 -22.62 7.78
CA THR J 36 32.99 -22.59 8.69
C THR J 36 33.35 -22.99 10.11
N GLY J 37 32.64 -22.41 11.06
CA GLY J 37 32.69 -22.84 12.44
C GLY J 37 31.43 -22.35 13.10
N LEU J 38 31.37 -22.42 14.43
CA LEU J 38 30.23 -21.91 15.17
C LEU J 38 30.66 -20.90 16.20
N GLU J 39 29.85 -19.85 16.35
CA GLU J 39 30.12 -18.73 17.22
C GLU J 39 29.13 -18.78 18.39
N LEU J 40 29.64 -19.10 19.58
CA LEU J 40 28.84 -19.12 20.79
C LEU J 40 28.95 -17.79 21.52
N THR J 41 27.80 -17.19 21.86
CA THR J 41 27.74 -15.82 22.40
C THR J 41 26.74 -15.77 23.53
N LEU J 42 27.21 -15.42 24.74
CA LEU J 42 26.34 -15.13 25.88
C LEU J 42 26.02 -13.64 25.92
N THR J 43 24.73 -13.31 25.94
CA THR J 43 24.33 -11.91 25.74
C THR J 43 22.93 -11.68 26.27
N ASN J 44 22.55 -10.40 26.39
CA ASN J 44 21.18 -10.04 26.73
C ASN J 44 20.37 -9.53 25.55
N THR J 45 20.89 -9.64 24.33
CA THR J 45 20.12 -9.32 23.14
C THR J 45 19.66 -10.62 22.51
N SER J 46 18.38 -10.71 22.17
CA SER J 46 17.83 -11.88 21.51
C SER J 46 17.61 -11.57 20.04
N LEU J 47 17.82 -12.58 19.18
CA LEU J 47 17.61 -12.43 17.75
C LEU J 47 16.39 -13.20 17.24
N LEU J 48 15.81 -14.09 18.04
CA LEU J 48 14.68 -14.88 17.59
C LEU J 48 13.43 -14.48 18.36
N ASP J 49 12.42 -14.02 17.62
CA ASP J 49 11.10 -13.71 18.17
C ASP J 49 10.26 -14.96 18.38
N HIS J 50 10.21 -15.82 17.37
CA HIS J 50 9.34 -16.97 17.43
C HIS J 50 9.89 -17.99 18.42
N LYS J 51 8.98 -18.78 18.99
CA LYS J 51 9.39 -19.83 19.93
C LYS J 51 9.37 -21.20 19.27
N PHE J 52 9.44 -21.23 17.95
CA PHE J 52 9.43 -22.46 17.21
C PHE J 52 10.85 -22.95 16.99
N CYS J 53 10.95 -24.23 16.70
CA CYS J 53 12.16 -24.84 16.21
C CYS J 53 11.70 -25.95 15.26
N ASN J 54 11.10 -25.52 14.15
CA ASN J 54 10.50 -26.48 13.24
C ASN J 54 11.62 -27.26 12.58
N LEU J 55 11.75 -28.52 12.95
CA LEU J 55 12.71 -29.41 12.30
C LEU J 55 11.96 -30.52 11.59
N SER J 56 10.92 -30.16 10.83
CA SER J 56 10.17 -31.16 10.09
C SER J 56 10.98 -31.75 8.96
N ASP J 57 11.94 -30.99 8.43
CA ASP J 57 12.77 -31.49 7.34
C ASP J 57 13.93 -32.27 7.93
N ALA J 58 14.17 -33.46 7.38
CA ALA J 58 15.28 -34.27 7.86
C ALA J 58 16.58 -33.53 7.67
N HIS J 59 16.69 -32.77 6.57
CA HIS J 59 17.92 -32.07 6.27
C HIS J 59 18.17 -30.97 7.31
N LYS J 60 17.13 -30.25 7.72
CA LYS J 60 17.32 -29.22 8.76
C LYS J 60 17.61 -29.86 10.12
N ARG J 61 16.92 -30.95 10.42
CA ARG J 61 17.08 -31.61 11.71
C ARG J 61 18.47 -32.21 11.85
N ASN J 62 19.08 -32.61 10.73
CA ASN J 62 20.40 -33.20 10.82
C ASN J 62 21.47 -32.13 10.95
N LEU J 63 21.30 -30.97 10.31
CA LEU J 63 22.27 -29.91 10.54
C LEU J 63 22.22 -29.41 11.98
N TYR J 64 21.05 -29.51 12.61
CA TYR J 64 20.93 -29.12 14.00
C TYR J 64 21.63 -30.14 14.90
N ASP J 65 21.51 -31.42 14.57
CA ASP J 65 22.29 -32.44 15.29
C ASP J 65 23.76 -32.29 15.00
N LYS J 66 24.11 -31.91 13.77
CA LYS J 66 25.50 -31.77 13.37
C LYS J 66 26.17 -30.62 14.10
N ALA J 67 25.45 -29.49 14.22
CA ALA J 67 26.00 -28.31 14.88
C ALA J 67 26.32 -28.59 16.34
N LEU J 68 25.41 -29.26 17.06
CA LEU J 68 25.64 -29.48 18.47
C LEU J 68 26.63 -30.59 18.74
N MET J 69 26.72 -31.59 17.85
CA MET J 69 27.73 -32.63 18.01
C MET J 69 29.15 -32.06 17.92
N SER J 70 29.38 -31.10 17.02
CA SER J 70 30.71 -30.48 16.96
C SER J 70 30.99 -29.69 18.23
N ILE J 71 29.95 -29.15 18.89
CA ILE J 71 30.17 -28.50 20.17
C ILE J 71 30.45 -29.53 21.26
N VAL J 72 29.67 -30.60 21.32
CA VAL J 72 29.90 -31.62 22.34
C VAL J 72 31.26 -32.25 22.12
N THR J 73 31.63 -32.44 20.85
CA THR J 73 32.91 -33.05 20.52
C THR J 73 34.07 -32.16 20.91
N THR J 74 33.97 -30.87 20.59
CA THR J 74 35.07 -29.96 20.86
C THR J 74 35.28 -29.74 22.34
N PHE J 75 34.21 -29.53 23.10
CA PHE J 75 34.33 -29.26 24.51
C PHE J 75 34.42 -30.53 25.34
N HIS J 76 34.42 -31.69 24.71
CA HIS J 76 34.37 -32.97 25.41
C HIS J 76 33.28 -32.94 26.48
N LEU J 77 32.09 -32.50 26.08
CA LEU J 77 31.00 -32.37 27.04
C LEU J 77 30.40 -33.73 27.32
N ASN J 78 30.07 -33.98 28.58
CA ASN J 78 29.31 -35.15 29.01
C ASN J 78 28.19 -34.58 29.88
N ILE J 79 27.03 -34.37 29.27
CA ILE J 79 25.89 -33.72 29.92
C ILE J 79 25.10 -34.77 30.69
N PRO J 80 24.75 -34.51 31.95
CA PRO J 80 23.93 -35.46 32.71
C PRO J 80 22.52 -35.55 32.18
N ASN J 81 21.82 -36.63 32.55
CA ASN J 81 20.39 -36.79 32.29
C ASN J 81 19.62 -36.52 33.57
N PHE J 82 18.95 -35.37 33.62
CA PHE J 82 18.15 -34.97 34.78
C PHE J 82 16.69 -34.75 34.41
N ASN J 83 16.28 -35.16 33.22
CA ASN J 83 14.96 -34.87 32.66
C ASN J 83 14.69 -33.37 32.69
N GLN J 84 15.67 -32.60 32.22
CA GLN J 84 15.55 -31.14 32.17
C GLN J 84 15.74 -30.64 30.74
N TYR J 85 15.52 -29.34 30.56
CA TYR J 85 15.38 -28.80 29.21
C TYR J 85 15.48 -27.28 29.22
N GLU J 86 16.24 -26.74 28.27
CA GLU J 86 16.39 -25.30 28.12
C GLU J 86 15.43 -24.80 27.06
N VAL J 87 14.70 -23.73 27.39
CA VAL J 87 13.89 -23.06 26.38
C VAL J 87 14.76 -22.73 25.19
N MET J 88 14.26 -23.02 24.00
CA MET J 88 15.06 -22.82 22.81
C MET J 88 14.21 -22.52 21.58
N SER J 89 14.66 -21.57 20.75
CA SER J 89 14.19 -21.40 19.39
C SER J 89 15.37 -21.61 18.43
N CYS J 90 15.06 -22.04 17.19
CA CYS J 90 16.08 -22.19 16.16
C CYS J 90 15.57 -21.58 14.86
N ASP J 91 16.48 -21.42 13.92
CA ASP J 91 16.12 -20.93 12.60
C ASP J 91 17.28 -21.14 11.64
N PHE J 92 16.96 -21.12 10.35
CA PHE J 92 17.92 -21.37 9.30
C PHE J 92 17.89 -20.24 8.28
N ASN J 93 19.07 -19.96 7.71
CA ASN J 93 19.22 -18.98 6.64
C ASN J 93 20.12 -19.66 5.62
N GLY J 94 19.50 -20.20 4.57
CA GLY J 94 20.23 -20.87 3.50
C GLY J 94 21.10 -21.98 4.03
N GLY J 95 20.53 -22.82 4.90
CA GLY J 95 21.23 -23.95 5.44
C GLY J 95 22.18 -23.64 6.58
N LYS J 96 22.19 -22.41 7.08
CA LYS J 96 23.01 -22.06 8.23
C LYS J 96 22.13 -21.86 9.45
N ILE J 97 22.37 -22.67 10.47
CA ILE J 97 21.55 -22.74 11.67
C ILE J 97 21.88 -21.58 12.59
N THR J 98 20.87 -21.09 13.32
CA THR J 98 21.02 -20.16 14.43
C THR J 98 20.13 -20.68 15.55
N VAL J 99 20.74 -21.06 16.68
CA VAL J 99 20.01 -21.63 17.80
C VAL J 99 20.14 -20.65 18.97
N GLN J 100 19.02 -20.35 19.62
CA GLN J 100 19.00 -19.40 20.74
C GLN J 100 18.41 -20.08 21.97
N TYR J 101 19.19 -20.07 23.06
CA TYR J 101 18.75 -20.56 24.37
C TYR J 101 18.35 -19.38 25.25
N ASN J 102 17.12 -19.43 25.77
CA ASN J 102 16.68 -18.45 26.76
C ASN J 102 17.01 -19.03 28.13
N LEU J 103 18.16 -18.65 28.70
CA LEU J 103 18.66 -19.33 29.89
C LEU J 103 17.76 -19.04 31.08
N SER J 104 17.68 -20.02 32.00
CA SER J 104 16.98 -19.90 33.27
C SER J 104 17.98 -20.29 34.34
N HIS J 105 18.97 -19.42 34.54
CA HIS J 105 20.05 -19.70 35.48
C HIS J 105 20.30 -18.50 36.40
N SER J 106 19.31 -17.63 36.56
CA SER J 106 19.53 -16.43 37.36
C SER J 106 19.56 -16.71 38.85
N SER J 107 18.99 -17.82 39.29
CA SER J 107 18.94 -18.18 40.69
C SER J 107 19.51 -19.57 40.87
N TYR J 108 19.72 -19.94 42.14
CA TYR J 108 20.27 -21.26 42.43
C TYR J 108 19.27 -22.35 42.07
N VAL J 109 18.00 -22.16 42.42
CA VAL J 109 16.99 -23.15 42.05
C VAL J 109 16.90 -23.29 40.54
N ASP J 110 16.98 -22.18 39.82
CA ASP J 110 16.87 -22.26 38.37
C ASP J 110 18.09 -22.93 37.76
N ALA J 111 19.28 -22.64 38.29
CA ALA J 111 20.49 -23.30 37.84
C ALA J 111 20.41 -24.80 38.05
N ALA J 112 19.81 -25.22 39.17
CA ALA J 112 19.72 -26.63 39.50
C ALA J 112 18.74 -27.38 38.62
N ASN J 113 17.65 -26.72 38.20
CA ASN J 113 16.60 -27.36 37.42
C ASN J 113 16.84 -27.30 35.92
N HIS J 114 17.90 -26.63 35.46
CA HIS J 114 18.26 -26.60 34.05
C HIS J 114 19.75 -26.90 33.91
N CYS J 115 20.20 -27.96 34.59
CA CYS J 115 21.61 -28.30 34.67
C CYS J 115 22.01 -29.41 33.71
N GLY J 116 21.15 -30.41 33.50
CA GLY J 116 21.45 -31.47 32.56
C GLY J 116 21.09 -31.11 31.14
N THR J 117 21.57 -29.95 30.69
CA THR J 117 21.32 -29.42 29.36
C THR J 117 22.65 -28.99 28.74
N ILE J 118 22.70 -28.99 27.41
CA ILE J 118 23.95 -28.64 26.73
C ILE J 118 24.36 -27.19 27.01
N ALA J 119 23.39 -26.28 27.13
CA ALA J 119 23.70 -24.90 27.46
C ALA J 119 24.54 -24.81 28.75
N ASN J 120 24.15 -25.56 29.78
CA ASN J 120 24.93 -25.51 31.02
C ASN J 120 26.33 -26.08 30.82
N GLY J 121 26.46 -27.14 30.02
CA GLY J 121 27.78 -27.69 29.76
C GLY J 121 28.67 -26.71 29.02
N ILE J 122 28.08 -25.97 28.06
CA ILE J 122 28.81 -24.92 27.36
C ILE J 122 29.25 -23.84 28.33
N MET J 123 28.32 -23.33 29.15
CA MET J 123 28.70 -22.24 30.04
C MET J 123 29.78 -22.67 31.01
N ASP J 124 29.74 -23.92 31.47
CA ASP J 124 30.78 -24.35 32.40
C ASP J 124 32.13 -24.40 31.69
N THR J 125 32.13 -24.63 30.37
CA THR J 125 33.38 -24.55 29.64
C THR J 125 33.91 -23.12 29.56
N PHE J 126 33.02 -22.13 29.35
CA PHE J 126 33.46 -20.75 29.37
C PHE J 126 34.09 -20.39 30.71
N ARG J 127 33.44 -20.79 31.80
CA ARG J 127 33.91 -20.47 33.13
C ARG J 127 35.31 -21.04 33.39
N ARG J 128 35.56 -22.27 32.96
CA ARG J 128 36.81 -22.93 33.31
C ARG J 128 37.95 -22.61 32.35
N MET J 129 37.65 -22.11 31.16
CA MET J 129 38.68 -21.56 30.29
C MET J 129 38.86 -20.05 30.51
N TYR J 130 38.17 -19.48 31.50
CA TYR J 130 38.17 -18.05 31.79
C TYR J 130 37.89 -17.21 30.54
N TRP J 131 36.82 -17.59 29.84
CA TRP J 131 36.28 -16.78 28.76
C TRP J 131 35.17 -15.85 29.24
N SER J 132 34.82 -15.91 30.53
CA SER J 132 33.78 -15.04 31.08
C SER J 132 34.02 -14.85 32.58
N ASN J 133 33.51 -13.73 33.11
CA ASN J 133 33.48 -13.49 34.54
C ASN J 133 32.09 -13.61 35.15
N ALA J 134 31.07 -13.83 34.34
CA ALA J 134 29.70 -13.80 34.85
C ALA J 134 29.12 -15.19 35.05
N LEU J 135 29.94 -16.20 35.37
CA LEU J 135 29.46 -17.56 35.55
C LEU J 135 29.92 -18.09 36.88
N SER J 136 28.98 -18.51 37.72
CA SER J 136 29.36 -18.99 39.04
C SER J 136 28.90 -20.43 39.23
N PRO J 137 29.69 -21.22 39.96
CA PRO J 137 29.23 -22.57 40.31
C PRO J 137 28.08 -22.52 41.30
N SER J 138 27.07 -23.35 41.06
CA SER J 138 25.89 -23.41 41.91
C SER J 138 25.85 -24.69 42.73
N GLU J 139 25.89 -25.85 42.07
CA GLU J 139 25.98 -27.17 42.70
C GLU J 139 27.11 -27.96 42.06
N TYR J 140 27.29 -29.18 42.56
CA TYR J 140 28.17 -30.15 41.91
C TYR J 140 27.48 -31.51 42.01
N ILE J 141 26.66 -31.83 40.99
CA ILE J 141 25.92 -33.09 40.95
C ILE J 141 26.47 -33.93 39.81
N SER J 142 26.62 -35.23 40.06
CA SER J 142 26.95 -36.20 39.02
C SER J 142 28.18 -35.76 38.22
N GLY J 143 29.20 -35.27 38.93
CA GLY J 143 30.42 -34.81 38.29
C GLY J 143 30.23 -33.60 37.39
N THR J 144 29.14 -32.88 37.57
CA THR J 144 28.79 -31.70 36.78
C THR J 144 28.65 -30.50 37.69
N THR J 145 29.03 -29.32 37.18
CA THR J 145 28.79 -28.04 37.81
C THR J 145 27.57 -27.39 37.17
N CYS J 146 26.57 -27.10 37.98
CA CYS J 146 25.42 -26.35 37.51
C CYS J 146 25.76 -24.86 37.56
N ILE J 147 25.60 -24.15 36.42
CA ILE J 147 26.05 -22.77 36.27
C ILE J 147 24.90 -21.83 36.61
N GLN J 148 25.21 -20.79 37.37
CA GLN J 148 24.32 -19.66 37.60
C GLN J 148 24.89 -18.42 36.93
N THR J 149 24.01 -17.62 36.34
CA THR J 149 24.45 -16.41 35.63
C THR J 149 23.27 -15.48 35.45
N ALA J 150 23.59 -14.21 35.23
CA ALA J 150 22.57 -13.23 34.90
C ALA J 150 22.28 -13.12 33.40
N TYR J 151 23.18 -13.64 32.56
CA TYR J 151 22.96 -13.63 31.12
C TYR J 151 21.63 -14.26 30.77
N GLN J 152 20.92 -13.63 29.84
CA GLN J 152 19.59 -14.06 29.44
C GLN J 152 19.58 -14.96 28.22
N TYR J 153 20.58 -14.86 27.36
CA TYR J 153 20.58 -15.66 26.14
C TYR J 153 21.94 -16.25 25.87
N LEU J 154 21.91 -17.43 25.25
CA LEU J 154 23.08 -18.09 24.69
C LEU J 154 22.76 -18.38 23.22
N ILE J 155 23.61 -17.88 22.31
CA ILE J 155 23.35 -17.93 20.87
C ILE J 155 24.42 -18.76 20.21
N ILE J 156 24.00 -19.63 19.29
CA ILE J 156 24.90 -20.40 18.44
C ILE J 156 24.53 -20.10 17.00
N GLN J 157 25.52 -19.78 16.16
CA GLN J 157 25.27 -19.53 14.76
C GLN J 157 26.32 -20.18 13.86
N ASN J 158 25.85 -20.83 12.81
CA ASN J 158 26.72 -21.35 11.76
C ASN J 158 27.23 -20.14 10.99
N THR J 159 28.52 -19.83 11.13
CA THR J 159 29.09 -18.64 10.52
C THR J 159 30.50 -18.93 10.04
N THR J 160 31.13 -17.90 9.48
CA THR J 160 32.50 -17.95 9.02
C THR J 160 33.36 -17.14 9.98
N TRP J 161 34.67 -17.40 9.90
CA TRP J 161 35.61 -16.78 10.82
C TRP J 161 35.67 -15.27 10.66
N GLU J 162 35.56 -14.78 9.42
CA GLU J 162 35.63 -13.35 9.14
C GLU J 162 34.39 -12.61 9.63
N ASP J 163 33.28 -13.33 9.80
CA ASP J 163 32.01 -12.72 10.13
C ASP J 163 31.55 -13.05 11.55
N HIS J 164 32.39 -13.73 12.33
CA HIS J 164 31.92 -14.24 13.61
C HIS J 164 31.62 -13.15 14.62
N CYS J 165 32.18 -11.96 14.46
CA CYS J 165 32.03 -10.91 15.46
C CYS J 165 30.75 -10.10 15.33
N VAL J 166 29.96 -10.31 14.27
CA VAL J 166 28.67 -9.66 14.10
C VAL J 166 27.64 -10.75 13.86
N PHE J 167 26.52 -10.66 14.58
CA PHE J 167 25.46 -11.65 14.44
C PHE J 167 24.95 -11.69 13.01
N SER J 168 24.96 -12.90 12.43
CA SER J 168 24.34 -13.12 11.13
C SER J 168 22.83 -13.08 11.27
N ARG J 169 22.16 -12.84 10.15
CA ARG J 169 20.69 -12.79 10.17
C ARG J 169 20.11 -14.17 10.41
N PRO J 170 19.14 -14.32 11.33
CA PRO J 170 18.53 -15.64 11.58
C PRO J 170 17.87 -16.23 10.35
N SER J 171 17.06 -15.44 9.66
CA SER J 171 16.32 -15.87 8.49
C SER J 171 16.55 -14.92 7.33
N THR K 16 1.02 -59.63 44.50
CA THR K 16 1.42 -60.24 43.23
C THR K 16 1.83 -59.18 42.22
N MET K 17 3.00 -59.38 41.60
CA MET K 17 3.45 -58.44 40.61
C MET K 17 3.66 -59.14 39.27
N PRO K 18 3.38 -58.44 38.16
CA PRO K 18 3.57 -59.05 36.83
C PRO K 18 5.01 -59.46 36.58
N LEU K 19 5.18 -60.33 35.57
CA LEU K 19 6.50 -60.84 35.22
C LEU K 19 7.20 -59.87 34.27
N SER K 20 8.52 -59.80 34.41
CA SER K 20 9.32 -59.13 33.40
C SER K 20 9.78 -60.11 32.33
N CYS K 21 10.24 -61.29 32.76
CA CYS K 21 10.60 -62.38 31.84
C CYS K 21 9.33 -63.11 31.46
N SER K 22 8.70 -62.63 30.40
CA SER K 22 7.48 -63.21 29.87
C SER K 22 7.60 -63.36 28.35
N LYS K 23 6.74 -64.19 27.79
CA LYS K 23 6.79 -64.37 26.35
C LYS K 23 6.20 -63.18 25.61
N ASN K 24 5.17 -62.52 26.18
CA ASN K 24 4.70 -61.30 25.56
C ASN K 24 5.67 -60.18 25.68
N ASN K 25 6.87 -60.32 26.24
CA ASN K 25 7.79 -59.20 26.39
C ASN K 25 9.17 -59.55 25.83
N SER K 26 9.97 -58.51 25.63
CA SER K 26 11.40 -58.61 25.40
C SER K 26 12.13 -57.97 26.57
N HIS K 27 13.26 -58.55 26.96
CA HIS K 27 13.90 -58.12 28.20
C HIS K 27 15.40 -58.37 28.13
N HIS K 28 16.16 -57.55 28.87
CA HIS K 28 17.58 -57.79 29.04
C HIS K 28 18.00 -57.21 30.38
N TYR K 29 19.00 -57.82 31.01
CA TYR K 29 19.46 -57.41 32.33
C TYR K 29 20.95 -57.05 32.25
N ILE K 30 21.29 -55.84 32.72
CA ILE K 30 22.67 -55.34 32.75
C ILE K 30 23.16 -55.35 34.20
N GLN K 31 24.23 -56.10 34.48
CA GLN K 31 24.79 -56.05 35.83
C GLN K 31 25.77 -54.89 35.89
N VAL K 32 25.48 -53.94 36.77
CA VAL K 32 26.37 -52.80 36.93
C VAL K 32 27.40 -53.06 38.02
N ARG K 33 26.99 -53.69 39.13
CA ARG K 33 27.90 -54.00 40.23
C ARG K 33 27.71 -55.44 40.68
N ASN K 34 28.39 -55.83 41.77
CA ASN K 34 28.43 -57.24 42.17
C ASN K 34 27.03 -57.77 42.44
N ASP K 35 26.17 -56.95 43.03
CA ASP K 35 24.85 -57.38 43.49
C ASP K 35 23.71 -56.84 42.64
N THR K 36 23.83 -55.60 42.19
CA THR K 36 22.75 -54.84 41.58
C THR K 36 22.90 -54.79 40.07
N GLY K 37 21.79 -54.48 39.39
CA GLY K 37 21.80 -54.19 37.98
C GLY K 37 20.51 -53.55 37.54
N LEU K 38 20.35 -53.40 36.22
CA LEU K 38 19.14 -52.81 35.65
C LEU K 38 18.46 -53.80 34.71
N GLU K 39 17.14 -53.92 34.86
CA GLU K 39 16.31 -54.75 34.01
C GLU K 39 15.59 -53.85 33.04
N LEU K 40 15.87 -54.01 31.76
CA LEU K 40 15.16 -53.35 30.68
C LEU K 40 14.10 -54.28 30.12
N THR K 41 12.88 -53.79 30.01
CA THR K 41 11.73 -54.60 29.63
C THR K 41 10.88 -53.82 28.64
N LEU K 42 10.70 -54.36 27.44
CA LEU K 42 9.70 -53.83 26.51
C LEU K 42 8.43 -54.61 26.75
N THR K 43 7.30 -53.91 26.93
CA THR K 43 6.10 -54.62 27.34
C THR K 43 4.87 -53.80 26.97
N ASN K 44 3.69 -54.42 27.08
CA ASN K 44 2.48 -53.62 27.06
C ASN K 44 1.79 -53.55 28.43
N THR K 45 2.47 -53.90 29.53
CA THR K 45 1.95 -53.65 30.87
C THR K 45 2.60 -52.41 31.47
N SER K 46 1.80 -51.52 32.05
CA SER K 46 2.32 -50.33 32.72
C SER K 46 2.29 -50.50 34.23
N LEU K 47 3.34 -50.04 34.89
CA LEU K 47 3.48 -50.14 36.31
C LEU K 47 3.27 -48.82 36.98
N LEU K 48 3.33 -47.75 36.22
CA LEU K 48 3.17 -46.45 36.79
C LEU K 48 1.88 -45.85 36.38
N ASP K 49 1.16 -45.31 37.35
CA ASP K 49 -0.13 -44.72 37.09
C ASP K 49 -0.18 -43.21 37.13
N HIS K 50 0.96 -42.54 37.15
CA HIS K 50 1.00 -41.10 37.19
C HIS K 50 1.90 -40.56 36.12
N LYS K 51 1.83 -39.27 35.87
CA LYS K 51 2.63 -38.63 34.85
C LYS K 51 3.87 -37.90 35.35
N PHE K 52 4.17 -38.05 36.62
CA PHE K 52 5.32 -37.38 37.19
C PHE K 52 6.60 -38.13 37.20
N CYS K 53 7.65 -37.35 37.32
CA CYS K 53 8.99 -37.81 37.55
C CYS K 53 9.61 -36.74 38.46
N ASN K 54 9.20 -36.76 39.73
CA ASN K 54 9.68 -35.77 40.69
C ASN K 54 11.13 -36.06 41.04
N LEU K 55 12.04 -35.24 40.51
CA LEU K 55 13.43 -35.35 40.92
C LEU K 55 13.85 -34.04 41.57
N SER K 56 12.99 -33.51 42.46
CA SER K 56 13.35 -32.28 43.15
C SER K 56 14.48 -32.51 44.14
N ASP K 57 14.58 -33.74 44.66
CA ASP K 57 15.62 -34.13 45.60
C ASP K 57 16.90 -34.45 44.86
N ALA K 58 18.02 -33.87 45.35
CA ALA K 58 19.28 -34.01 44.64
C ALA K 58 19.70 -35.45 44.58
N HIS K 59 19.40 -36.23 45.62
CA HIS K 59 19.82 -37.63 45.66
C HIS K 59 19.05 -38.46 44.64
N LYS K 60 17.74 -38.21 44.50
CA LYS K 60 16.97 -38.94 43.48
C LYS K 60 17.39 -38.53 42.09
N ARG K 61 17.73 -37.25 41.89
CA ARG K 61 18.12 -36.79 40.57
C ARG K 61 19.39 -37.47 40.09
N ASN K 62 20.29 -37.81 41.01
CA ASN K 62 21.54 -38.41 40.60
C ASN K 62 21.41 -39.92 40.41
N LEU K 63 20.54 -40.58 41.19
CA LEU K 63 20.32 -42.00 40.93
C LEU K 63 19.65 -42.20 39.60
N TYR K 64 18.87 -41.22 39.17
CA TYR K 64 18.27 -41.29 37.84
C TYR K 64 19.35 -41.08 36.78
N ASP K 65 20.27 -40.15 37.02
CA ASP K 65 21.35 -39.91 36.07
C ASP K 65 22.30 -41.11 36.01
N LYS K 66 22.60 -41.71 37.17
CA LYS K 66 23.54 -42.83 37.19
C LYS K 66 22.96 -44.07 36.52
N ALA K 67 21.64 -44.26 36.64
CA ALA K 67 21.01 -45.41 36.02
C ALA K 67 21.10 -45.34 34.50
N LEU K 68 20.85 -44.16 33.92
CA LEU K 68 20.87 -44.03 32.47
C LEU K 68 22.28 -44.06 31.93
N MET K 69 23.25 -43.57 32.70
CA MET K 69 24.63 -43.62 32.26
C MET K 69 25.13 -45.06 32.16
N SER K 70 24.73 -45.92 33.10
CA SER K 70 25.11 -47.32 32.97
C SER K 70 24.49 -47.95 31.71
N ILE K 71 23.31 -47.50 31.31
CA ILE K 71 22.76 -47.96 30.04
C ILE K 71 23.57 -47.39 28.88
N VAL K 72 23.86 -46.10 28.93
CA VAL K 72 24.61 -45.47 27.84
C VAL K 72 25.99 -46.09 27.73
N THR K 73 26.63 -46.36 28.87
CA THR K 73 27.99 -46.89 28.84
C THR K 73 28.04 -48.31 28.31
N THR K 74 27.15 -49.17 28.80
CA THR K 74 27.18 -50.58 28.42
C THR K 74 26.84 -50.76 26.95
N PHE K 75 25.81 -50.08 26.48
CA PHE K 75 25.37 -50.16 25.10
C PHE K 75 26.14 -49.20 24.19
N HIS K 76 27.10 -48.44 24.72
CA HIS K 76 27.82 -47.43 23.94
C HIS K 76 26.86 -46.59 23.11
N LEU K 77 25.84 -46.02 23.74
CA LEU K 77 24.83 -45.33 22.96
C LEU K 77 25.33 -43.98 22.51
N ASN K 78 24.89 -43.59 21.31
CA ASN K 78 25.14 -42.27 20.71
C ASN K 78 23.77 -41.75 20.27
N ILE K 79 23.12 -40.96 21.13
CA ILE K 79 21.77 -40.47 20.86
C ILE K 79 21.83 -39.12 20.12
N PRO K 80 21.16 -38.96 18.99
CA PRO K 80 21.18 -37.66 18.31
C PRO K 80 20.35 -36.63 19.08
N ASN K 81 20.64 -35.35 18.83
CA ASN K 81 19.87 -34.24 19.38
C ASN K 81 18.92 -33.72 18.31
N PHE K 82 17.64 -34.01 18.44
CA PHE K 82 16.65 -33.58 17.49
C PHE K 82 15.58 -32.72 18.10
N ASN K 83 15.80 -32.23 19.30
CA ASN K 83 14.84 -31.49 20.08
C ASN K 83 13.58 -32.27 20.35
N GLN K 84 13.73 -33.54 20.67
CA GLN K 84 12.61 -34.42 20.97
C GLN K 84 12.68 -35.05 22.35
N TYR K 85 11.53 -35.50 22.83
CA TYR K 85 11.38 -36.07 24.15
C TYR K 85 10.41 -37.23 24.13
N GLU K 86 10.59 -38.23 25.00
CA GLU K 86 9.66 -39.34 25.09
C GLU K 86 8.88 -39.15 26.36
N VAL K 87 7.57 -39.24 26.35
CA VAL K 87 6.84 -39.11 27.60
C VAL K 87 7.36 -40.16 28.55
N MET K 88 7.58 -39.77 29.81
CA MET K 88 8.23 -40.65 30.79
C MET K 88 7.70 -40.37 32.20
N SER K 89 7.53 -41.42 32.99
CA SER K 89 7.33 -41.35 34.43
C SER K 89 8.43 -42.12 35.14
N CYS K 90 8.74 -41.69 36.37
CA CYS K 90 9.67 -42.40 37.23
C CYS K 90 9.09 -42.49 38.64
N ASP K 91 9.74 -43.30 39.46
CA ASP K 91 9.35 -43.44 40.85
C ASP K 91 10.50 -44.12 41.59
N PHE K 92 10.46 -44.07 42.92
CA PHE K 92 11.51 -44.66 43.74
C PHE K 92 10.90 -45.50 44.85
N ASN K 93 11.60 -46.58 45.20
CA ASN K 93 11.25 -47.45 46.31
C ASN K 93 12.56 -47.61 47.08
N GLY K 94 12.77 -46.80 48.11
CA GLY K 94 13.97 -46.92 48.93
C GLY K 94 15.25 -46.85 48.13
N GLY K 95 15.36 -45.86 47.24
CA GLY K 95 16.57 -45.68 46.46
C GLY K 95 16.66 -46.58 45.25
N LYS K 96 15.61 -47.35 44.95
CA LYS K 96 15.56 -48.19 43.76
C LYS K 96 14.67 -47.50 42.75
N ILE K 97 15.25 -47.14 41.60
CA ILE K 97 14.63 -46.34 40.54
C ILE K 97 13.70 -47.23 39.72
N THR K 98 12.60 -46.66 39.26
CA THR K 98 11.75 -47.29 38.24
C THR K 98 11.40 -46.19 37.24
N VAL K 99 11.84 -46.32 36.00
CA VAL K 99 11.54 -45.32 34.96
C VAL K 99 10.71 -46.02 33.88
N GLN K 100 9.65 -45.35 33.44
CA GLN K 100 8.76 -45.95 32.44
C GLN K 100 8.60 -44.99 31.28
N TYR K 101 8.90 -45.45 30.06
CA TYR K 101 8.66 -44.66 28.86
C TYR K 101 7.34 -45.12 28.25
N ASN K 102 6.43 -44.18 28.00
CA ASN K 102 5.19 -44.50 27.29
C ASN K 102 5.48 -44.23 25.82
N LEU K 103 5.88 -45.27 25.08
CA LEU K 103 6.46 -45.05 23.76
C LEU K 103 5.42 -44.54 22.76
N SER K 104 5.92 -43.75 21.80
CA SER K 104 5.14 -43.23 20.67
C SER K 104 5.92 -43.58 19.39
N HIS K 105 5.96 -44.87 19.06
CA HIS K 105 6.70 -45.42 17.93
C HIS K 105 5.86 -46.37 17.09
N SER K 106 4.54 -46.25 17.13
CA SER K 106 3.74 -47.23 16.40
C SER K 106 3.70 -46.95 14.91
N SER K 107 4.02 -45.72 14.49
CA SER K 107 4.03 -45.37 13.08
C SER K 107 5.37 -44.77 12.67
N TYR K 108 5.53 -44.57 11.36
CA TYR K 108 6.76 -44.01 10.83
C TYR K 108 6.92 -42.54 11.25
N VAL K 109 5.83 -41.77 11.22
CA VAL K 109 5.90 -40.37 11.62
C VAL K 109 6.27 -40.26 13.09
N ASP K 110 5.64 -41.09 13.93
CA ASP K 110 5.90 -41.01 15.36
C ASP K 110 7.27 -41.57 15.73
N ALA K 111 7.70 -42.64 15.05
CA ALA K 111 9.06 -43.13 15.26
C ALA K 111 10.08 -42.05 14.94
N ALA K 112 9.82 -41.28 13.88
CA ALA K 112 10.74 -40.23 13.46
C ALA K 112 10.75 -39.06 14.43
N ASN K 113 9.63 -38.80 15.09
CA ASN K 113 9.56 -37.67 15.99
C ASN K 113 10.05 -38.02 17.38
N HIS K 114 10.40 -39.28 17.65
CA HIS K 114 10.91 -39.71 18.94
C HIS K 114 12.15 -40.57 18.77
N CYS K 115 13.07 -40.10 17.93
CA CYS K 115 14.26 -40.83 17.53
C CYS K 115 15.47 -40.41 18.35
N GLY K 116 15.59 -39.13 18.70
CA GLY K 116 16.70 -38.67 19.51
C GLY K 116 16.45 -38.85 21.00
N THR K 117 16.03 -40.05 21.39
CA THR K 117 15.71 -40.33 22.79
C THR K 117 16.47 -41.58 23.22
N ILE K 118 16.75 -41.66 24.53
CA ILE K 118 17.47 -42.83 25.04
C ILE K 118 16.65 -44.08 24.77
N ALA K 119 15.35 -43.97 24.85
CA ALA K 119 14.50 -45.10 24.63
C ALA K 119 14.71 -45.71 23.26
N ASN K 120 14.79 -44.89 22.22
CA ASN K 120 15.02 -45.33 20.88
C ASN K 120 16.35 -46.01 20.76
N GLY K 121 17.34 -45.45 21.43
CA GLY K 121 18.67 -45.97 21.44
C GLY K 121 18.72 -47.30 22.09
N ILE K 122 17.98 -47.45 23.17
CA ILE K 122 17.88 -48.76 23.81
C ILE K 122 17.26 -49.76 22.85
N MET K 123 16.10 -49.42 22.28
CA MET K 123 15.42 -50.36 21.39
C MET K 123 16.27 -50.73 20.18
N ASP K 124 17.05 -49.79 19.66
CA ASP K 124 17.88 -50.14 18.52
C ASP K 124 18.96 -51.13 18.93
N THR K 125 19.39 -51.10 20.19
CA THR K 125 20.32 -52.12 20.64
C THR K 125 19.63 -53.48 20.74
N PHE K 126 18.37 -53.50 21.21
CA PHE K 126 17.61 -54.75 21.22
C PHE K 126 17.55 -55.36 19.82
N ARG K 127 17.23 -54.53 18.82
CA ARG K 127 17.11 -55.00 17.45
C ARG K 127 18.44 -55.52 16.91
N ARG K 128 19.54 -54.86 17.24
CA ARG K 128 20.86 -55.28 16.76
C ARG K 128 21.42 -56.48 17.51
N MET K 129 20.96 -56.76 18.72
CA MET K 129 21.42 -57.93 19.47
C MET K 129 20.48 -59.11 19.37
N TYR K 130 19.41 -59.01 18.60
CA TYR K 130 18.41 -60.05 18.51
C TYR K 130 17.81 -60.40 19.86
N TRP K 131 17.47 -59.38 20.63
CA TRP K 131 16.71 -59.61 21.85
C TRP K 131 15.22 -59.43 21.63
N SER K 132 14.80 -59.05 20.43
CA SER K 132 13.39 -58.88 20.16
C SER K 132 13.14 -59.07 18.67
N ASN K 133 11.91 -59.48 18.33
CA ASN K 133 11.49 -59.57 16.93
C ASN K 133 10.43 -58.54 16.54
N ALA K 134 10.00 -57.69 17.47
CA ALA K 134 8.95 -56.70 17.21
C ALA K 134 9.52 -55.29 17.05
N LEU K 135 10.73 -55.15 16.51
CA LEU K 135 11.36 -53.84 16.34
C LEU K 135 11.87 -53.70 14.91
N SER K 136 11.42 -52.66 14.20
CA SER K 136 11.83 -52.53 12.81
C SER K 136 12.54 -51.20 12.56
N PRO K 137 13.52 -51.18 11.66
CA PRO K 137 14.13 -49.91 11.28
C PRO K 137 13.12 -49.08 10.52
N SER K 138 13.05 -47.79 10.84
CA SER K 138 12.11 -46.90 10.18
C SER K 138 12.82 -45.96 9.23
N GLU K 139 13.82 -45.23 9.71
CA GLU K 139 14.64 -44.40 8.83
C GLU K 139 16.03 -44.30 9.45
N TYR K 140 16.97 -43.86 8.61
CA TYR K 140 18.35 -43.64 9.02
C TYR K 140 18.64 -42.16 8.91
N ILE K 141 19.06 -41.57 10.02
CA ILE K 141 19.45 -40.16 10.04
C ILE K 141 20.56 -40.01 11.07
N SER K 142 21.56 -39.20 10.72
CA SER K 142 22.64 -38.84 11.65
C SER K 142 23.28 -40.08 12.29
N GLY K 143 23.49 -41.12 11.48
CA GLY K 143 24.08 -42.34 11.99
C GLY K 143 23.25 -43.08 13.01
N THR K 144 21.95 -42.81 13.05
CA THR K 144 21.07 -43.47 13.99
C THR K 144 19.92 -44.11 13.22
N THR K 145 19.41 -45.23 13.73
CA THR K 145 18.19 -45.86 13.23
C THR K 145 17.02 -45.45 14.11
N CYS K 146 16.01 -44.87 13.50
CA CYS K 146 14.78 -44.58 14.22
C CYS K 146 13.94 -45.85 14.21
N ILE K 147 13.52 -46.33 15.39
CA ILE K 147 12.88 -47.63 15.58
C ILE K 147 11.37 -47.49 15.62
N GLN K 148 10.67 -48.43 14.99
CA GLN K 148 9.21 -48.50 15.04
C GLN K 148 8.83 -49.74 15.84
N THR K 149 7.75 -49.64 16.61
CA THR K 149 7.28 -50.82 17.36
C THR K 149 5.84 -50.60 17.83
N ALA K 150 5.14 -51.71 18.03
CA ALA K 150 3.81 -51.66 18.61
C ALA K 150 3.81 -51.71 20.14
N TYR K 151 4.91 -52.16 20.77
CA TYR K 151 5.02 -52.14 22.23
C TYR K 151 4.68 -50.76 22.76
N GLN K 152 3.95 -50.72 23.86
CA GLN K 152 3.53 -49.44 24.40
C GLN K 152 4.47 -48.89 25.45
N TYR K 153 5.25 -49.75 26.13
CA TYR K 153 6.08 -49.29 27.23
C TYR K 153 7.47 -49.89 27.17
N LEU K 154 8.44 -49.12 27.65
CA LEU K 154 9.78 -49.59 27.94
C LEU K 154 10.11 -49.21 29.38
N ILE K 155 10.42 -50.21 30.19
CA ILE K 155 10.56 -50.00 31.63
C ILE K 155 11.98 -50.33 32.04
N ILE K 156 12.56 -49.48 32.87
CA ILE K 156 13.87 -49.69 33.47
C ILE K 156 13.70 -49.70 34.99
N GLN K 157 14.17 -50.77 35.63
CA GLN K 157 14.10 -50.86 37.07
C GLN K 157 15.41 -51.34 37.66
N ASN K 158 15.82 -50.66 38.73
CA ASN K 158 16.94 -51.08 39.55
C ASN K 158 16.50 -52.31 40.35
N THR K 159 17.07 -53.46 40.03
CA THR K 159 16.74 -54.71 40.70
C THR K 159 18.00 -55.54 40.86
N THR K 160 17.83 -56.71 41.45
CA THR K 160 18.91 -57.67 41.57
C THR K 160 18.67 -58.82 40.59
N TRP K 161 19.74 -59.58 40.37
CA TRP K 161 19.72 -60.65 39.38
C TRP K 161 18.74 -61.77 39.73
N GLU K 162 18.61 -62.11 41.02
CA GLU K 162 17.66 -63.16 41.37
C GLU K 162 16.21 -62.71 41.22
N ASP K 163 15.95 -61.39 41.28
CA ASP K 163 14.58 -60.89 41.17
C ASP K 163 14.32 -60.19 39.84
N HIS K 164 15.28 -60.21 38.91
CA HIS K 164 15.14 -59.37 37.72
C HIS K 164 13.96 -59.79 36.84
N CYS K 165 13.48 -61.04 36.98
CA CYS K 165 12.39 -61.56 36.16
C CYS K 165 11.01 -61.22 36.70
N VAL K 166 10.92 -60.51 37.84
CA VAL K 166 9.65 -60.03 38.37
C VAL K 166 9.76 -58.52 38.55
N PHE K 167 8.75 -57.80 38.09
CA PHE K 167 8.76 -56.36 38.30
C PHE K 167 8.75 -56.04 39.79
N SER K 168 9.71 -55.22 40.23
CA SER K 168 9.70 -54.72 41.60
C SER K 168 8.55 -53.75 41.81
N ARG K 169 7.99 -53.76 43.01
CA ARG K 169 6.97 -52.80 43.37
C ARG K 169 7.52 -51.38 43.16
N PRO K 170 6.82 -50.52 42.40
CA PRO K 170 7.34 -49.16 42.18
C PRO K 170 7.36 -48.29 43.43
N SER K 171 6.31 -48.34 44.24
CA SER K 171 6.21 -47.52 45.44
C SER K 171 5.91 -48.36 46.67
N THR L 16 70.60 44.52 -6.18
CA THR L 16 69.64 44.28 -7.25
C THR L 16 69.13 42.84 -7.31
N MET L 17 67.81 42.67 -7.35
CA MET L 17 67.22 41.35 -7.43
C MET L 17 66.33 41.22 -8.66
N PRO L 18 66.25 40.01 -9.24
CA PRO L 18 65.44 39.85 -10.46
C PRO L 18 63.98 40.25 -10.26
N LEU L 19 63.32 40.46 -11.40
CA LEU L 19 61.91 40.82 -11.43
C LEU L 19 61.02 39.61 -11.38
N SER L 20 59.89 39.76 -10.69
CA SER L 20 58.82 38.79 -10.74
C SER L 20 57.85 39.14 -11.86
N CYS L 21 57.48 40.42 -11.97
CA CYS L 21 56.64 40.89 -13.05
C CYS L 21 57.52 41.09 -14.29
N SER L 22 57.71 40.01 -15.02
CA SER L 22 58.47 39.95 -16.26
C SER L 22 57.62 39.22 -17.29
N LYS L 23 57.96 39.41 -18.58
CA LYS L 23 57.20 38.68 -19.60
C LYS L 23 57.59 37.20 -19.65
N ASN L 24 58.73 36.83 -19.07
CA ASN L 24 59.14 35.44 -18.99
C ASN L 24 58.48 34.69 -17.85
N ASN L 25 57.62 35.34 -17.06
CA ASN L 25 57.04 34.69 -15.89
C ASN L 25 55.52 34.83 -15.91
N SER L 26 54.87 34.01 -15.10
CA SER L 26 53.48 34.18 -14.72
C SER L 26 53.42 34.47 -13.23
N HIS L 27 52.52 35.37 -12.83
CA HIS L 27 52.51 35.84 -11.45
C HIS L 27 51.10 36.25 -11.03
N HIS L 28 50.85 36.13 -9.74
CA HIS L 28 49.62 36.61 -9.11
C HIS L 28 49.91 36.95 -7.66
N TYR L 29 49.17 37.91 -7.12
CA TYR L 29 49.43 38.42 -5.79
C TYR L 29 48.17 38.25 -4.96
N ILE L 30 48.31 37.60 -3.79
CA ILE L 30 47.21 37.39 -2.87
C ILE L 30 47.36 38.36 -1.71
N GLN L 31 46.36 39.21 -1.53
CA GLN L 31 46.28 40.09 -0.37
C GLN L 31 45.63 39.32 0.75
N VAL L 32 46.37 39.02 1.81
CA VAL L 32 45.80 38.35 2.96
C VAL L 32 45.39 39.36 4.02
N ARG L 33 46.19 40.42 4.21
CA ARG L 33 45.93 41.46 5.19
C ARG L 33 46.07 42.82 4.50
N ASN L 34 45.85 43.87 5.29
CA ASN L 34 45.78 45.24 4.77
C ASN L 34 46.96 45.55 3.85
N ASP L 35 48.15 45.10 4.21
CA ASP L 35 49.41 45.60 3.67
C ASP L 35 50.26 44.46 3.11
N THR L 36 50.19 43.30 3.75
CA THR L 36 51.06 42.18 3.45
C THR L 36 50.27 41.06 2.76
N GLY L 37 50.96 40.31 1.91
CA GLY L 37 50.35 39.23 1.17
C GLY L 37 51.41 38.29 0.65
N LEU L 38 51.02 37.43 -0.29
CA LEU L 38 51.94 36.48 -0.93
C LEU L 38 51.96 36.66 -2.45
N GLU L 39 53.16 36.69 -3.04
CA GLU L 39 53.34 36.78 -4.48
C GLU L 39 53.78 35.42 -5.04
N LEU L 40 52.91 34.80 -5.84
CA LEU L 40 53.22 33.53 -6.50
C LEU L 40 53.78 33.78 -7.90
N THR L 41 54.89 33.11 -8.22
CA THR L 41 55.58 33.33 -9.50
C THR L 41 56.02 32.00 -10.08
N LEU L 42 55.53 31.68 -11.26
CA LEU L 42 56.07 30.59 -12.05
C LEU L 42 57.17 31.17 -12.93
N THR L 43 58.36 30.57 -12.87
CA THR L 43 59.52 31.17 -13.52
C THR L 43 60.56 30.11 -13.78
N ASN L 44 61.55 30.48 -14.59
CA ASN L 44 62.76 29.68 -14.76
C ASN L 44 63.96 30.17 -13.94
N THR L 45 63.77 31.19 -13.09
CA THR L 45 64.82 31.65 -12.20
C THR L 45 64.61 31.10 -10.79
N SER L 46 65.66 30.58 -10.18
CA SER L 46 65.61 30.06 -8.81
C SER L 46 66.24 31.07 -7.85
N LEU L 47 65.67 31.15 -6.65
CA LEU L 47 66.17 32.02 -5.60
C LEU L 47 66.86 31.26 -4.48
N LEU L 48 66.70 29.95 -4.41
CA LEU L 48 67.31 29.14 -3.36
C LEU L 48 68.31 28.17 -3.98
N ASP L 49 69.56 28.26 -3.53
CA ASP L 49 70.58 27.34 -4.00
C ASP L 49 70.49 26.00 -3.26
N HIS L 50 70.28 26.04 -1.95
CA HIS L 50 70.32 24.86 -1.10
C HIS L 50 69.10 23.97 -1.31
N LYS L 51 69.16 22.77 -0.71
CA LYS L 51 68.14 21.73 -0.81
C LYS L 51 67.22 21.71 0.40
N PHE L 52 67.53 22.44 1.46
CA PHE L 52 66.94 22.21 2.77
C PHE L 52 65.76 23.13 3.00
N CYS L 53 64.95 22.76 4.01
CA CYS L 53 63.82 23.57 4.50
C CYS L 53 63.73 23.40 6.01
N ASN L 54 64.67 24.01 6.71
CA ASN L 54 64.85 23.83 8.14
C ASN L 54 63.67 24.48 8.87
N LEU L 55 62.75 23.66 9.37
CA LEU L 55 61.64 24.18 10.16
C LEU L 55 61.77 23.62 11.57
N SER L 56 62.98 23.69 12.13
CA SER L 56 63.18 23.18 13.48
C SER L 56 62.46 24.02 14.52
N ASP L 57 62.28 25.32 14.23
CA ASP L 57 61.59 26.25 15.13
C ASP L 57 60.09 26.16 14.91
N ALA L 58 59.33 26.06 16.01
CA ALA L 58 57.87 25.98 15.93
C ALA L 58 57.30 27.23 15.28
N HIS L 59 57.90 28.40 15.54
CA HIS L 59 57.36 29.63 14.98
C HIS L 59 57.54 29.68 13.47
N LYS L 60 58.72 29.32 12.96
CA LYS L 60 58.91 29.32 11.52
C LYS L 60 58.14 28.18 10.85
N ARG L 61 58.04 27.03 11.52
CA ARG L 61 57.23 25.95 10.97
C ARG L 61 55.79 26.39 10.88
N ASN L 62 55.35 27.26 11.78
CA ASN L 62 53.95 27.66 11.77
C ASN L 62 53.65 28.73 10.72
N LEU L 63 54.59 29.64 10.47
CA LEU L 63 54.39 30.62 9.42
C LEU L 63 54.37 30.00 8.04
N TYR L 64 55.05 28.86 7.89
CA TYR L 64 55.04 28.12 6.62
C TYR L 64 53.65 27.57 6.37
N ASP L 65 53.02 27.03 7.42
CA ASP L 65 51.65 26.55 7.35
C ASP L 65 50.68 27.70 7.15
N LYS L 66 50.94 28.84 7.80
CA LYS L 66 50.14 30.05 7.58
C LYS L 66 50.16 30.47 6.14
N ALA L 67 51.34 30.63 5.55
CA ALA L 67 51.46 31.11 4.19
C ALA L 67 50.67 30.23 3.23
N LEU L 68 50.80 28.91 3.39
CA LEU L 68 50.15 28.00 2.46
C LEU L 68 48.66 27.86 2.72
N MET L 69 48.25 28.00 3.97
CA MET L 69 46.83 27.91 4.27
C MET L 69 46.07 29.08 3.64
N SER L 70 46.66 30.29 3.66
CA SER L 70 46.03 31.43 3.01
C SER L 70 45.91 31.23 1.49
N ILE L 71 46.84 30.49 0.89
CA ILE L 71 46.73 30.16 -0.53
C ILE L 71 45.60 29.18 -0.73
N VAL L 72 45.50 28.17 0.13
CA VAL L 72 44.46 27.16 0.01
C VAL L 72 43.08 27.78 0.20
N THR L 73 42.94 28.71 1.17
CA THR L 73 41.61 29.29 1.40
C THR L 73 41.21 30.20 0.25
N THR L 74 42.12 31.06 -0.20
CA THR L 74 41.80 32.04 -1.22
C THR L 74 41.50 31.38 -2.56
N PHE L 75 42.32 30.41 -2.97
CA PHE L 75 42.07 29.72 -4.22
C PHE L 75 41.11 28.55 -4.04
N HIS L 76 40.57 28.35 -2.84
CA HIS L 76 39.70 27.22 -2.52
C HIS L 76 40.28 25.89 -3.04
N LEU L 77 41.53 25.62 -2.66
CA LEU L 77 42.19 24.41 -3.13
C LEU L 77 41.71 23.18 -2.38
N ASN L 78 41.59 22.08 -3.12
CA ASN L 78 41.30 20.75 -2.60
C ASN L 78 42.32 19.81 -3.23
N ILE L 79 43.44 19.61 -2.56
CA ILE L 79 44.55 18.82 -3.12
C ILE L 79 44.27 17.35 -2.81
N PRO L 80 44.30 16.46 -3.80
CA PRO L 80 44.08 15.04 -3.51
C PRO L 80 45.24 14.45 -2.72
N ASN L 81 44.99 13.30 -2.10
CA ASN L 81 46.03 12.54 -1.42
C ASN L 81 46.44 11.37 -2.30
N PHE L 82 47.62 11.49 -2.92
CA PHE L 82 48.15 10.50 -3.84
C PHE L 82 49.49 9.94 -3.40
N ASN L 83 49.94 10.21 -2.17
CA ASN L 83 51.28 9.84 -1.73
C ASN L 83 52.34 10.38 -2.70
N GLN L 84 52.25 11.67 -3.01
CA GLN L 84 53.21 12.36 -3.86
C GLN L 84 53.77 13.62 -3.18
N TYR L 85 54.79 14.22 -3.79
CA TYR L 85 55.56 15.26 -3.14
C TYR L 85 56.38 16.04 -4.17
N GLU L 86 56.39 17.37 -4.05
CA GLU L 86 57.13 18.26 -4.94
C GLU L 86 58.43 18.66 -4.26
N VAL L 87 59.56 18.52 -4.98
CA VAL L 87 60.84 18.99 -4.46
C VAL L 87 60.70 20.44 -4.04
N MET L 88 61.22 20.78 -2.85
CA MET L 88 61.04 22.12 -2.31
C MET L 88 62.19 22.53 -1.40
N SER L 89 62.57 23.81 -1.50
CA SER L 89 63.40 24.48 -0.51
C SER L 89 62.65 25.68 0.03
N CYS L 90 62.93 26.05 1.29
CA CYS L 90 62.33 27.22 1.90
C CYS L 90 63.40 28.00 2.63
N ASP L 91 63.04 29.23 3.01
CA ASP L 91 63.95 30.09 3.75
C ASP L 91 63.15 31.23 4.36
N PHE L 92 63.74 31.88 5.36
CA PHE L 92 63.10 32.98 6.05
C PHE L 92 64.03 34.18 6.09
N ASN L 93 63.43 35.38 6.02
CA ASN L 93 64.18 36.62 6.14
C ASN L 93 63.35 37.43 7.14
N GLY L 94 63.73 37.37 8.42
CA GLY L 94 63.01 38.11 9.45
C GLY L 94 61.54 37.79 9.53
N GLY L 95 61.21 36.50 9.57
CA GLY L 95 59.82 36.11 9.70
C GLY L 95 59.04 36.15 8.40
N LYS L 96 59.68 36.45 7.29
CA LYS L 96 59.06 36.45 5.97
C LYS L 96 59.57 35.25 5.16
N ILE L 97 58.66 34.34 4.81
CA ILE L 97 58.97 33.05 4.18
C ILE L 97 59.25 33.23 2.70
N THR L 98 60.12 32.37 2.15
CA THR L 98 60.28 32.22 0.70
C THR L 98 60.23 30.73 0.41
N VAL L 99 59.24 30.30 -0.37
CA VAL L 99 59.03 28.90 -0.70
C VAL L 99 59.29 28.72 -2.19
N GLN L 100 60.12 27.73 -2.53
CA GLN L 100 60.44 27.47 -3.93
C GLN L 100 60.24 26.00 -4.25
N TYR L 101 59.37 25.73 -5.22
CA TYR L 101 59.11 24.40 -5.72
C TYR L 101 59.86 24.19 -7.02
N ASN L 102 60.67 23.12 -7.06
CA ASN L 102 61.33 22.72 -8.30
C ASN L 102 60.40 21.75 -9.02
N LEU L 103 59.60 22.28 -9.94
CA LEU L 103 58.50 21.51 -10.48
C LEU L 103 59.00 20.35 -11.32
N SER L 104 58.22 19.27 -11.32
CA SER L 104 58.45 18.10 -12.14
C SER L 104 57.17 17.86 -12.92
N HIS L 105 56.90 18.76 -13.86
CA HIS L 105 55.72 18.68 -14.70
C HIS L 105 56.11 18.86 -16.15
N SER L 106 57.39 18.65 -16.48
CA SER L 106 57.89 18.93 -17.83
C SER L 106 57.41 17.89 -18.82
N SER L 107 57.03 16.72 -18.35
CA SER L 107 56.46 15.69 -19.19
C SER L 107 55.11 15.34 -18.62
N TYR L 108 54.32 14.61 -19.41
CA TYR L 108 52.99 14.26 -18.99
C TYR L 108 52.99 13.22 -17.87
N VAL L 109 53.88 12.23 -17.94
CA VAL L 109 53.98 11.25 -16.86
C VAL L 109 54.42 11.92 -15.56
N ASP L 110 55.31 12.91 -15.66
CA ASP L 110 55.75 13.61 -14.46
C ASP L 110 54.61 14.41 -13.86
N ALA L 111 53.77 15.01 -14.72
CA ALA L 111 52.59 15.73 -14.25
C ALA L 111 51.66 14.82 -13.46
N ALA L 112 51.52 13.56 -13.91
CA ALA L 112 50.60 12.65 -13.25
C ALA L 112 51.10 12.23 -11.87
N ASN L 113 52.41 12.10 -11.71
CA ASN L 113 52.97 11.61 -10.45
C ASN L 113 53.28 12.73 -9.46
N HIS L 114 53.05 13.99 -9.82
CA HIS L 114 53.19 15.14 -8.94
C HIS L 114 51.92 15.98 -8.98
N CYS L 115 50.78 15.30 -8.89
CA CYS L 115 49.48 15.92 -9.06
C CYS L 115 48.82 16.25 -7.73
N GLY L 116 49.03 15.40 -6.73
CA GLY L 116 48.50 15.61 -5.40
C GLY L 116 49.38 16.52 -4.58
N THR L 117 49.71 17.68 -5.13
CA THR L 117 50.53 18.66 -4.46
C THR L 117 49.88 20.03 -4.54
N ILE L 118 50.25 20.89 -3.58
CA ILE L 118 49.74 22.26 -3.57
C ILE L 118 50.19 23.00 -4.81
N ALA L 119 51.42 22.73 -5.27
CA ALA L 119 51.90 23.35 -6.50
C ALA L 119 50.92 23.09 -7.66
N ASN L 120 50.43 21.85 -7.80
CA ASN L 120 49.55 21.54 -8.92
C ASN L 120 48.21 22.27 -8.80
N GLY L 121 47.67 22.37 -7.59
CA GLY L 121 46.43 23.13 -7.41
C GLY L 121 46.62 24.60 -7.73
N ILE L 122 47.79 25.15 -7.37
CA ILE L 122 48.08 26.54 -7.70
C ILE L 122 48.11 26.73 -9.21
N MET L 123 48.87 25.91 -9.92
CA MET L 123 48.98 26.10 -11.36
C MET L 123 47.65 25.92 -12.07
N ASP L 124 46.78 25.03 -11.56
CA ASP L 124 45.48 24.89 -12.20
C ASP L 124 44.63 26.13 -11.96
N THR L 125 44.87 26.86 -10.87
CA THR L 125 44.20 28.14 -10.68
C THR L 125 44.69 29.17 -11.68
N PHE L 126 46.01 29.20 -11.95
CA PHE L 126 46.54 30.09 -12.96
C PHE L 126 45.92 29.81 -14.32
N ARG L 127 45.85 28.53 -14.69
CA ARG L 127 45.36 28.15 -16.01
C ARG L 127 43.92 28.59 -16.26
N ARG L 128 43.10 28.63 -15.22
CA ARG L 128 41.68 28.87 -15.43
C ARG L 128 41.26 30.29 -15.11
N MET L 129 42.15 31.09 -14.52
CA MET L 129 42.02 32.53 -14.47
C MET L 129 42.78 33.20 -15.61
N TYR L 130 43.39 32.41 -16.50
CA TYR L 130 44.24 32.90 -17.58
C TYR L 130 45.33 33.84 -17.06
N TRP L 131 46.03 33.38 -16.04
CA TRP L 131 47.22 34.06 -15.57
C TRP L 131 48.49 33.50 -16.21
N SER L 132 48.37 32.45 -17.02
CA SER L 132 49.49 31.87 -17.74
C SER L 132 48.97 31.19 -18.98
N ASN L 133 49.84 31.09 -19.98
CA ASN L 133 49.52 30.39 -21.20
C ASN L 133 50.27 29.08 -21.35
N ALA L 134 51.20 28.77 -20.44
CA ALA L 134 52.06 27.60 -20.53
C ALA L 134 51.60 26.45 -19.63
N LEU L 135 50.29 26.33 -19.42
CA LEU L 135 49.75 25.31 -18.54
C LEU L 135 48.68 24.55 -19.32
N SER L 136 48.88 23.26 -19.50
CA SER L 136 47.93 22.46 -20.27
C SER L 136 47.40 21.32 -19.42
N PRO L 137 46.12 20.95 -19.56
CA PRO L 137 45.60 19.82 -18.79
C PRO L 137 46.23 18.53 -19.25
N SER L 138 46.62 17.74 -18.26
CA SER L 138 47.28 16.46 -18.45
C SER L 138 46.37 15.30 -18.17
N GLU L 139 45.75 15.28 -17.00
CA GLU L 139 44.88 14.18 -16.63
C GLU L 139 43.80 14.73 -15.71
N TYR L 140 42.63 14.10 -15.74
CA TYR L 140 41.49 14.49 -14.92
C TYR L 140 41.19 13.37 -13.93
N ILE L 141 41.70 13.47 -12.71
CA ILE L 141 41.55 12.44 -11.69
C ILE L 141 41.07 13.09 -10.40
N SER L 142 40.11 12.44 -9.73
CA SER L 142 39.60 12.86 -8.41
C SER L 142 39.18 14.34 -8.40
N GLY L 143 38.49 14.76 -9.46
CA GLY L 143 38.04 16.14 -9.56
C GLY L 143 39.17 17.15 -9.63
N THR L 144 40.37 16.71 -9.96
CA THR L 144 41.54 17.56 -10.04
C THR L 144 42.14 17.42 -11.43
N THR L 145 42.71 18.52 -11.94
CA THR L 145 43.46 18.50 -13.18
C THR L 145 44.95 18.44 -12.86
N CYS L 146 45.60 17.40 -13.37
CA CYS L 146 47.05 17.30 -13.28
C CYS L 146 47.64 18.17 -14.38
N ILE L 147 48.52 19.11 -14.03
CA ILE L 147 49.04 20.10 -14.96
C ILE L 147 50.43 19.71 -15.44
N GLN L 148 50.65 19.89 -16.74
CA GLN L 148 51.97 19.77 -17.36
C GLN L 148 52.44 21.15 -17.79
N THR L 149 53.73 21.41 -17.64
CA THR L 149 54.26 22.72 -17.98
C THR L 149 55.77 22.63 -18.11
N ALA L 150 56.32 23.57 -18.86
CA ALA L 150 57.76 23.67 -19.02
C ALA L 150 58.42 24.50 -17.93
N TYR L 151 57.64 25.33 -17.23
CA TYR L 151 58.19 26.13 -16.13
C TYR L 151 58.96 25.25 -15.16
N GLN L 152 60.10 25.73 -14.70
CA GLN L 152 60.96 24.94 -13.83
C GLN L 152 60.77 25.25 -12.35
N TYR L 153 60.32 26.45 -11.99
CA TYR L 153 60.17 26.78 -10.57
C TYR L 153 58.83 27.46 -10.32
N LEU L 154 58.31 27.21 -9.13
CA LEU L 154 57.18 27.94 -8.59
C LEU L 154 57.61 28.50 -7.26
N ILE L 155 57.53 29.82 -7.13
CA ILE L 155 58.06 30.52 -5.98
C ILE L 155 56.94 31.25 -5.27
N ILE L 156 56.93 31.14 -3.95
CA ILE L 156 56.02 31.83 -3.05
C ILE L 156 56.86 32.68 -2.12
N GLN L 157 56.52 33.97 -1.99
CA GLN L 157 57.21 34.85 -1.05
C GLN L 157 56.23 35.72 -0.28
N ASN L 158 56.45 35.83 1.03
CA ASN L 158 55.71 36.80 1.84
C ASN L 158 56.26 38.18 1.52
N THR L 159 55.46 39.00 0.86
CA THR L 159 55.90 40.33 0.45
C THR L 159 54.71 41.27 0.56
N THR L 160 54.95 42.52 0.23
CA THR L 160 53.91 43.54 0.24
C THR L 160 53.59 43.93 -1.20
N TRP L 161 52.44 44.60 -1.38
CA TRP L 161 52.01 44.98 -2.74
C TRP L 161 52.99 45.93 -3.40
N GLU L 162 53.68 46.78 -2.63
CA GLU L 162 54.66 47.69 -3.21
C GLU L 162 55.92 46.96 -3.70
N ASP L 163 56.24 45.79 -3.15
CA ASP L 163 57.45 45.09 -3.54
C ASP L 163 57.20 43.82 -4.34
N HIS L 164 55.94 43.52 -4.68
CA HIS L 164 55.64 42.20 -5.21
C HIS L 164 56.27 41.93 -6.57
N CYS L 165 56.59 42.97 -7.34
CA CYS L 165 57.13 42.80 -8.69
C CYS L 165 58.63 42.59 -8.73
N VAL L 166 59.31 42.58 -7.59
CA VAL L 166 60.73 42.28 -7.50
C VAL L 166 60.91 41.18 -6.46
N PHE L 167 61.68 40.15 -6.80
CA PHE L 167 61.97 39.09 -5.84
C PHE L 167 62.65 39.67 -4.60
N SER L 168 62.08 39.42 -3.44
CA SER L 168 62.78 39.86 -2.24
C SER L 168 63.99 38.96 -2.03
N ARG L 169 64.91 39.40 -1.21
CA ARG L 169 66.06 38.55 -0.96
C ARG L 169 65.66 37.42 -0.02
N PRO L 170 66.00 36.17 -0.34
CA PRO L 170 65.45 35.05 0.42
C PRO L 170 66.00 34.96 1.84
N SER L 171 67.29 35.15 1.99
CA SER L 171 67.93 35.01 3.29
C SER L 171 68.70 36.26 3.65
N THR M 16 -19.57 -48.06 -20.86
CA THR M 16 -18.77 -47.01 -20.25
C THR M 16 -17.81 -47.60 -19.22
N MET M 17 -16.54 -47.23 -19.30
CA MET M 17 -15.53 -47.75 -18.38
C MET M 17 -14.90 -46.62 -17.57
N PRO M 18 -14.52 -46.91 -16.33
CA PRO M 18 -13.92 -45.86 -15.48
C PRO M 18 -12.69 -45.25 -16.11
N LEU M 19 -12.32 -44.07 -15.61
CA LEU M 19 -11.17 -43.37 -16.12
C LEU M 19 -9.91 -43.81 -15.43
N SER M 20 -8.81 -43.86 -16.19
CA SER M 20 -7.52 -44.03 -15.55
C SER M 20 -6.90 -42.68 -15.20
N CYS M 21 -6.90 -41.74 -16.16
CA CYS M 21 -6.41 -40.37 -15.91
C CYS M 21 -7.54 -39.66 -15.20
N SER M 22 -7.53 -39.81 -13.89
CA SER M 22 -8.52 -39.25 -12.99
C SER M 22 -7.78 -38.53 -11.88
N LYS M 23 -8.52 -37.70 -11.16
CA LYS M 23 -7.93 -36.95 -10.06
C LYS M 23 -7.91 -37.75 -8.75
N ASN M 24 -8.71 -38.81 -8.65
CA ASN M 24 -8.62 -39.73 -7.53
C ASN M 24 -7.56 -40.80 -7.72
N ASN M 25 -6.77 -40.73 -8.79
CA ASN M 25 -5.82 -41.77 -9.10
C ASN M 25 -4.42 -41.21 -9.31
N SER M 26 -3.44 -42.10 -9.24
CA SER M 26 -2.09 -41.89 -9.74
C SER M 26 -1.89 -42.84 -10.91
N HIS M 27 -1.19 -42.37 -11.94
CA HIS M 27 -1.08 -43.17 -13.15
C HIS M 27 0.21 -42.83 -13.89
N HIS M 28 0.72 -43.82 -14.61
CA HIS M 28 1.87 -43.59 -15.47
C HIS M 28 1.83 -44.59 -16.63
N TYR M 29 2.34 -44.18 -17.78
CA TYR M 29 2.25 -44.97 -18.99
C TYR M 29 3.64 -45.30 -19.50
N ILE M 30 3.93 -46.60 -19.69
CA ILE M 30 5.22 -47.10 -20.19
C ILE M 30 5.05 -47.53 -21.64
N GLN M 31 5.84 -46.95 -22.53
CA GLN M 31 5.83 -47.34 -23.94
C GLN M 31 6.75 -48.54 -24.15
N VAL M 32 6.20 -49.67 -24.54
CA VAL M 32 7.04 -50.83 -24.84
C VAL M 32 7.39 -50.89 -26.33
N ARG M 33 6.43 -50.64 -27.22
CA ARG M 33 6.65 -50.72 -28.66
C ARG M 33 6.10 -49.48 -29.35
N ASN M 34 6.09 -49.49 -30.69
CA ASN M 34 5.67 -48.33 -31.46
C ASN M 34 4.30 -47.81 -31.01
N ASP M 35 3.35 -48.72 -30.81
CA ASP M 35 1.96 -48.40 -30.58
C ASP M 35 1.44 -48.82 -29.20
N THR M 36 1.92 -49.93 -28.67
CA THR M 36 1.41 -50.54 -27.45
C THR M 36 2.24 -50.16 -26.23
N GLY M 37 1.60 -50.18 -25.08
CA GLY M 37 2.29 -49.94 -23.82
C GLY M 37 1.50 -50.47 -22.65
N LEU M 38 1.98 -50.15 -21.44
CA LEU M 38 1.34 -50.59 -20.22
C LEU M 38 0.96 -49.39 -19.37
N GLU M 39 -0.28 -49.39 -18.87
CA GLU M 39 -0.84 -48.30 -18.09
C GLU M 39 -0.98 -48.77 -16.66
N LEU M 40 -0.24 -48.14 -15.75
CA LEU M 40 -0.32 -48.45 -14.33
C LEU M 40 -1.15 -47.38 -13.61
N THR M 41 -2.09 -47.83 -12.78
CA THR M 41 -3.02 -46.94 -12.09
C THR M 41 -3.17 -47.38 -10.65
N LEU M 42 -2.82 -46.51 -9.71
CA LEU M 42 -3.16 -46.71 -8.30
C LEU M 42 -4.51 -46.06 -8.07
N THR M 43 -5.47 -46.82 -7.53
CA THR M 43 -6.85 -46.35 -7.54
C THR M 43 -7.65 -47.11 -6.48
N ASN M 44 -8.88 -46.63 -6.25
CA ASN M 44 -9.84 -47.37 -5.45
C ASN M 44 -11.01 -47.91 -6.27
N THR M 45 -10.90 -47.93 -7.60
CA THR M 45 -11.87 -48.60 -8.46
C THR M 45 -11.27 -49.96 -8.86
N SER M 46 -12.06 -51.02 -8.73
CA SER M 46 -11.61 -52.35 -9.14
C SER M 46 -12.26 -52.72 -10.46
N LEU M 47 -11.52 -53.42 -11.32
CA LEU M 47 -12.08 -53.80 -12.60
C LEU M 47 -12.36 -55.28 -12.73
N LEU M 48 -11.77 -56.12 -11.87
CA LEU M 48 -11.92 -57.57 -11.95
C LEU M 48 -12.63 -58.03 -10.69
N ASP M 49 -13.81 -58.64 -10.81
CA ASP M 49 -14.51 -59.12 -9.63
C ASP M 49 -14.02 -60.48 -9.16
N HIS M 50 -13.63 -61.38 -10.06
CA HIS M 50 -13.27 -62.74 -9.67
C HIS M 50 -11.93 -62.78 -8.91
N LYS M 51 -11.64 -63.97 -8.37
CA LYS M 51 -10.46 -64.26 -7.56
C LYS M 51 -9.38 -65.03 -8.34
N PHE M 52 -9.59 -65.29 -9.62
CA PHE M 52 -8.74 -66.20 -10.39
C PHE M 52 -7.68 -65.45 -11.19
N CYS M 53 -6.67 -66.21 -11.61
CA CYS M 53 -5.67 -65.78 -12.58
C CYS M 53 -5.27 -67.00 -13.40
N ASN M 54 -6.18 -67.50 -14.25
CA ASN M 54 -5.91 -68.73 -15.01
C ASN M 54 -4.85 -68.44 -16.07
N LEU M 55 -3.66 -68.97 -15.82
CA LEU M 55 -2.58 -68.94 -16.78
C LEU M 55 -2.24 -70.37 -17.14
N SER M 56 -3.28 -71.18 -17.39
CA SER M 56 -3.06 -72.58 -17.74
C SER M 56 -2.43 -72.68 -19.12
N ASP M 57 -2.69 -71.70 -19.98
CA ASP M 57 -2.11 -71.61 -21.30
C ASP M 57 -0.73 -70.96 -21.23
N ALA M 58 0.20 -71.53 -21.99
CA ALA M 58 1.54 -70.97 -22.07
C ALA M 58 1.51 -69.55 -22.64
N HIS M 59 0.63 -69.32 -23.62
CA HIS M 59 0.55 -68.03 -24.30
C HIS M 59 0.03 -66.94 -23.37
N LYS M 60 -1.01 -67.24 -22.58
CA LYS M 60 -1.47 -66.24 -21.62
C LYS M 60 -0.46 -66.06 -20.50
N ARG M 61 0.14 -67.15 -20.06
CA ARG M 61 1.15 -67.05 -19.02
C ARG M 61 2.38 -66.29 -19.51
N ASN M 62 2.70 -66.40 -20.79
CA ASN M 62 3.92 -65.74 -21.20
C ASN M 62 3.68 -64.25 -21.37
N LEU M 63 2.47 -63.86 -21.79
CA LEU M 63 2.15 -62.43 -21.84
C LEU M 63 2.12 -61.81 -20.45
N TYR M 64 1.77 -62.60 -19.42
CA TYR M 64 1.78 -62.08 -18.07
C TYR M 64 3.20 -61.84 -17.60
N ASP M 65 4.10 -62.78 -17.90
CA ASP M 65 5.50 -62.56 -17.59
C ASP M 65 6.05 -61.42 -18.42
N LYS M 66 5.63 -61.34 -19.69
CA LYS M 66 6.14 -60.30 -20.58
C LYS M 66 5.69 -58.92 -20.14
N ALA M 67 4.46 -58.81 -19.62
CA ALA M 67 4.01 -57.52 -19.11
C ALA M 67 4.84 -57.11 -17.89
N LEU M 68 5.06 -58.03 -16.96
CA LEU M 68 5.78 -57.62 -15.75
C LEU M 68 7.27 -57.45 -15.99
N MET M 69 7.87 -58.19 -16.93
CA MET M 69 9.30 -57.98 -17.16
C MET M 69 9.57 -56.60 -17.75
N SER M 70 8.70 -56.11 -18.64
CA SER M 70 8.86 -54.76 -19.18
C SER M 70 8.73 -53.70 -18.10
N ILE M 71 7.91 -53.93 -17.08
CA ILE M 71 7.82 -52.98 -15.97
C ILE M 71 9.09 -53.02 -15.13
N VAL M 72 9.57 -54.23 -14.82
CA VAL M 72 10.78 -54.36 -14.01
C VAL M 72 11.97 -53.81 -14.79
N THR M 73 11.97 -54.01 -16.10
CA THR M 73 13.08 -53.51 -16.89
C THR M 73 13.11 -52.00 -16.95
N THR M 74 11.94 -51.38 -17.16
CA THR M 74 11.89 -49.93 -17.32
C THR M 74 12.20 -49.20 -16.00
N PHE M 75 11.66 -49.67 -14.90
CA PHE M 75 11.90 -49.02 -13.62
C PHE M 75 13.19 -49.48 -12.96
N HIS M 76 13.94 -50.37 -13.59
CA HIS M 76 15.13 -50.96 -13.00
C HIS M 76 14.84 -51.45 -11.58
N LEU M 77 13.80 -52.28 -11.46
CA LEU M 77 13.38 -52.80 -10.17
C LEU M 77 14.31 -53.89 -9.68
N ASN M 78 14.57 -53.89 -8.37
CA ASN M 78 15.31 -54.93 -7.66
C ASN M 78 14.46 -55.34 -6.46
N ILE M 79 13.60 -56.34 -6.65
CA ILE M 79 12.62 -56.73 -5.64
C ILE M 79 13.21 -57.79 -4.72
N PRO M 80 13.19 -57.59 -3.40
CA PRO M 80 13.72 -58.62 -2.50
C PRO M 80 12.83 -59.84 -2.46
N ASN M 81 13.39 -60.95 -1.97
CA ASN M 81 12.63 -62.17 -1.69
C ASN M 81 12.42 -62.27 -0.19
N PHE M 82 11.18 -62.05 0.25
CA PHE M 82 10.83 -62.09 1.66
C PHE M 82 9.76 -63.12 1.95
N ASN M 83 9.51 -64.01 1.00
CA ASN M 83 8.45 -64.95 1.12
C ASN M 83 7.07 -64.30 1.25
N GLN M 84 6.81 -63.27 0.47
CA GLN M 84 5.52 -62.58 0.52
C GLN M 84 4.76 -62.50 -0.81
N TYR M 85 3.45 -62.32 -0.77
CA TYR M 85 2.65 -62.26 -1.98
C TYR M 85 1.58 -61.21 -1.90
N GLU M 86 1.28 -60.55 -2.99
CA GLU M 86 0.24 -59.56 -3.02
C GLU M 86 -0.92 -60.21 -3.71
N VAL M 87 -2.09 -60.20 -3.11
CA VAL M 87 -3.30 -60.79 -3.68
C VAL M 87 -3.49 -60.22 -5.07
N MET M 88 -3.83 -61.09 -6.04
CA MET M 88 -3.86 -60.62 -7.41
C MET M 88 -4.89 -61.40 -8.24
N SER M 89 -5.60 -60.69 -9.12
CA SER M 89 -6.40 -61.26 -10.18
C SER M 89 -5.89 -60.77 -11.54
N CYS M 90 -6.07 -61.60 -12.56
CA CYS M 90 -5.71 -61.23 -13.92
C CYS M 90 -6.83 -61.67 -14.84
N ASP M 91 -6.81 -61.17 -16.07
CA ASP M 91 -7.79 -61.55 -17.08
C ASP M 91 -7.27 -61.09 -18.44
N PHE M 92 -7.83 -61.67 -19.50
CA PHE M 92 -7.43 -61.36 -20.86
C PHE M 92 -8.63 -61.01 -21.73
N ASN M 93 -8.39 -60.08 -22.66
CA ASN M 93 -9.37 -59.64 -23.64
C ASN M 93 -8.62 -59.62 -24.97
N GLY M 94 -8.77 -60.70 -25.75
CA GLY M 94 -8.11 -60.80 -27.03
C GLY M 94 -6.61 -60.59 -26.95
N GLY M 95 -5.97 -61.23 -25.97
CA GLY M 95 -4.53 -61.19 -25.81
C GLY M 95 -3.96 -59.95 -25.12
N LYS M 96 -4.80 -59.03 -24.65
CA LYS M 96 -4.33 -57.87 -23.89
C LYS M 96 -4.67 -58.11 -22.43
N ILE M 97 -3.61 -58.25 -21.61
CA ILE M 97 -3.74 -58.64 -20.20
C ILE M 97 -4.14 -57.44 -19.36
N THR M 98 -4.87 -57.73 -18.28
CA THR M 98 -5.22 -56.77 -17.24
C THR M 98 -4.89 -57.42 -15.90
N VAL M 99 -3.99 -56.79 -15.13
CA VAL M 99 -3.53 -57.30 -13.83
C VAL M 99 -3.92 -56.32 -12.73
N GLN M 100 -4.54 -56.85 -11.68
CA GLN M 100 -5.00 -56.03 -10.55
C GLN M 100 -4.49 -56.60 -9.24
N TYR M 101 -3.75 -55.77 -8.50
CA TYR M 101 -3.30 -56.09 -7.16
C TYR M 101 -4.24 -55.40 -6.16
N ASN M 102 -4.81 -56.19 -5.27
CA ASN M 102 -5.59 -55.64 -4.17
C ASN M 102 -4.62 -55.41 -3.00
N LEU M 103 -4.12 -54.19 -2.88
CA LEU M 103 -2.98 -53.87 -2.02
C LEU M 103 -3.32 -54.07 -0.54
N SER M 104 -2.29 -54.44 0.24
CA SER M 104 -2.38 -54.56 1.69
C SER M 104 -1.26 -53.70 2.27
N HIS M 105 -1.39 -52.38 2.12
CA HIS M 105 -0.34 -51.46 2.57
C HIS M 105 -0.93 -50.31 3.36
N SER M 106 -2.11 -50.48 3.94
CA SER M 106 -2.75 -49.35 4.59
C SER M 106 -2.11 -49.00 5.93
N SER M 107 -1.34 -49.93 6.51
CA SER M 107 -0.65 -49.69 7.77
C SER M 107 0.83 -49.99 7.60
N TYR M 108 1.59 -49.69 8.65
CA TYR M 108 3.03 -49.94 8.64
C TYR M 108 3.33 -51.43 8.68
N VAL M 109 2.60 -52.18 9.53
CA VAL M 109 2.80 -53.63 9.59
C VAL M 109 2.41 -54.28 8.28
N ASP M 110 1.31 -53.83 7.67
CA ASP M 110 0.93 -54.44 6.41
C ASP M 110 1.92 -54.06 5.32
N ALA M 111 2.40 -52.81 5.32
CA ALA M 111 3.40 -52.40 4.36
C ALA M 111 4.66 -53.26 4.46
N ALA M 112 5.07 -53.59 5.69
CA ALA M 112 6.29 -54.37 5.87
C ALA M 112 6.10 -55.83 5.45
N ASN M 113 4.89 -56.37 5.61
CA ASN M 113 4.62 -57.77 5.27
C ASN M 113 4.35 -57.99 3.79
N HIS M 114 4.26 -56.93 2.99
CA HIS M 114 4.04 -57.02 1.55
C HIS M 114 5.05 -56.15 0.80
N CYS M 115 6.32 -56.27 1.17
CA CYS M 115 7.36 -55.41 0.65
C CYS M 115 8.13 -56.03 -0.50
N GLY M 116 8.37 -57.34 -0.46
CA GLY M 116 9.06 -58.05 -1.53
C GLY M 116 8.13 -58.46 -2.65
N THR M 117 7.34 -57.51 -3.14
CA THR M 117 6.41 -57.73 -4.24
C THR M 117 6.63 -56.66 -5.29
N ILE M 118 6.27 -57.00 -6.54
CA ILE M 118 6.48 -56.06 -7.63
C ILE M 118 5.63 -54.81 -7.41
N ALA M 119 4.50 -54.94 -6.79
CA ALA M 119 3.65 -53.81 -6.54
C ALA M 119 4.33 -52.76 -5.67
N ASN M 120 5.03 -53.19 -4.65
CA ASN M 120 5.74 -52.30 -3.76
C ASN M 120 6.83 -51.59 -4.49
N GLY M 121 7.51 -52.30 -5.35
CA GLY M 121 8.57 -51.75 -6.15
C GLY M 121 8.07 -50.69 -7.09
N ILE M 122 6.93 -50.93 -7.72
CA ILE M 122 6.30 -49.93 -8.58
C ILE M 122 5.96 -48.68 -7.78
N MET M 123 5.28 -48.85 -6.64
CA MET M 123 4.84 -47.70 -5.87
C MET M 123 6.03 -46.85 -5.41
N ASP M 124 7.15 -47.50 -5.11
CA ASP M 124 8.31 -46.76 -4.65
C ASP M 124 8.88 -45.91 -5.76
N THR M 125 8.67 -46.34 -7.00
CA THR M 125 9.04 -45.53 -8.15
C THR M 125 8.10 -44.34 -8.30
N PHE M 126 6.79 -44.56 -8.12
CA PHE M 126 5.85 -43.44 -8.12
C PHE M 126 6.24 -42.42 -7.05
N ARG M 127 6.52 -42.89 -5.83
CA ARG M 127 6.86 -41.99 -4.73
C ARG M 127 8.10 -41.18 -5.05
N ARG M 128 9.02 -41.74 -5.79
CA ARG M 128 10.31 -41.11 -5.99
C ARG M 128 10.38 -40.33 -7.28
N MET M 129 9.51 -40.62 -8.23
CA MET M 129 9.34 -39.75 -9.38
C MET M 129 8.24 -38.70 -9.14
N TYR M 130 7.68 -38.65 -7.93
CA TYR M 130 6.56 -37.75 -7.57
C TYR M 130 5.39 -37.87 -8.53
N TRP M 131 4.96 -39.08 -8.77
CA TRP M 131 3.71 -39.31 -9.48
C TRP M 131 2.54 -39.52 -8.55
N SER M 132 2.79 -39.48 -7.24
CA SER M 132 1.73 -39.59 -6.26
C SER M 132 2.19 -38.88 -4.99
N ASN M 133 1.21 -38.42 -4.22
CA ASN M 133 1.49 -37.86 -2.91
C ASN M 133 0.99 -38.76 -1.80
N ALA M 134 0.33 -39.86 -2.14
CA ALA M 134 -0.30 -40.76 -1.18
C ALA M 134 0.53 -41.99 -0.91
N LEU M 135 1.86 -41.88 -1.00
CA LEU M 135 2.76 -43.00 -0.77
C LEU M 135 3.83 -42.56 0.23
N SER M 136 3.89 -43.24 1.36
CA SER M 136 4.83 -42.81 2.37
C SER M 136 5.76 -43.95 2.81
N PRO M 137 6.99 -43.64 3.23
CA PRO M 137 7.92 -44.69 3.67
C PRO M 137 7.43 -45.41 4.91
N SER M 138 7.61 -46.72 4.92
CA SER M 138 7.27 -47.51 6.09
C SER M 138 8.50 -48.12 6.76
N GLU M 139 9.23 -48.98 6.05
CA GLU M 139 10.40 -49.65 6.61
C GLU M 139 11.50 -49.71 5.56
N TYR M 140 12.74 -49.82 6.03
CA TYR M 140 13.90 -49.90 5.15
C TYR M 140 14.63 -51.23 5.38
N ILE M 141 14.50 -52.17 4.45
CA ILE M 141 15.23 -53.44 4.47
C ILE M 141 15.92 -53.64 3.13
N SER M 142 17.15 -54.14 3.17
CA SER M 142 17.86 -54.55 1.96
C SER M 142 17.87 -53.43 0.91
N GLY M 143 18.08 -52.19 1.36
CA GLY M 143 18.08 -51.09 0.41
C GLY M 143 16.75 -50.87 -0.26
N THR M 144 15.67 -51.36 0.34
CA THR M 144 14.33 -51.23 -0.22
C THR M 144 13.47 -50.48 0.78
N THR M 145 12.62 -49.60 0.25
CA THR M 145 11.62 -48.90 1.04
C THR M 145 10.29 -49.60 0.86
N CYS M 146 9.71 -50.02 1.97
CA CYS M 146 8.38 -50.60 1.99
C CYS M 146 7.36 -49.46 1.99
N ILE M 147 6.41 -49.52 1.08
CA ILE M 147 5.48 -48.44 0.80
C ILE M 147 4.17 -48.67 1.54
N GLN M 148 3.64 -47.63 2.18
CA GLN M 148 2.28 -47.66 2.70
C GLN M 148 1.42 -46.64 1.97
N THR M 149 0.16 -47.01 1.78
CA THR M 149 -0.77 -46.16 1.09
C THR M 149 -2.17 -46.63 1.45
N ALA M 150 -3.11 -45.71 1.34
CA ALA M 150 -4.51 -46.05 1.54
C ALA M 150 -5.16 -46.61 0.28
N TYR M 151 -4.53 -46.42 -0.89
CA TYR M 151 -5.03 -46.96 -2.14
C TYR M 151 -5.29 -48.45 -2.02
N GLN M 152 -6.42 -48.89 -2.59
CA GLN M 152 -6.81 -50.28 -2.50
C GLN M 152 -6.36 -51.11 -3.70
N TYR M 153 -6.12 -50.50 -4.87
CA TYR M 153 -5.75 -51.30 -6.03
C TYR M 153 -4.60 -50.66 -6.80
N LEU M 154 -3.80 -51.52 -7.41
CA LEU M 154 -2.80 -51.15 -8.39
C LEU M 154 -3.11 -51.97 -9.64
N ILE M 155 -3.38 -51.28 -10.76
CA ILE M 155 -3.90 -51.92 -11.96
C ILE M 155 -2.88 -51.75 -13.08
N ILE M 156 -2.67 -52.82 -13.83
CA ILE M 156 -1.80 -52.83 -15.01
C ILE M 156 -2.62 -53.31 -16.19
N GLN M 157 -2.59 -52.56 -17.30
CA GLN M 157 -3.28 -52.95 -18.52
C GLN M 157 -2.46 -52.67 -19.78
N ASN M 158 -2.44 -53.65 -20.67
CA ASN M 158 -1.84 -53.48 -21.99
C ASN M 158 -2.78 -52.61 -22.83
N THR M 159 -2.33 -51.39 -23.17
CA THR M 159 -3.16 -50.46 -23.90
C THR M 159 -2.32 -49.67 -24.89
N THR M 160 -2.98 -48.76 -25.57
CA THR M 160 -2.40 -47.82 -26.53
C THR M 160 -2.33 -46.43 -25.91
N TRP M 161 -1.53 -45.55 -26.51
CA TRP M 161 -1.36 -44.22 -25.94
C TRP M 161 -2.65 -43.40 -25.99
N GLU M 162 -3.44 -43.51 -27.06
CA GLU M 162 -4.66 -42.72 -27.09
C GLU M 162 -5.75 -43.26 -26.16
N ASP M 163 -5.67 -44.52 -25.74
CA ASP M 163 -6.70 -45.07 -24.85
C ASP M 163 -6.21 -45.27 -23.43
N HIS M 164 -4.98 -44.86 -23.10
CA HIS M 164 -4.45 -45.20 -21.78
C HIS M 164 -5.19 -44.48 -20.66
N CYS M 165 -5.90 -43.40 -20.98
CA CYS M 165 -6.61 -42.61 -19.98
C CYS M 165 -7.99 -43.15 -19.63
N VAL M 166 -8.43 -44.22 -20.29
CA VAL M 166 -9.66 -44.91 -19.96
C VAL M 166 -9.35 -46.39 -19.81
N PHE M 167 -9.84 -46.98 -18.72
CA PHE M 167 -9.63 -48.40 -18.50
C PHE M 167 -10.25 -49.20 -19.64
N SER M 168 -9.46 -50.07 -20.25
CA SER M 168 -10.00 -51.01 -21.22
C SER M 168 -10.88 -52.03 -20.54
N ARG M 169 -11.81 -52.59 -21.29
CA ARG M 169 -12.66 -53.63 -20.73
C ARG M 169 -11.84 -54.86 -20.37
N PRO M 170 -12.01 -55.39 -19.16
CA PRO M 170 -11.28 -56.62 -18.78
C PRO M 170 -11.51 -57.82 -19.68
N SER M 171 -12.77 -58.18 -19.93
CA SER M 171 -13.07 -59.37 -20.72
C SER M 171 -14.06 -59.10 -21.85
N THR N 16 -38.96 13.41 -47.91
CA THR N 16 -39.76 12.35 -48.52
C THR N 16 -38.95 11.06 -48.66
N MET N 17 -39.48 9.95 -48.15
CA MET N 17 -38.80 8.68 -48.24
C MET N 17 -39.65 7.59 -48.89
N PRO N 18 -39.01 6.64 -49.58
CA PRO N 18 -39.73 5.57 -50.29
C PRO N 18 -40.65 4.72 -49.41
N LEU N 19 -41.53 3.98 -50.09
CA LEU N 19 -42.52 3.11 -49.49
C LEU N 19 -41.96 1.72 -49.21
N SER N 20 -42.46 1.11 -48.14
CA SER N 20 -42.20 -0.30 -47.89
C SER N 20 -43.28 -1.18 -48.54
N CYS N 21 -44.55 -0.80 -48.38
CA CYS N 21 -45.65 -1.51 -49.02
C CYS N 21 -45.80 -1.03 -50.45
N SER N 22 -45.04 -1.64 -51.35
CA SER N 22 -45.07 -1.32 -52.77
C SER N 22 -45.19 -2.62 -53.54
N LYS N 23 -45.39 -2.49 -54.85
CA LYS N 23 -45.51 -3.68 -55.66
C LYS N 23 -44.16 -4.23 -56.12
N ASN N 24 -43.11 -3.41 -56.11
CA ASN N 24 -41.76 -3.93 -56.33
C ASN N 24 -41.16 -4.56 -55.08
N ASN N 25 -41.91 -4.67 -54.00
CA ASN N 25 -41.37 -5.18 -52.75
C ASN N 25 -42.24 -6.31 -52.20
N SER N 26 -41.64 -7.11 -51.32
CA SER N 26 -42.36 -8.04 -50.46
C SER N 26 -42.19 -7.57 -49.04
N HIS N 27 -43.24 -7.68 -48.24
CA HIS N 27 -43.20 -7.09 -46.92
C HIS N 27 -44.11 -7.84 -45.97
N HIS N 28 -43.72 -7.83 -44.70
CA HIS N 28 -44.54 -8.39 -43.64
C HIS N 28 -44.21 -7.65 -42.35
N TYR N 29 -45.21 -7.53 -41.47
CA TYR N 29 -45.07 -6.75 -40.26
C TYR N 29 -45.36 -7.65 -39.07
N ILE N 30 -44.41 -7.69 -38.13
CA ILE N 30 -44.54 -8.48 -36.91
C ILE N 30 -44.83 -7.52 -35.77
N GLN N 31 -45.97 -7.72 -35.11
CA GLN N 31 -46.33 -6.91 -33.96
C GLN N 31 -45.71 -7.53 -32.73
N VAL N 32 -44.85 -6.77 -32.06
CA VAL N 32 -44.25 -7.25 -30.83
C VAL N 32 -45.05 -6.80 -29.62
N ARG N 33 -45.58 -5.57 -29.65
CA ARG N 33 -46.39 -5.00 -28.58
C ARG N 33 -47.63 -4.35 -29.20
N ASN N 34 -48.53 -3.87 -28.34
CA ASN N 34 -49.75 -3.24 -28.82
C ASN N 34 -49.45 -2.06 -29.75
N ASP N 35 -48.31 -1.40 -29.56
CA ASP N 35 -48.02 -0.16 -30.27
C ASP N 35 -46.90 -0.32 -31.30
N THR N 36 -45.87 -1.09 -30.99
CA THR N 36 -44.67 -1.18 -31.83
C THR N 36 -44.53 -2.55 -32.49
N GLY N 37 -43.64 -2.61 -33.46
CA GLY N 37 -43.39 -3.85 -34.18
C GLY N 37 -42.20 -3.70 -35.11
N LEU N 38 -42.03 -4.72 -35.95
CA LEU N 38 -40.96 -4.74 -36.94
C LEU N 38 -41.52 -4.95 -38.34
N GLU N 39 -40.96 -4.22 -39.30
CA GLU N 39 -41.37 -4.30 -40.70
C GLU N 39 -40.22 -4.92 -41.48
N LEU N 40 -40.48 -6.07 -42.10
CA LEU N 40 -39.50 -6.77 -42.92
C LEU N 40 -39.78 -6.43 -44.38
N THR N 41 -38.74 -6.06 -45.13
CA THR N 41 -38.97 -5.57 -46.49
C THR N 41 -37.91 -6.12 -47.44
N LEU N 42 -38.33 -6.89 -48.45
CA LEU N 42 -37.46 -7.27 -49.55
C LEU N 42 -37.60 -6.22 -50.65
N THR N 43 -36.48 -5.65 -51.08
CA THR N 43 -36.52 -4.51 -51.99
C THR N 43 -35.16 -4.34 -52.67
N ASN N 44 -35.15 -3.48 -53.67
CA ASN N 44 -33.92 -2.96 -54.27
C ASN N 44 -33.65 -1.51 -53.88
N THR N 45 -34.42 -0.97 -52.94
CA THR N 45 -34.14 0.34 -52.37
C THR N 45 -33.25 0.19 -51.14
N SER N 46 -32.14 0.93 -51.10
CA SER N 46 -31.24 0.90 -49.96
C SER N 46 -31.44 2.19 -49.16
N LEU N 47 -31.40 2.07 -47.83
CA LEU N 47 -31.60 3.22 -46.97
C LEU N 47 -30.34 3.69 -46.26
N LEU N 48 -29.31 2.87 -46.18
CA LEU N 48 -28.09 3.24 -45.48
C LEU N 48 -26.94 3.29 -46.47
N ASP N 49 -26.33 4.48 -46.59
CA ASP N 49 -25.21 4.70 -47.50
C ASP N 49 -23.91 4.14 -46.92
N HIS N 50 -23.70 4.30 -45.62
CA HIS N 50 -22.48 3.85 -44.96
C HIS N 50 -22.49 2.33 -44.83
N LYS N 51 -21.32 1.76 -44.56
CA LYS N 51 -21.15 0.32 -44.44
C LYS N 51 -20.82 -0.11 -43.02
N PHE N 52 -21.13 0.73 -42.04
CA PHE N 52 -20.80 0.45 -40.66
C PHE N 52 -22.01 -0.09 -39.91
N CYS N 53 -21.73 -0.67 -38.74
CA CYS N 53 -22.74 -1.08 -37.79
C CYS N 53 -22.14 -0.84 -36.41
N ASN N 54 -21.99 0.44 -36.08
CA ASN N 54 -21.31 0.87 -34.86
C ASN N 54 -22.17 0.52 -33.65
N LEU N 55 -21.75 -0.51 -32.91
CA LEU N 55 -22.45 -0.91 -31.69
C LEU N 55 -21.58 -0.79 -30.44
N SER N 56 -20.96 0.38 -30.24
CA SER N 56 -20.16 0.58 -29.04
C SER N 56 -21.04 0.64 -27.81
N ASP N 57 -22.28 1.08 -27.95
CA ASP N 57 -23.19 1.22 -26.82
C ASP N 57 -23.80 -0.14 -26.49
N ALA N 58 -23.67 -0.57 -25.25
CA ALA N 58 -24.38 -1.77 -24.81
C ALA N 58 -25.87 -1.64 -25.05
N HIS N 59 -26.39 -0.41 -24.93
CA HIS N 59 -27.82 -0.17 -25.11
C HIS N 59 -28.22 -0.46 -26.55
N LYS N 60 -27.37 -0.07 -27.50
CA LYS N 60 -27.63 -0.33 -28.91
C LYS N 60 -27.53 -1.82 -29.23
N ARG N 61 -26.54 -2.52 -28.66
CA ARG N 61 -26.44 -3.96 -28.94
C ARG N 61 -27.60 -4.73 -28.35
N ASN N 62 -28.19 -4.25 -27.25
CA ASN N 62 -29.33 -4.97 -26.71
C ASN N 62 -30.54 -4.73 -27.59
N LEU N 63 -30.70 -3.49 -28.07
CA LEU N 63 -31.69 -3.21 -29.08
C LEU N 63 -31.30 -3.74 -30.44
N TYR N 64 -30.11 -4.31 -30.64
CA TYR N 64 -29.87 -4.99 -31.90
C TYR N 64 -30.21 -6.47 -31.77
N ASP N 65 -29.87 -7.04 -30.61
CA ASP N 65 -30.18 -8.43 -30.27
C ASP N 65 -31.66 -8.71 -30.13
N LYS N 66 -32.43 -7.76 -29.60
CA LYS N 66 -33.83 -8.06 -29.28
C LYS N 66 -34.72 -7.96 -30.51
N ALA N 67 -34.26 -7.26 -31.56
CA ALA N 67 -35.00 -7.20 -32.81
C ALA N 67 -34.92 -8.54 -33.55
N LEU N 68 -33.72 -9.13 -33.63
CA LEU N 68 -33.56 -10.36 -34.40
C LEU N 68 -34.16 -11.53 -33.65
N MET N 69 -34.10 -11.48 -32.32
CA MET N 69 -34.72 -12.48 -31.49
C MET N 69 -36.23 -12.45 -31.62
N SER N 70 -36.80 -11.25 -31.68
CA SER N 70 -38.24 -11.10 -31.89
C SER N 70 -38.66 -11.66 -33.25
N ILE N 71 -37.80 -11.56 -34.26
CA ILE N 71 -38.09 -12.20 -35.54
C ILE N 71 -37.91 -13.71 -35.42
N VAL N 72 -36.84 -14.15 -34.77
CA VAL N 72 -36.56 -15.58 -34.65
C VAL N 72 -37.67 -16.27 -33.87
N THR N 73 -38.19 -15.63 -32.81
CA THR N 73 -39.25 -16.23 -32.02
C THR N 73 -40.59 -16.25 -32.75
N THR N 74 -40.94 -15.18 -33.48
CA THR N 74 -42.23 -15.21 -34.16
C THR N 74 -42.25 -16.26 -35.27
N PHE N 75 -41.20 -16.31 -36.07
CA PHE N 75 -41.10 -17.24 -37.19
C PHE N 75 -40.54 -18.59 -36.76
N HIS N 76 -40.20 -18.77 -35.49
CA HIS N 76 -39.55 -19.99 -34.99
C HIS N 76 -38.42 -20.41 -35.92
N LEU N 77 -37.53 -19.46 -36.19
CA LEU N 77 -36.42 -19.73 -37.09
C LEU N 77 -35.36 -20.55 -36.37
N ASN N 78 -34.77 -21.49 -37.08
CA ASN N 78 -33.67 -22.28 -36.54
C ASN N 78 -32.57 -22.25 -37.61
N ILE N 79 -31.65 -21.31 -37.47
CA ILE N 79 -30.62 -21.05 -38.47
C ILE N 79 -29.42 -21.98 -38.25
N PRO N 80 -28.96 -22.67 -39.28
CA PRO N 80 -27.77 -23.53 -39.13
C PRO N 80 -26.52 -22.69 -38.94
N ASN N 81 -25.46 -23.36 -38.46
CA ASN N 81 -24.14 -22.77 -38.33
C ASN N 81 -23.25 -23.28 -39.47
N PHE N 82 -23.00 -22.44 -40.45
CA PHE N 82 -22.20 -22.81 -41.61
C PHE N 82 -20.97 -21.96 -41.76
N ASN N 83 -20.63 -21.18 -40.73
CA ASN N 83 -19.52 -20.25 -40.79
C ASN N 83 -19.68 -19.32 -41.99
N GLN N 84 -20.89 -18.77 -42.12
CA GLN N 84 -21.22 -17.82 -43.18
C GLN N 84 -21.80 -16.56 -42.56
N TYR N 85 -22.01 -15.54 -43.39
CA TYR N 85 -22.36 -14.24 -42.87
C TYR N 85 -22.86 -13.36 -44.00
N GLU N 86 -23.95 -12.61 -43.74
CA GLU N 86 -24.55 -11.69 -44.70
C GLU N 86 -24.07 -10.27 -44.46
N VAL N 87 -23.60 -9.62 -45.53
CA VAL N 87 -23.21 -8.21 -45.45
C VAL N 87 -24.33 -7.40 -44.86
N MET N 88 -24.01 -6.54 -43.91
CA MET N 88 -25.04 -5.79 -43.21
C MET N 88 -24.51 -4.46 -42.75
N SER N 89 -25.37 -3.45 -42.81
CA SER N 89 -25.17 -2.18 -42.13
C SER N 89 -26.35 -1.97 -41.18
N CYS N 90 -26.11 -1.22 -40.11
CA CYS N 90 -27.17 -0.85 -39.18
C CYS N 90 -27.06 0.63 -38.85
N ASP N 91 -28.14 1.15 -38.25
CA ASP N 91 -28.17 2.53 -37.80
C ASP N 91 -29.33 2.68 -36.81
N PHE N 92 -29.25 3.73 -36.01
CA PHE N 92 -30.24 4.00 -34.97
C PHE N 92 -30.74 5.43 -35.10
N ASN N 93 -32.02 5.61 -34.76
CA ASN N 93 -32.65 6.92 -34.73
C ASN N 93 -33.47 6.99 -33.45
N GLY N 94 -32.88 7.52 -32.38
CA GLY N 94 -33.58 7.64 -31.11
C GLY N 94 -34.17 6.35 -30.60
N GLY N 95 -33.40 5.26 -30.58
CA GLY N 95 -33.94 3.99 -30.14
C GLY N 95 -34.72 3.23 -31.18
N LYS N 96 -34.67 3.69 -32.44
CA LYS N 96 -35.32 3.00 -33.55
C LYS N 96 -34.25 2.27 -34.34
N ILE N 97 -34.33 0.94 -34.37
CA ILE N 97 -33.33 0.16 -35.07
C ILE N 97 -33.63 0.16 -36.56
N THR N 98 -32.59 0.21 -37.38
CA THR N 98 -32.71 -0.03 -38.82
C THR N 98 -31.53 -0.89 -39.24
N VAL N 99 -31.79 -2.12 -39.69
CA VAL N 99 -30.75 -3.03 -40.15
C VAL N 99 -31.03 -3.36 -41.61
N GLN N 100 -29.98 -3.28 -42.44
CA GLN N 100 -30.09 -3.50 -43.88
C GLN N 100 -29.10 -4.57 -44.28
N TYR N 101 -29.60 -5.64 -44.91
CA TYR N 101 -28.76 -6.72 -45.43
C TYR N 101 -28.55 -6.54 -46.93
N ASN N 102 -27.29 -6.56 -47.36
CA ASN N 102 -26.96 -6.57 -48.78
C ASN N 102 -26.91 -8.02 -49.23
N LEU N 103 -28.02 -8.50 -49.79
CA LEU N 103 -28.18 -9.93 -50.02
C LEU N 103 -27.23 -10.41 -51.11
N SER N 104 -26.78 -11.66 -50.95
CA SER N 104 -25.94 -12.34 -51.93
C SER N 104 -26.64 -13.67 -52.21
N HIS N 105 -27.79 -13.61 -52.88
CA HIS N 105 -28.59 -14.79 -53.18
C HIS N 105 -29.02 -14.82 -54.62
N SER N 106 -28.34 -14.07 -55.50
CA SER N 106 -28.76 -13.96 -56.89
C SER N 106 -28.41 -15.19 -57.72
N SER N 107 -27.44 -15.99 -57.27
CA SER N 107 -27.05 -17.21 -57.95
C SER N 107 -27.12 -18.37 -56.97
N TYR N 108 -26.99 -19.58 -57.51
CA TYR N 108 -27.07 -20.76 -56.65
C TYR N 108 -25.87 -20.85 -55.72
N VAL N 109 -24.68 -20.51 -56.21
CA VAL N 109 -23.47 -20.58 -55.39
C VAL N 109 -23.57 -19.61 -54.22
N ASP N 110 -24.07 -18.42 -54.48
CA ASP N 110 -24.13 -17.40 -53.43
C ASP N 110 -25.22 -17.73 -52.43
N ALA N 111 -26.35 -18.27 -52.89
CA ALA N 111 -27.39 -18.70 -51.97
C ALA N 111 -26.88 -19.77 -51.02
N ALA N 112 -26.06 -20.69 -51.54
CA ALA N 112 -25.52 -21.74 -50.70
C ALA N 112 -24.50 -21.18 -49.72
N ASN N 113 -23.77 -20.13 -50.11
CA ASN N 113 -22.73 -19.56 -49.26
C ASN N 113 -23.28 -18.55 -48.28
N HIS N 114 -24.58 -18.23 -48.34
CA HIS N 114 -25.23 -17.33 -47.40
C HIS N 114 -26.52 -17.94 -46.90
N CYS N 115 -26.45 -19.22 -46.55
CA CYS N 115 -27.62 -19.99 -46.15
C CYS N 115 -27.75 -20.10 -44.64
N GLY N 116 -26.64 -20.18 -43.91
CA GLY N 116 -26.71 -20.20 -42.46
C GLY N 116 -26.77 -18.80 -41.88
N THR N 117 -27.69 -18.00 -42.40
CA THR N 117 -27.85 -16.62 -41.96
C THR N 117 -29.30 -16.34 -41.66
N ILE N 118 -29.51 -15.36 -40.78
CA ILE N 118 -30.87 -14.99 -40.39
C ILE N 118 -31.67 -14.52 -41.59
N ALA N 119 -31.01 -13.88 -42.52
CA ALA N 119 -31.68 -13.40 -43.68
C ALA N 119 -32.31 -14.53 -44.45
N ASN N 120 -31.60 -15.62 -44.63
CA ASN N 120 -32.12 -16.75 -45.34
C ASN N 120 -33.29 -17.36 -44.66
N GLY N 121 -33.26 -17.42 -43.35
CA GLY N 121 -34.34 -18.00 -42.61
C GLY N 121 -35.59 -17.19 -42.80
N ILE N 122 -35.41 -15.89 -42.79
CA ILE N 122 -36.54 -14.98 -43.01
C ILE N 122 -37.14 -15.19 -44.39
N MET N 123 -36.30 -15.16 -45.42
CA MET N 123 -36.80 -15.30 -46.79
C MET N 123 -37.49 -16.63 -47.02
N ASP N 124 -37.04 -17.69 -46.34
CA ASP N 124 -37.72 -18.97 -46.50
C ASP N 124 -39.11 -18.94 -45.87
N THR N 125 -39.32 -18.10 -44.86
CA THR N 125 -40.66 -17.92 -44.29
C THR N 125 -41.57 -17.14 -45.24
N PHE N 126 -41.05 -16.06 -45.85
CA PHE N 126 -41.82 -15.37 -46.88
C PHE N 126 -42.18 -16.33 -48.00
N ARG N 127 -41.21 -17.15 -48.38
CA ARG N 127 -41.40 -18.10 -49.47
C ARG N 127 -42.55 -19.06 -49.20
N ARG N 128 -42.52 -19.70 -48.03
CA ARG N 128 -43.49 -20.73 -47.70
C ARG N 128 -44.90 -20.20 -47.45
N MET N 129 -45.01 -19.03 -46.83
CA MET N 129 -46.31 -18.42 -46.59
C MET N 129 -46.79 -17.58 -47.76
N TYR N 130 -46.11 -17.65 -48.89
CA TYR N 130 -46.47 -16.92 -50.11
C TYR N 130 -46.64 -15.43 -49.85
N TRP N 131 -45.64 -14.85 -49.19
CA TRP N 131 -45.53 -13.42 -49.07
C TRP N 131 -44.64 -12.82 -50.15
N SER N 132 -44.08 -13.67 -51.01
CA SER N 132 -43.27 -13.24 -52.14
C SER N 132 -43.32 -14.32 -53.19
N ASN N 133 -43.13 -13.93 -54.44
CA ASN N 133 -43.01 -14.91 -55.49
C ASN N 133 -41.62 -14.97 -56.09
N ALA N 134 -40.70 -14.11 -55.63
CA ALA N 134 -39.35 -14.05 -56.17
C ALA N 134 -38.35 -14.77 -55.29
N LEU N 135 -38.78 -15.85 -54.64
CA LEU N 135 -37.91 -16.65 -53.78
C LEU N 135 -38.05 -18.11 -54.19
N SER N 136 -36.95 -18.73 -54.60
CA SER N 136 -37.03 -20.11 -55.08
C SER N 136 -36.14 -21.02 -54.24
N PRO N 137 -36.54 -22.27 -54.01
CA PRO N 137 -35.65 -23.18 -53.30
C PRO N 137 -34.45 -23.54 -54.17
N SER N 138 -33.27 -23.43 -53.58
CA SER N 138 -32.02 -23.68 -54.29
C SER N 138 -31.32 -24.93 -53.79
N GLU N 139 -31.05 -25.00 -52.49
CA GLU N 139 -30.34 -26.11 -51.87
C GLU N 139 -31.11 -26.56 -50.64
N TYR N 140 -30.89 -27.81 -50.22
CA TYR N 140 -31.52 -28.32 -49.01
C TYR N 140 -30.50 -29.11 -48.19
N ILE N 141 -29.91 -28.44 -47.19
CA ILE N 141 -28.96 -29.05 -46.26
C ILE N 141 -29.46 -28.86 -44.83
N SER N 142 -29.24 -29.88 -44.00
CA SER N 142 -29.46 -29.81 -42.55
C SER N 142 -30.87 -29.33 -42.20
N GLY N 143 -31.86 -29.83 -42.92
CA GLY N 143 -33.23 -29.42 -42.66
C GLY N 143 -33.52 -27.97 -42.91
N THR N 144 -32.68 -27.29 -43.67
CA THR N 144 -32.83 -25.88 -44.00
C THR N 144 -32.88 -25.75 -45.52
N THR N 145 -33.70 -24.81 -46.00
CA THR N 145 -33.76 -24.49 -47.42
C THR N 145 -32.95 -23.24 -47.69
N CYS N 146 -31.99 -23.35 -48.59
CA CYS N 146 -31.25 -22.19 -49.03
C CYS N 146 -32.07 -21.51 -50.12
N ILE N 147 -32.34 -20.22 -49.95
CA ILE N 147 -33.24 -19.45 -50.81
C ILE N 147 -32.42 -18.66 -51.82
N GLN N 148 -32.86 -18.67 -53.09
CA GLN N 148 -32.30 -17.85 -54.15
C GLN N 148 -33.30 -16.76 -54.50
N THR N 149 -32.80 -15.55 -54.76
CA THR N 149 -33.66 -14.41 -55.07
C THR N 149 -32.84 -13.31 -55.72
N ALA N 150 -33.51 -12.50 -56.52
CA ALA N 150 -32.90 -11.36 -57.19
C ALA N 150 -32.90 -10.09 -56.36
N TYR N 151 -33.73 -10.05 -55.31
CA TYR N 151 -33.77 -8.90 -54.41
C TYR N 151 -32.37 -8.58 -53.87
N GLN N 152 -32.05 -7.29 -53.80
CA GLN N 152 -30.73 -6.85 -53.39
C GLN N 152 -30.66 -6.50 -51.91
N TYR N 153 -31.77 -6.14 -51.27
CA TYR N 153 -31.75 -5.79 -49.86
C TYR N 153 -32.92 -6.43 -49.14
N LEU N 154 -32.67 -6.76 -47.87
CA LEU N 154 -33.71 -7.13 -46.91
C LEU N 154 -33.58 -6.19 -45.72
N ILE N 155 -34.67 -5.47 -45.40
CA ILE N 155 -34.64 -4.34 -44.49
C ILE N 155 -35.54 -4.63 -43.30
N ILE N 156 -35.03 -4.32 -42.09
CA ILE N 156 -35.80 -4.42 -40.84
C ILE N 156 -35.78 -3.06 -40.16
N GLN N 157 -36.96 -2.58 -39.75
CA GLN N 157 -37.06 -1.34 -39.01
C GLN N 157 -38.06 -1.40 -37.86
N ASN N 158 -37.66 -0.85 -36.72
CA ASN N 158 -38.56 -0.65 -35.59
C ASN N 158 -39.56 0.42 -36.01
N THR N 159 -40.83 0.03 -36.08
CA THR N 159 -41.86 0.91 -36.61
C THR N 159 -43.14 0.73 -35.82
N THR N 160 -44.14 1.52 -36.19
CA THR N 160 -45.50 1.41 -35.66
C THR N 160 -46.39 0.84 -36.75
N TRP N 161 -47.55 0.35 -36.34
CA TRP N 161 -48.45 -0.24 -37.34
C TRP N 161 -48.93 0.81 -38.34
N GLU N 162 -49.11 2.06 -37.89
CA GLU N 162 -49.59 3.12 -38.78
C GLU N 162 -48.52 3.59 -39.76
N ASP N 163 -47.23 3.40 -39.46
CA ASP N 163 -46.19 3.88 -40.36
C ASP N 163 -45.43 2.76 -41.06
N HIS N 164 -45.85 1.51 -40.89
CA HIS N 164 -45.04 0.40 -41.38
C HIS N 164 -44.95 0.38 -42.90
N CYS N 165 -45.88 1.02 -43.59
CA CYS N 165 -45.87 1.02 -45.04
C CYS N 165 -44.99 2.12 -45.63
N VAL N 166 -44.36 2.94 -44.79
CA VAL N 166 -43.41 3.95 -45.25
C VAL N 166 -42.10 3.74 -44.51
N PHE N 167 -40.99 3.71 -45.26
CA PHE N 167 -39.68 3.58 -44.64
C PHE N 167 -39.42 4.75 -43.70
N SER N 168 -39.10 4.44 -42.44
CA SER N 168 -38.73 5.44 -41.46
C SER N 168 -37.32 5.98 -41.72
N ARG N 169 -37.09 7.21 -41.22
CA ARG N 169 -35.82 7.89 -41.43
C ARG N 169 -34.69 7.17 -40.69
N PRO N 170 -33.54 6.97 -41.36
CA PRO N 170 -32.49 6.10 -40.80
C PRO N 170 -31.88 6.58 -39.50
N SER N 171 -31.44 7.84 -39.47
CA SER N 171 -30.77 8.37 -38.28
C SER N 171 -31.40 9.69 -37.84
N THR O 16 -12.17 -22.59 73.65
CA THR O 16 -12.03 -23.43 72.47
C THR O 16 -10.64 -23.27 71.84
N MET O 17 -9.99 -24.39 71.57
CA MET O 17 -8.65 -24.39 70.99
C MET O 17 -8.61 -25.08 69.64
N PRO O 18 -7.74 -24.62 68.75
CA PRO O 18 -7.56 -25.29 67.47
C PRO O 18 -7.17 -26.74 67.70
N LEU O 19 -7.29 -27.55 66.67
CA LEU O 19 -6.91 -28.95 66.75
C LEU O 19 -5.42 -29.10 66.48
N SER O 20 -4.82 -30.08 67.13
CA SER O 20 -3.49 -30.49 66.70
C SER O 20 -3.60 -31.58 65.66
N CYS O 21 -4.49 -32.54 65.89
CA CYS O 21 -4.77 -33.61 64.94
C CYS O 21 -5.77 -33.10 63.92
N SER O 22 -5.25 -32.45 62.88
CA SER O 22 -6.04 -31.86 61.82
C SER O 22 -5.46 -32.29 60.48
N LYS O 23 -6.23 -32.03 59.42
CA LYS O 23 -5.75 -32.36 58.08
C LYS O 23 -4.76 -31.33 57.55
N ASN O 24 -4.88 -30.06 57.96
CA ASN O 24 -3.92 -29.06 57.48
C ASN O 24 -2.60 -29.11 58.25
N ASN O 25 -2.43 -30.08 59.15
CA ASN O 25 -1.22 -30.18 59.97
C ASN O 25 -0.63 -31.59 59.88
N SER O 26 0.63 -31.69 60.30
CA SER O 26 1.30 -32.94 60.57
C SER O 26 1.62 -33.01 62.06
N HIS O 27 1.51 -34.19 62.66
CA HIS O 27 1.67 -34.28 64.10
C HIS O 27 2.17 -35.67 64.50
N HIS O 28 2.90 -35.70 65.60
CA HIS O 28 3.34 -36.96 66.19
C HIS O 28 3.51 -36.73 67.69
N TYR O 29 3.28 -37.78 68.47
CA TYR O 29 3.28 -37.67 69.92
C TYR O 29 4.34 -38.60 70.48
N ILE O 30 5.21 -38.07 71.33
CA ILE O 30 6.28 -38.83 71.98
C ILE O 30 5.86 -39.09 73.41
N GLN O 31 5.78 -40.35 73.78
CA GLN O 31 5.40 -40.69 75.12
C GLN O 31 6.65 -40.82 75.90
N VAL O 32 6.88 -39.90 76.81
CA VAL O 32 8.09 -39.97 77.61
C VAL O 32 7.87 -40.61 78.97
N ARG O 33 6.89 -40.13 79.69
CA ARG O 33 6.59 -40.64 81.00
C ARG O 33 5.47 -41.62 80.95
N ASN O 34 5.06 -42.12 82.10
CA ASN O 34 4.00 -43.08 82.12
C ASN O 34 2.80 -42.45 81.49
N ASP O 35 2.53 -41.20 81.85
CA ASP O 35 1.40 -40.53 81.27
C ASP O 35 1.69 -39.21 80.57
N THR O 36 2.92 -38.74 80.63
CA THR O 36 3.22 -37.47 80.01
C THR O 36 4.06 -37.67 78.77
N GLY O 37 3.90 -36.77 77.82
CA GLY O 37 4.62 -36.86 76.58
C GLY O 37 4.60 -35.50 75.95
N LEU O 38 5.17 -35.41 74.78
CA LEU O 38 5.20 -34.15 74.03
C LEU O 38 4.58 -34.31 72.66
N GLU O 39 3.92 -33.26 72.21
CA GLU O 39 3.18 -33.24 70.95
C GLU O 39 3.83 -32.25 70.01
N LEU O 40 4.43 -32.78 68.93
CA LEU O 40 5.03 -31.96 67.88
C LEU O 40 4.00 -31.79 66.76
N THR O 41 3.85 -30.55 66.29
CA THR O 41 2.80 -30.18 65.33
C THR O 41 3.39 -29.22 64.31
N LEU O 42 3.35 -29.59 63.03
CA LEU O 42 3.60 -28.65 61.93
C LEU O 42 2.27 -28.05 61.55
N THR O 43 2.20 -26.72 61.51
CA THR O 43 0.93 -26.03 61.32
C THR O 43 1.22 -24.62 60.82
N ASN O 44 0.14 -23.94 60.41
CA ASN O 44 0.21 -22.50 60.11
C ASN O 44 -0.64 -21.68 61.07
N THR O 45 -0.98 -22.23 62.24
CA THR O 45 -1.61 -21.46 63.30
C THR O 45 -0.61 -21.31 64.44
N SER O 46 -0.50 -20.09 64.97
CA SER O 46 0.42 -19.81 66.06
C SER O 46 -0.33 -19.73 67.39
N LEU O 47 0.32 -20.17 68.46
CA LEU O 47 -0.22 -20.13 69.81
C LEU O 47 0.41 -19.05 70.68
N LEU O 48 1.53 -18.48 70.26
CA LEU O 48 2.25 -17.50 71.08
C LEU O 48 2.27 -16.16 70.40
N ASP O 49 1.75 -15.13 71.09
CA ASP O 49 1.76 -13.78 70.55
C ASP O 49 3.12 -13.11 70.73
N HIS O 50 3.68 -13.22 71.94
CA HIS O 50 4.91 -12.58 72.32
C HIS O 50 6.10 -13.22 71.60
N LYS O 51 7.22 -12.50 71.56
CA LYS O 51 8.47 -13.04 71.05
C LYS O 51 9.45 -13.35 72.15
N PHE O 52 8.98 -13.45 73.38
CA PHE O 52 9.86 -13.76 74.49
C PHE O 52 10.01 -15.26 74.66
N CYS O 53 11.06 -15.63 75.39
CA CYS O 53 11.27 -16.96 75.87
C CYS O 53 11.99 -16.79 77.20
N ASN O 54 11.23 -16.31 78.18
CA ASN O 54 11.73 -15.98 79.50
C ASN O 54 12.13 -17.26 80.22
N LEU O 55 13.42 -17.49 80.29
CA LEU O 55 13.93 -18.62 81.04
C LEU O 55 14.77 -18.05 82.17
N SER O 56 14.17 -17.14 82.94
CA SER O 56 14.87 -16.46 84.02
C SER O 56 15.32 -17.39 85.15
N ASP O 57 14.72 -18.58 85.31
CA ASP O 57 15.11 -19.52 86.36
C ASP O 57 15.81 -20.74 85.79
N ALA O 58 16.70 -21.30 86.61
CA ALA O 58 17.22 -22.63 86.39
C ALA O 58 16.10 -23.62 86.19
N HIS O 59 14.99 -23.42 86.91
CA HIS O 59 13.86 -24.35 86.85
C HIS O 59 13.17 -24.32 85.50
N LYS O 60 12.85 -23.14 84.97
CA LYS O 60 12.26 -23.18 83.64
C LYS O 60 13.32 -23.46 82.56
N ARG O 61 14.57 -23.03 82.74
CA ARG O 61 15.60 -23.41 81.77
C ARG O 61 15.77 -24.92 81.72
N ASN O 62 15.55 -25.62 82.83
CA ASN O 62 15.79 -27.06 82.87
C ASN O 62 14.63 -27.86 82.29
N LEU O 63 13.39 -27.43 82.51
CA LEU O 63 12.27 -28.11 81.88
C LEU O 63 12.28 -27.91 80.37
N TYR O 64 12.78 -26.77 79.92
CA TYR O 64 12.93 -26.57 78.48
C TYR O 64 14.05 -27.46 77.95
N ASP O 65 15.13 -27.60 78.72
CA ASP O 65 16.22 -28.48 78.33
C ASP O 65 15.77 -29.94 78.33
N LYS O 66 14.96 -30.32 79.34
CA LYS O 66 14.53 -31.70 79.45
C LYS O 66 13.56 -32.06 78.34
N ALA O 67 12.68 -31.12 77.98
CA ALA O 67 11.74 -31.39 76.91
C ALA O 67 12.46 -31.65 75.59
N LEU O 68 13.47 -30.82 75.25
CA LEU O 68 14.14 -31.04 73.97
C LEU O 68 15.07 -32.25 74.02
N MET O 69 15.62 -32.58 75.20
CA MET O 69 16.49 -33.74 75.28
C MET O 69 15.72 -35.03 74.99
N SER O 70 14.50 -35.15 75.52
CA SER O 70 13.67 -36.31 75.20
C SER O 70 13.34 -36.38 73.72
N ILE O 71 13.24 -35.24 73.05
CA ILE O 71 13.05 -35.26 71.60
C ILE O 71 14.34 -35.71 70.92
N VAL O 72 15.48 -35.17 71.35
CA VAL O 72 16.76 -35.54 70.73
C VAL O 72 17.03 -37.02 70.95
N THR O 73 16.65 -37.54 72.12
CA THR O 73 16.87 -38.94 72.46
C THR O 73 16.00 -39.86 71.61
N THR O 74 14.71 -39.54 71.49
CA THR O 74 13.77 -40.41 70.80
C THR O 74 14.07 -40.51 69.31
N PHE O 75 14.31 -39.36 68.66
CA PHE O 75 14.56 -39.29 67.24
C PHE O 75 16.03 -39.46 66.87
N HIS O 76 16.91 -39.69 67.86
CA HIS O 76 18.35 -39.83 67.65
C HIS O 76 18.87 -38.73 66.72
N LEU O 77 18.52 -37.49 67.04
CA LEU O 77 18.92 -36.38 66.17
C LEU O 77 20.38 -36.05 66.38
N ASN O 78 21.04 -35.69 65.29
CA ASN O 78 22.42 -35.22 65.31
C ASN O 78 22.41 -33.88 64.59
N ILE O 79 22.32 -32.80 65.36
CA ILE O 79 22.16 -31.46 64.82
C ILE O 79 23.52 -30.86 64.52
N PRO O 80 23.75 -30.38 63.30
CA PRO O 80 25.03 -29.74 62.99
C PRO O 80 25.14 -28.41 63.72
N ASN O 81 26.39 -27.95 63.92
CA ASN O 81 26.66 -26.62 64.49
C ASN O 81 27.08 -25.69 63.35
N PHE O 82 26.17 -24.78 62.96
CA PHE O 82 26.39 -23.89 61.82
C PHE O 82 26.31 -22.42 62.21
N ASN O 83 26.38 -22.11 63.52
CA ASN O 83 26.16 -20.75 64.02
C ASN O 83 24.81 -20.23 63.53
N GLN O 84 23.77 -21.06 63.62
CA GLN O 84 22.43 -20.65 63.19
C GLN O 84 21.40 -20.86 64.29
N TYR O 85 20.18 -20.37 64.01
CA TYR O 85 19.20 -20.28 65.10
C TYR O 85 17.81 -20.05 64.51
N GLU O 86 16.82 -20.76 65.04
CA GLU O 86 15.43 -20.63 64.61
C GLU O 86 14.68 -19.68 65.55
N VAL O 87 13.99 -18.71 64.96
CA VAL O 87 13.16 -17.83 65.77
C VAL O 87 12.22 -18.67 66.59
N MET O 88 12.10 -18.35 67.88
CA MET O 88 11.34 -19.15 68.83
C MET O 88 10.74 -18.30 69.94
N SER O 89 9.52 -18.67 70.33
CA SER O 89 8.89 -18.22 71.57
C SER O 89 8.56 -19.41 72.45
N CYS O 90 8.59 -19.20 73.76
CA CYS O 90 8.21 -20.26 74.70
C CYS O 90 7.32 -19.67 75.79
N ASP O 91 6.62 -20.54 76.50
CA ASP O 91 5.73 -20.10 77.58
C ASP O 91 5.45 -21.29 78.48
N PHE O 92 5.01 -21.01 79.71
CA PHE O 92 4.75 -22.07 80.67
C PHE O 92 3.33 -21.93 81.20
N ASN O 93 2.71 -23.07 81.48
CA ASN O 93 1.39 -23.08 82.10
C ASN O 93 1.53 -24.11 83.22
N GLY O 94 1.80 -23.63 84.43
CA GLY O 94 1.94 -24.47 85.59
C GLY O 94 2.96 -25.57 85.38
N GLY O 95 4.11 -25.19 84.84
CA GLY O 95 5.18 -26.14 84.64
C GLY O 95 5.06 -27.01 83.40
N LYS O 96 4.08 -26.76 82.53
CA LYS O 96 4.00 -27.46 81.25
C LYS O 96 4.38 -26.49 80.15
N ILE O 97 5.48 -26.83 79.43
CA ILE O 97 6.09 -25.91 78.46
C ILE O 97 5.33 -25.94 77.15
N THR O 98 5.33 -24.80 76.45
CA THR O 98 4.87 -24.68 75.09
C THR O 98 5.93 -23.90 74.33
N VAL O 99 6.61 -24.54 73.37
CA VAL O 99 7.65 -23.88 72.59
C VAL O 99 7.22 -23.87 71.13
N GLN O 100 7.35 -22.72 70.49
CA GLN O 100 6.91 -22.51 69.11
C GLN O 100 8.05 -21.97 68.27
N TYR O 101 8.36 -22.64 67.16
CA TYR O 101 9.37 -22.16 66.21
C TYR O 101 8.68 -21.47 65.05
N ASN O 102 9.08 -20.24 64.78
CA ASN O 102 8.59 -19.52 63.60
C ASN O 102 9.57 -19.82 62.47
N LEU O 103 9.29 -20.87 61.71
CA LEU O 103 10.24 -21.44 60.76
C LEU O 103 10.56 -20.47 59.63
N SER O 104 11.80 -20.58 59.13
CA SER O 104 12.31 -19.81 57.99
C SER O 104 12.86 -20.82 56.96
N HIS O 105 11.95 -21.57 56.35
CA HIS O 105 12.30 -22.60 55.39
C HIS O 105 11.44 -22.53 54.13
N SER O 106 10.84 -21.39 53.85
CA SER O 106 9.95 -21.29 52.70
C SER O 106 10.71 -21.19 51.38
N SER O 107 11.99 -20.82 51.43
CA SER O 107 12.84 -20.74 50.25
C SER O 107 14.08 -21.59 50.45
N TYR O 108 14.87 -21.72 49.38
CA TYR O 108 16.09 -22.50 49.45
C TYR O 108 17.15 -21.82 50.31
N VAL O 109 17.34 -20.50 50.15
CA VAL O 109 18.36 -19.82 50.93
C VAL O 109 18.01 -19.84 52.42
N ASP O 110 16.72 -19.69 52.74
CA ASP O 110 16.34 -19.68 54.16
C ASP O 110 16.50 -21.06 54.79
N ALA O 111 16.15 -22.12 54.04
CA ALA O 111 16.36 -23.47 54.54
C ALA O 111 17.84 -23.73 54.86
N ALA O 112 18.74 -23.22 54.00
CA ALA O 112 20.15 -23.43 54.22
C ALA O 112 20.67 -22.64 55.42
N ASN O 113 20.11 -21.47 55.70
CA ASN O 113 20.58 -20.66 56.82
C ASN O 113 19.95 -21.07 58.15
N HIS O 114 19.03 -22.03 58.15
CA HIS O 114 18.43 -22.50 59.38
C HIS O 114 18.41 -24.03 59.43
N CYS O 115 19.53 -24.63 59.10
CA CYS O 115 19.64 -26.07 58.99
C CYS O 115 20.22 -26.70 60.25
N GLY O 116 21.16 -26.02 60.91
CA GLY O 116 21.71 -26.53 62.15
C GLY O 116 20.86 -26.17 63.36
N THR O 117 19.57 -26.45 63.29
CA THR O 117 18.65 -26.15 64.36
C THR O 117 17.82 -27.39 64.67
N ILE O 118 17.32 -27.45 65.91
CA ILE O 118 16.55 -28.62 66.35
C ILE O 118 15.31 -28.79 65.49
N ALA O 119 14.69 -27.66 65.09
CA ALA O 119 13.52 -27.72 64.22
C ALA O 119 13.81 -28.50 62.95
N ASN O 120 14.95 -28.23 62.31
CA ASN O 120 15.25 -28.91 61.05
C ASN O 120 15.46 -30.40 61.26
N GLY O 121 16.08 -30.77 62.38
CA GLY O 121 16.24 -32.19 62.66
C GLY O 121 14.91 -32.86 62.88
N ILE O 122 13.98 -32.16 63.55
CA ILE O 122 12.65 -32.70 63.75
C ILE O 122 11.99 -32.95 62.40
N MET O 123 12.00 -31.93 61.54
CA MET O 123 11.31 -32.04 60.26
C MET O 123 11.89 -33.13 59.38
N ASP O 124 13.20 -33.34 59.42
CA ASP O 124 13.75 -34.42 58.59
C ASP O 124 13.30 -35.77 59.12
N THR O 125 13.03 -35.88 60.42
CA THR O 125 12.46 -37.11 60.97
C THR O 125 11.03 -37.32 60.50
N PHE O 126 10.22 -36.25 60.51
CA PHE O 126 8.86 -36.35 59.98
C PHE O 126 8.90 -36.81 58.53
N ARG O 127 9.78 -36.19 57.74
CA ARG O 127 9.85 -36.51 56.32
C ARG O 127 10.23 -37.97 56.08
N ARG O 128 11.04 -38.56 56.95
CA ARG O 128 11.53 -39.91 56.69
C ARG O 128 10.66 -41.01 57.28
N MET O 129 9.92 -40.73 58.35
CA MET O 129 8.88 -41.64 58.82
C MET O 129 7.56 -41.48 58.06
N TYR O 130 7.52 -40.59 57.05
CA TYR O 130 6.30 -40.26 56.31
C TYR O 130 5.17 -39.83 57.23
N TRP O 131 5.47 -38.89 58.12
CA TRP O 131 4.44 -38.22 58.90
C TRP O 131 3.99 -36.93 58.23
N SER O 132 4.63 -36.56 57.12
CA SER O 132 4.23 -35.40 56.34
C SER O 132 4.75 -35.58 54.93
N ASN O 133 4.03 -35.00 53.97
CA ASN O 133 4.49 -34.94 52.59
C ASN O 133 4.85 -33.54 52.14
N ALA O 134 4.72 -32.54 53.01
CA ALA O 134 5.02 -31.17 52.62
C ALA O 134 6.41 -30.76 53.08
N LEU O 135 7.33 -31.71 53.14
CA LEU O 135 8.72 -31.48 53.54
C LEU O 135 9.62 -32.03 52.45
N SER O 136 10.47 -31.16 51.90
CA SER O 136 11.35 -31.63 50.85
C SER O 136 12.81 -31.38 51.23
N PRO O 137 13.72 -32.25 50.80
CA PRO O 137 15.14 -31.97 51.00
C PRO O 137 15.55 -30.78 50.15
N SER O 138 16.33 -29.90 50.74
CA SER O 138 16.81 -28.71 50.07
C SER O 138 18.29 -28.81 49.74
N GLU O 139 19.11 -29.14 50.74
CA GLU O 139 20.55 -29.28 50.57
C GLU O 139 21.05 -30.35 51.52
N TYR O 140 22.15 -31.01 51.14
CA TYR O 140 22.79 -32.04 51.97
C TYR O 140 24.16 -31.56 52.42
N ILE O 141 24.35 -31.45 53.73
CA ILE O 141 25.62 -31.02 54.33
C ILE O 141 25.90 -31.81 55.60
N SER O 142 27.16 -32.19 55.79
CA SER O 142 27.61 -32.79 57.05
C SER O 142 26.68 -33.92 57.46
N GLY O 143 26.28 -34.74 56.49
CA GLY O 143 25.37 -35.82 56.82
C GLY O 143 24.01 -35.38 57.28
N THR O 144 23.60 -34.16 56.96
CA THR O 144 22.33 -33.59 57.36
C THR O 144 21.56 -33.19 56.12
N THR O 145 20.25 -33.34 56.17
CA THR O 145 19.34 -32.82 55.17
C THR O 145 18.73 -31.53 55.68
N CYS O 146 18.89 -30.46 54.92
CA CYS O 146 18.22 -29.21 55.21
C CYS O 146 16.82 -29.27 54.62
N ILE O 147 15.80 -29.02 55.45
CA ILE O 147 14.40 -29.21 55.07
C ILE O 147 13.81 -27.86 54.65
N GLN O 148 13.09 -27.85 53.52
CA GLN O 148 12.32 -26.71 53.08
C GLN O 148 10.84 -27.06 53.10
N THR O 149 10.00 -26.10 53.49
CA THR O 149 8.56 -26.32 53.58
C THR O 149 7.87 -24.97 53.67
N ALA O 150 6.58 -24.97 53.34
CA ALA O 150 5.78 -23.77 53.47
C ALA O 150 5.18 -23.59 54.86
N TYR O 151 5.15 -24.63 55.69
CA TYR O 151 4.65 -24.51 57.06
C TYR O 151 5.34 -23.35 57.77
N GLN O 152 4.55 -22.56 58.51
CA GLN O 152 5.12 -21.40 59.18
C GLN O 152 5.51 -21.66 60.63
N TYR O 153 4.92 -22.67 61.28
CA TYR O 153 5.20 -22.94 62.68
C TYR O 153 5.46 -24.41 62.95
N LEU O 154 6.30 -24.66 63.94
CA LEU O 154 6.42 -25.98 64.53
C LEU O 154 6.19 -25.75 66.00
N ILE O 155 5.23 -26.48 66.58
CA ILE O 155 4.79 -26.25 67.94
C ILE O 155 5.07 -27.50 68.75
N ILE O 156 5.66 -27.33 69.94
CA ILE O 156 5.90 -28.42 70.87
C ILE O 156 5.23 -28.07 72.19
N GLN O 157 4.47 -29.00 72.73
CA GLN O 157 3.81 -28.80 74.02
C GLN O 157 3.89 -30.01 74.93
N ASN O 158 4.18 -29.75 76.20
CA ASN O 158 4.08 -30.80 77.23
C ASN O 158 2.60 -31.08 77.46
N THR O 159 2.17 -32.29 77.08
CA THR O 159 0.76 -32.64 77.14
C THR O 159 0.62 -34.07 77.61
N THR O 160 -0.63 -34.49 77.69
CA THR O 160 -0.99 -35.84 78.05
C THR O 160 -1.49 -36.56 76.80
N TRP O 161 -1.52 -37.88 76.86
CA TRP O 161 -1.90 -38.65 75.68
C TRP O 161 -3.35 -38.41 75.31
N GLU O 162 -4.22 -38.22 76.31
CA GLU O 162 -5.63 -38.01 76.03
C GLU O 162 -5.92 -36.65 75.43
N ASP O 163 -5.05 -35.66 75.63
CA ASP O 163 -5.30 -34.32 75.13
C ASP O 163 -4.36 -33.93 74.00
N HIS O 164 -3.52 -34.85 73.51
CA HIS O 164 -2.47 -34.46 72.57
C HIS O 164 -3.03 -33.92 71.26
N CYS O 165 -4.29 -34.25 70.93
CA CYS O 165 -4.94 -33.78 69.72
C CYS O 165 -5.53 -32.40 69.87
N VAL O 166 -5.46 -31.81 71.05
CA VAL O 166 -5.99 -30.47 71.25
C VAL O 166 -4.89 -29.62 71.86
N PHE O 167 -4.63 -28.47 71.27
CA PHE O 167 -3.61 -27.58 71.81
C PHE O 167 -4.00 -27.10 73.20
N SER O 168 -3.11 -27.28 74.16
CA SER O 168 -3.27 -26.72 75.49
C SER O 168 -3.05 -25.21 75.45
N ARG O 169 -3.57 -24.52 76.45
CA ARG O 169 -3.25 -23.10 76.58
C ARG O 169 -1.78 -22.89 76.93
N PRO O 170 -1.05 -22.09 76.16
CA PRO O 170 0.37 -21.88 76.49
C PRO O 170 0.57 -21.31 77.87
N SER O 171 -0.22 -20.31 78.23
CA SER O 171 -0.11 -19.66 79.52
C SER O 171 -1.47 -19.64 80.20
N THR P 16 2.27 -39.47 -32.07
CA THR P 16 1.92 -39.20 -30.68
C THR P 16 1.42 -37.77 -30.60
N MET P 17 0.25 -37.59 -29.96
CA MET P 17 -0.40 -36.30 -29.84
C MET P 17 -0.57 -35.91 -28.37
N PRO P 18 -0.52 -34.61 -28.07
CA PRO P 18 -0.71 -34.17 -26.67
C PRO P 18 -2.04 -34.62 -26.08
N LEU P 19 -2.11 -34.56 -24.75
CA LEU P 19 -3.32 -34.96 -24.04
C LEU P 19 -4.34 -33.85 -24.06
N SER P 20 -5.61 -34.26 -24.07
CA SER P 20 -6.70 -33.32 -23.84
C SER P 20 -7.02 -33.24 -22.34
N CYS P 21 -7.07 -34.40 -21.67
CA CYS P 21 -7.29 -34.46 -20.23
C CYS P 21 -5.96 -34.20 -19.53
N SER P 22 -5.66 -32.92 -19.32
CA SER P 22 -4.44 -32.51 -18.65
C SER P 22 -4.78 -31.51 -17.55
N LYS P 23 -3.83 -31.32 -16.65
CA LYS P 23 -4.03 -30.37 -15.56
C LYS P 23 -3.96 -28.93 -16.04
N ASN P 24 -3.30 -28.68 -17.17
CA ASN P 24 -3.23 -27.33 -17.71
C ASN P 24 -4.42 -27.00 -18.59
N ASN P 25 -5.39 -27.89 -18.70
CA ASN P 25 -6.55 -27.69 -19.55
C ASN P 25 -7.83 -27.92 -18.76
N SER P 26 -8.93 -27.43 -19.31
CA SER P 26 -10.28 -27.78 -18.87
C SER P 26 -10.95 -28.54 -20.00
N HIS P 27 -11.72 -29.57 -19.65
CA HIS P 27 -12.27 -30.44 -20.68
C HIS P 27 -13.58 -31.08 -20.22
N HIS P 28 -14.41 -31.41 -21.20
CA HIS P 28 -15.65 -32.15 -20.97
C HIS P 28 -15.98 -32.91 -22.25
N TYR P 29 -16.65 -34.04 -22.09
CA TYR P 29 -16.97 -34.91 -23.21
C TYR P 29 -18.49 -35.07 -23.29
N ILE P 30 -19.06 -34.77 -24.46
CA ILE P 30 -20.49 -34.88 -24.73
C ILE P 30 -20.74 -36.10 -25.59
N GLN P 31 -21.58 -37.01 -25.11
CA GLN P 31 -21.96 -38.20 -25.86
C GLN P 31 -23.18 -37.89 -26.73
N VAL P 32 -23.00 -37.96 -28.05
CA VAL P 32 -24.10 -37.69 -28.99
C VAL P 32 -24.81 -38.98 -29.41
N ARG P 33 -24.06 -40.05 -29.64
CA ARG P 33 -24.61 -41.34 -30.03
C ARG P 33 -23.96 -42.39 -29.14
N ASN P 34 -24.34 -43.65 -29.35
CA ASN P 34 -23.91 -44.70 -28.42
C ASN P 34 -22.39 -44.83 -28.39
N ASP P 35 -21.71 -44.60 -29.51
CA ASP P 35 -20.28 -44.88 -29.59
C ASP P 35 -19.43 -43.62 -29.71
N THR P 36 -19.90 -42.57 -30.39
CA THR P 36 -19.10 -41.39 -30.67
C THR P 36 -19.66 -40.17 -29.94
N GLY P 37 -18.82 -39.16 -29.79
CA GLY P 37 -19.17 -37.93 -29.11
C GLY P 37 -18.19 -36.81 -29.46
N LEU P 38 -18.28 -35.72 -28.71
CA LEU P 38 -17.37 -34.59 -28.88
C LEU P 38 -16.63 -34.28 -27.60
N GLU P 39 -15.34 -33.97 -27.74
CA GLU P 39 -14.47 -33.60 -26.63
C GLU P 39 -14.14 -32.11 -26.75
N LEU P 40 -14.70 -31.31 -25.83
CA LEU P 40 -14.40 -29.88 -25.77
C LEU P 40 -13.25 -29.63 -24.80
N THR P 41 -12.25 -28.86 -25.27
CA THR P 41 -11.03 -28.66 -24.50
C THR P 41 -10.61 -27.20 -24.56
N LEU P 42 -10.52 -26.56 -23.40
CA LEU P 42 -9.92 -25.23 -23.31
C LEU P 42 -8.43 -25.42 -23.07
N THR P 43 -7.61 -24.75 -23.87
CA THR P 43 -6.17 -25.01 -23.84
C THR P 43 -5.41 -23.84 -24.43
N ASN P 44 -4.09 -23.88 -24.23
CA ASN P 44 -3.17 -22.95 -24.89
C ASN P 44 -2.32 -23.62 -25.96
N THR P 45 -2.54 -24.91 -26.21
CA THR P 45 -1.90 -25.62 -27.31
C THR P 45 -2.83 -25.66 -28.50
N SER P 46 -2.32 -25.33 -29.69
CA SER P 46 -3.10 -25.34 -30.91
C SER P 46 -2.75 -26.56 -31.75
N LEU P 47 -3.76 -27.12 -32.42
CA LEU P 47 -3.60 -28.28 -33.28
C LEU P 47 -3.72 -27.96 -34.76
N LEU P 48 -4.22 -26.79 -35.12
CA LEU P 48 -4.43 -26.41 -36.51
C LEU P 48 -3.51 -25.26 -36.86
N ASP P 49 -2.60 -25.52 -37.80
CA ASP P 49 -1.65 -24.50 -38.24
C ASP P 49 -2.24 -23.52 -39.24
N HIS P 50 -3.04 -23.97 -40.17
CA HIS P 50 -3.58 -23.07 -41.16
C HIS P 50 -4.67 -22.15 -40.59
N LYS P 51 -5.00 -21.11 -41.37
CA LYS P 51 -6.15 -20.24 -41.11
C LYS P 51 -7.46 -20.96 -41.30
N PHE P 52 -7.52 -21.83 -42.28
CA PHE P 52 -8.72 -21.99 -43.09
C PHE P 52 -9.82 -22.78 -42.38
N CYS P 53 -11.02 -22.66 -42.92
CA CYS P 53 -12.13 -23.50 -42.57
C CYS P 53 -12.91 -23.70 -43.86
N ASN P 54 -12.31 -24.47 -44.77
CA ASN P 54 -12.91 -24.70 -46.08
C ASN P 54 -14.14 -25.57 -45.94
N LEU P 55 -15.32 -24.99 -46.09
CA LEU P 55 -16.57 -25.74 -46.10
C LEU P 55 -17.30 -25.58 -47.43
N SER P 56 -16.54 -25.66 -48.54
CA SER P 56 -17.17 -25.58 -49.85
C SER P 56 -17.92 -26.86 -50.19
N ASP P 57 -17.51 -27.98 -49.61
CA ASP P 57 -18.17 -29.25 -49.84
C ASP P 57 -19.40 -29.31 -48.95
N ALA P 58 -20.55 -29.64 -49.54
CA ALA P 58 -21.80 -29.66 -48.77
C ALA P 58 -21.72 -30.65 -47.62
N HIS P 59 -21.03 -31.77 -47.83
CA HIS P 59 -20.98 -32.81 -46.81
C HIS P 59 -20.16 -32.37 -45.61
N LYS P 60 -19.03 -31.69 -45.82
CA LYS P 60 -18.25 -31.20 -44.70
C LYS P 60 -18.94 -30.06 -43.97
N ARG P 61 -19.64 -29.21 -44.71
CA ARG P 61 -20.32 -28.11 -44.05
C ARG P 61 -21.42 -28.61 -43.13
N ASN P 62 -22.04 -29.73 -43.48
CA ASN P 62 -23.15 -30.19 -42.67
C ASN P 62 -22.67 -30.92 -41.41
N LEU P 63 -21.55 -31.65 -41.49
CA LEU P 63 -21.02 -32.28 -40.28
C LEU P 63 -20.52 -31.24 -39.29
N TYR P 64 -20.05 -30.11 -39.81
CA TYR P 64 -19.66 -29.01 -38.94
C TYR P 64 -20.86 -28.34 -38.32
N ASP P 65 -21.94 -28.17 -39.09
CA ASP P 65 -23.18 -27.66 -38.51
C ASP P 65 -23.76 -28.65 -37.52
N LYS P 66 -23.56 -29.96 -37.77
CA LYS P 66 -24.11 -31.00 -36.90
C LYS P 66 -23.37 -31.08 -35.58
N ALA P 67 -22.05 -30.92 -35.63
CA ALA P 67 -21.26 -30.91 -34.41
C ALA P 67 -21.67 -29.76 -33.49
N LEU P 68 -21.84 -28.56 -34.04
CA LEU P 68 -22.17 -27.42 -33.18
C LEU P 68 -23.60 -27.47 -32.70
N MET P 69 -24.50 -28.05 -33.49
CA MET P 69 -25.88 -28.15 -33.03
C MET P 69 -25.98 -29.08 -31.83
N SER P 70 -25.21 -30.17 -31.83
CA SER P 70 -25.23 -31.08 -30.68
C SER P 70 -24.74 -30.40 -29.41
N ILE P 71 -23.77 -29.48 -29.53
CA ILE P 71 -23.31 -28.73 -28.38
C ILE P 71 -24.36 -27.73 -27.93
N VAL P 72 -24.97 -27.01 -28.88
CA VAL P 72 -25.96 -25.99 -28.53
C VAL P 72 -27.14 -26.65 -27.84
N THR P 73 -27.56 -27.82 -28.33
CA THR P 73 -28.70 -28.54 -27.76
C THR P 73 -28.38 -29.09 -26.38
N THR P 74 -27.21 -29.71 -26.22
CA THR P 74 -26.89 -30.34 -24.94
C THR P 74 -26.77 -29.31 -23.83
N PHE P 75 -26.08 -28.20 -24.09
CA PHE P 75 -25.88 -27.17 -23.08
C PHE P 75 -27.01 -26.14 -23.07
N HIS P 76 -28.07 -26.35 -23.86
CA HIS P 76 -29.22 -25.44 -23.98
C HIS P 76 -28.77 -23.98 -24.15
N LEU P 77 -27.89 -23.76 -25.11
CA LEU P 77 -27.35 -22.43 -25.39
C LEU P 77 -28.33 -21.57 -26.17
N ASN P 78 -28.32 -20.28 -25.84
CA ASN P 78 -29.09 -19.26 -26.53
C ASN P 78 -28.04 -18.20 -26.87
N ILE P 79 -27.43 -18.30 -28.05
CA ILE P 79 -26.34 -17.37 -28.34
C ILE P 79 -26.96 -16.10 -28.90
N PRO P 80 -26.67 -14.94 -28.32
CA PRO P 80 -27.23 -13.69 -28.84
C PRO P 80 -26.53 -13.25 -30.12
N ASN P 81 -27.20 -12.39 -30.88
CA ASN P 81 -26.65 -11.83 -32.10
C ASN P 81 -26.23 -10.38 -31.88
N PHE P 82 -24.92 -10.18 -31.88
CA PHE P 82 -24.28 -8.88 -31.69
C PHE P 82 -23.45 -8.51 -32.91
N ASN P 83 -23.60 -9.24 -34.00
CA ASN P 83 -22.74 -9.10 -35.17
C ASN P 83 -21.27 -9.25 -34.76
N GLN P 84 -20.98 -10.29 -33.99
CA GLN P 84 -19.61 -10.60 -33.57
C GLN P 84 -19.24 -12.01 -33.96
N TYR P 85 -17.97 -12.34 -33.74
CA TYR P 85 -17.47 -13.54 -34.39
C TYR P 85 -16.12 -13.96 -33.82
N GLU P 86 -15.95 -15.27 -33.60
CA GLU P 86 -14.72 -15.83 -33.08
C GLU P 86 -13.85 -16.39 -34.20
N VAL P 87 -12.57 -16.01 -34.22
CA VAL P 87 -11.63 -16.60 -35.15
C VAL P 87 -11.66 -18.11 -34.99
N MET P 88 -11.70 -18.83 -36.11
CA MET P 88 -11.82 -20.28 -36.07
C MET P 88 -11.14 -20.90 -37.28
N SER P 89 -10.50 -22.04 -37.03
CA SER P 89 -10.07 -22.98 -38.05
C SER P 89 -10.78 -24.31 -37.84
N CYS P 90 -11.00 -25.03 -38.93
CA CYS P 90 -11.57 -26.36 -38.86
C CYS P 90 -10.77 -27.27 -39.79
N ASP P 91 -10.97 -28.57 -39.60
CA ASP P 91 -10.34 -29.55 -40.47
C ASP P 91 -11.03 -30.89 -40.26
N PHE P 92 -10.87 -31.78 -41.23
CA PHE P 92 -11.50 -33.08 -41.19
C PHE P 92 -10.46 -34.18 -41.38
N ASN P 93 -10.71 -35.30 -40.71
CA ASN P 93 -9.88 -36.49 -40.84
C ASN P 93 -10.84 -37.65 -41.05
N GLY P 94 -11.04 -38.04 -42.30
CA GLY P 94 -11.96 -39.11 -42.64
C GLY P 94 -13.36 -38.86 -42.13
N GLY P 95 -13.88 -37.64 -42.35
CA GLY P 95 -15.22 -37.31 -41.94
C GLY P 95 -15.42 -36.93 -40.49
N LYS P 96 -14.36 -36.82 -39.69
CA LYS P 96 -14.49 -36.39 -38.30
C LYS P 96 -13.92 -34.98 -38.16
N ILE P 97 -14.76 -34.05 -37.73
CA ILE P 97 -14.40 -32.64 -37.65
C ILE P 97 -13.54 -32.40 -36.42
N THR P 98 -12.62 -31.45 -36.56
CA THR P 98 -11.92 -30.87 -35.41
C THR P 98 -11.88 -29.36 -35.65
N VAL P 99 -12.51 -28.61 -34.75
CA VAL P 99 -12.66 -27.16 -34.88
C VAL P 99 -11.86 -26.48 -33.77
N GLN P 100 -11.17 -25.40 -34.12
CA GLN P 100 -10.36 -24.65 -33.17
C GLN P 100 -10.74 -23.18 -33.17
N TYR P 101 -11.09 -22.66 -32.00
CA TYR P 101 -11.34 -21.23 -31.82
C TYR P 101 -10.09 -20.61 -31.20
N ASN P 102 -9.54 -19.61 -31.84
CA ASN P 102 -8.45 -18.83 -31.26
C ASN P 102 -9.06 -17.67 -30.50
N LEU P 103 -9.25 -17.88 -29.20
CA LEU P 103 -10.10 -16.99 -28.40
C LEU P 103 -9.54 -15.59 -28.25
N SER P 104 -10.44 -14.63 -28.13
CA SER P 104 -10.12 -13.23 -27.91
C SER P 104 -10.88 -12.80 -26.66
N HIS P 105 -10.37 -13.19 -25.48
CA HIS P 105 -11.04 -12.81 -24.24
C HIS P 105 -10.07 -12.39 -23.15
N SER P 106 -8.84 -11.99 -23.50
CA SER P 106 -7.83 -11.66 -22.50
C SER P 106 -8.03 -10.31 -21.82
N SER P 107 -8.81 -9.41 -22.41
CA SER P 107 -9.04 -8.12 -21.79
C SER P 107 -10.54 -7.94 -21.59
N TYR P 108 -10.91 -6.88 -20.85
CA TYR P 108 -12.32 -6.56 -20.71
C TYR P 108 -12.86 -5.92 -21.99
N VAL P 109 -12.07 -5.02 -22.60
CA VAL P 109 -12.49 -4.41 -23.85
C VAL P 109 -12.65 -5.47 -24.93
N ASP P 110 -11.72 -6.40 -24.98
CA ASP P 110 -11.74 -7.45 -25.99
C ASP P 110 -12.78 -8.54 -25.66
N ALA P 111 -12.93 -8.90 -24.38
CA ALA P 111 -13.94 -9.89 -23.98
C ALA P 111 -15.34 -9.45 -24.36
N ALA P 112 -15.62 -8.15 -24.28
CA ALA P 112 -16.97 -7.67 -24.58
C ALA P 112 -17.31 -7.80 -26.05
N ASN P 113 -16.30 -7.72 -26.93
CA ASN P 113 -16.54 -7.72 -28.37
C ASN P 113 -16.66 -9.10 -28.99
N HIS P 114 -16.52 -10.17 -28.20
CA HIS P 114 -16.65 -11.53 -28.72
C HIS P 114 -17.58 -12.34 -27.83
N CYS P 115 -18.73 -11.75 -27.53
CA CYS P 115 -19.68 -12.33 -26.59
C CYS P 115 -20.83 -13.05 -27.28
N GLY P 116 -21.28 -12.54 -28.43
CA GLY P 116 -22.35 -13.20 -29.17
C GLY P 116 -21.82 -14.31 -30.05
N THR P 117 -21.00 -15.18 -29.47
CA THR P 117 -20.41 -16.30 -30.18
C THR P 117 -20.64 -17.58 -29.39
N ILE P 118 -20.70 -18.69 -30.12
CA ILE P 118 -20.97 -19.98 -29.47
C ILE P 118 -19.83 -20.36 -28.55
N ALA P 119 -18.59 -19.99 -28.90
CA ALA P 119 -17.47 -20.23 -28.00
C ALA P 119 -17.73 -19.62 -26.63
N ASN P 120 -18.21 -18.37 -26.59
CA ASN P 120 -18.45 -17.73 -25.31
C ASN P 120 -19.56 -18.43 -24.54
N GLY P 121 -20.59 -18.91 -25.25
CA GLY P 121 -21.64 -19.65 -24.59
C GLY P 121 -21.15 -20.94 -23.98
N ILE P 122 -20.23 -21.62 -24.69
CA ILE P 122 -19.65 -22.86 -24.17
C ILE P 122 -18.89 -22.59 -22.87
N MET P 123 -18.00 -21.59 -22.89
CA MET P 123 -17.15 -21.33 -21.73
C MET P 123 -17.95 -20.91 -20.51
N ASP P 124 -19.04 -20.17 -20.71
CA ASP P 124 -19.83 -19.79 -19.54
C ASP P 124 -20.50 -21.00 -18.91
N THR P 125 -20.74 -22.04 -19.71
CA THR P 125 -21.23 -23.30 -19.14
C THR P 125 -20.15 -23.98 -18.30
N PHE P 126 -18.89 -23.93 -18.76
CA PHE P 126 -17.80 -24.45 -17.94
C PHE P 126 -17.74 -23.74 -16.59
N ARG P 127 -17.82 -22.40 -16.61
CA ARG P 127 -17.74 -21.64 -15.37
C ARG P 127 -18.91 -21.98 -14.44
N ARG P 128 -20.09 -22.23 -15.00
CA ARG P 128 -21.27 -22.52 -14.18
C ARG P 128 -21.30 -23.98 -13.70
N MET P 129 -20.70 -24.89 -14.45
CA MET P 129 -20.58 -26.28 -14.04
C MET P 129 -19.30 -26.58 -13.27
N TYR P 130 -18.48 -25.57 -12.98
CA TYR P 130 -17.17 -25.76 -12.33
C TYR P 130 -16.35 -26.82 -13.04
N TRP P 131 -16.24 -26.68 -14.36
CA TRP P 131 -15.29 -27.44 -15.15
C TRP P 131 -14.01 -26.65 -15.38
N SER P 132 -13.94 -25.43 -14.87
CA SER P 132 -12.76 -24.58 -14.99
C SER P 132 -12.77 -23.55 -13.88
N ASN P 133 -11.58 -23.09 -13.50
CA ASN P 133 -11.42 -22.00 -12.55
C ASN P 133 -10.89 -20.72 -13.18
N ALA P 134 -10.55 -20.75 -14.48
CA ALA P 134 -9.95 -19.60 -15.17
C ALA P 134 -10.97 -18.85 -16.03
N LEU P 135 -12.23 -18.83 -15.63
CA LEU P 135 -13.28 -18.15 -16.38
C LEU P 135 -14.02 -17.21 -15.45
N SER P 136 -14.00 -15.92 -15.78
CA SER P 136 -14.67 -14.92 -14.97
C SER P 136 -15.66 -14.14 -15.82
N PRO P 137 -16.78 -13.73 -15.24
CA PRO P 137 -17.67 -12.80 -15.96
C PRO P 137 -16.99 -11.45 -16.16
N SER P 138 -17.17 -10.88 -17.35
CA SER P 138 -16.59 -9.58 -17.72
C SER P 138 -17.66 -8.52 -17.65
N GLU P 139 -18.79 -8.75 -18.34
CA GLU P 139 -19.98 -7.93 -18.22
C GLU P 139 -21.16 -8.84 -18.53
N TYR P 140 -22.35 -8.25 -18.61
CA TYR P 140 -23.56 -9.05 -18.73
C TYR P 140 -24.56 -8.31 -19.61
N ILE P 141 -24.96 -8.95 -20.71
CA ILE P 141 -25.91 -8.33 -21.63
C ILE P 141 -26.93 -9.37 -22.08
N SER P 142 -28.20 -8.98 -22.12
CA SER P 142 -29.25 -9.82 -22.69
C SER P 142 -29.28 -11.24 -22.10
N GLY P 143 -29.17 -11.33 -20.78
CA GLY P 143 -29.19 -12.63 -20.13
C GLY P 143 -28.02 -13.52 -20.43
N THR P 144 -26.91 -12.96 -20.93
CA THR P 144 -25.72 -13.73 -21.24
C THR P 144 -24.54 -13.11 -20.51
N THR P 145 -23.64 -13.97 -20.04
CA THR P 145 -22.40 -13.54 -19.42
C THR P 145 -21.28 -13.62 -20.45
N CYS P 146 -20.65 -12.48 -20.69
CA CYS P 146 -19.47 -12.40 -21.54
C CYS P 146 -18.27 -12.81 -20.70
N ILE P 147 -17.51 -13.78 -21.18
CA ILE P 147 -16.51 -14.43 -20.33
C ILE P 147 -15.14 -13.81 -20.57
N GLN P 148 -14.40 -13.60 -19.48
CA GLN P 148 -13.02 -13.15 -19.53
C GLN P 148 -12.14 -14.33 -19.14
N THR P 149 -11.03 -14.51 -19.86
CA THR P 149 -10.13 -15.62 -19.58
C THR P 149 -8.79 -15.43 -20.27
N ALA P 150 -7.77 -16.11 -19.76
CA ALA P 150 -6.44 -16.13 -20.36
C ALA P 150 -6.25 -17.23 -21.39
N TYR P 151 -7.08 -18.28 -21.35
CA TYR P 151 -7.01 -19.35 -22.33
C TYR P 151 -7.03 -18.80 -23.74
N GLN P 152 -6.18 -19.39 -24.59
CA GLN P 152 -6.03 -18.95 -25.96
C GLN P 152 -6.88 -19.74 -26.95
N TYR P 153 -7.18 -21.00 -26.64
CA TYR P 153 -7.89 -21.84 -27.60
C TYR P 153 -8.96 -22.66 -26.91
N LEU P 154 -10.02 -22.93 -27.68
CA LEU P 154 -11.01 -23.95 -27.38
C LEU P 154 -11.11 -24.88 -28.58
N ILE P 155 -10.88 -26.17 -28.36
CA ILE P 155 -10.83 -27.15 -29.45
C ILE P 155 -11.97 -28.13 -29.28
N ILE P 156 -12.69 -28.41 -30.37
CA ILE P 156 -13.75 -29.40 -30.39
C ILE P 156 -13.41 -30.45 -31.45
N GLN P 157 -13.41 -31.74 -31.08
CA GLN P 157 -13.20 -32.78 -32.07
C GLN P 157 -14.12 -33.97 -31.85
N ASN P 158 -14.61 -34.51 -32.96
CA ASN P 158 -15.39 -35.74 -32.99
C ASN P 158 -14.48 -36.89 -32.56
N THR P 159 -14.76 -37.53 -31.41
CA THR P 159 -13.91 -38.62 -30.91
C THR P 159 -14.81 -39.65 -30.24
N THR P 160 -14.18 -40.70 -29.71
CA THR P 160 -14.88 -41.72 -28.93
C THR P 160 -14.53 -41.57 -27.46
N TRP P 161 -15.34 -42.23 -26.61
CA TRP P 161 -15.15 -42.10 -25.16
C TRP P 161 -13.80 -42.66 -24.70
N GLU P 162 -13.33 -43.75 -25.33
CA GLU P 162 -12.05 -44.33 -24.91
C GLU P 162 -10.85 -43.48 -25.31
N ASP P 163 -10.98 -42.62 -26.33
CA ASP P 163 -9.84 -41.83 -26.80
C ASP P 163 -9.98 -40.34 -26.51
N HIS P 164 -11.04 -39.92 -25.80
CA HIS P 164 -11.31 -38.49 -25.66
C HIS P 164 -10.23 -37.76 -24.91
N CYS P 165 -9.42 -38.45 -24.11
CA CYS P 165 -8.38 -37.80 -23.31
C CYS P 165 -7.10 -37.56 -24.08
N VAL P 166 -7.05 -37.94 -25.36
CA VAL P 166 -5.90 -37.67 -26.21
C VAL P 166 -6.42 -36.96 -27.45
N PHE P 167 -5.77 -35.86 -27.82
CA PHE P 167 -6.18 -35.15 -29.02
C PHE P 167 -6.00 -36.05 -30.23
N SER P 168 -7.08 -36.24 -30.99
CA SER P 168 -6.99 -36.94 -32.27
C SER P 168 -6.32 -36.07 -33.31
N ARG P 169 -5.64 -36.72 -34.25
CA ARG P 169 -4.90 -35.98 -35.26
C ARG P 169 -5.87 -35.23 -36.17
N PRO P 170 -5.62 -33.94 -36.48
CA PRO P 170 -6.64 -33.15 -37.19
C PRO P 170 -6.88 -33.56 -38.64
N SER P 171 -5.82 -33.78 -39.41
CA SER P 171 -6.02 -34.17 -40.79
C SER P 171 -5.22 -35.42 -41.13
#